data_9B8G
#
_entry.id   9B8G
#
_cell.length_a   67.667
_cell.length_b   125.329
_cell.length_c   96.928
_cell.angle_alpha   90.000
_cell.angle_beta   93.947
_cell.angle_gamma   90.000
#
_symmetry.space_group_name_H-M   'P 1 21 1'
#
loop_
_entity.id
_entity.type
_entity.pdbx_description
1 polymer '2C9 Fab heavy chain'
2 polymer '2C9 Fab light chain'
3 non-polymer 'CHLORIDE ION'
4 non-polymer 'SULFATE ION'
5 water water
#
loop_
_entity_poly.entity_id
_entity_poly.type
_entity_poly.pdbx_seq_one_letter_code
_entity_poly.pdbx_strand_id
1 'polypeptide(L)'
;GVHSEVKLVESGGGLVKPGGSLKLSCAASGFTFTNYAMSWVRQTPEKRLEWVASISSGHTPYYPDSVKGRFTISRDNARN
ILFLQMSSLRSEDTAMYYCARGDYYGSVYSAMDYWGQGTSLTVSSASTKGPSVFPLAPSSKSTSGGTAALGCLVKDYFPE
PVTVSWNSGALTSGVHTFPAVLQSSGLYSLSSVVTVPSSSLGTQTYICNVNHKPSNTKVDKKVEPKSCDK
;
A,C,H
2 'polypeptide(L)'
;GVHSEIRMTQSPSSMYASLGERVTVTCKASQDINSYLSWLQQKPGKSPKTLIYRANRLFDGVPSRFSGSGSGQDYSLTIS
SLEYEDMGIFYCLQYDEFPFTFGSGTKLELKRTVAAPSVFIFPPSDEQLKSGTASVVCLLNNFYPREAKVQWKVDNALQS
GNSQESVTEQDSKDSTYSLSSTLTLSKADYEKHKVYACEVTHQGLSSPVTKSFNRGEC
;
B,D,L
#
# COMPACT_ATOMS: atom_id res chain seq x y z
N GLU A 5 -46.19 -31.30 -20.62
CA GLU A 5 -44.80 -30.88 -20.46
C GLU A 5 -44.54 -30.33 -19.06
N VAL A 6 -43.68 -31.03 -18.32
CA VAL A 6 -43.34 -30.58 -16.97
C VAL A 6 -42.44 -29.35 -17.09
N LYS A 7 -42.80 -28.30 -16.35
CA LYS A 7 -42.02 -27.07 -16.31
C LYS A 7 -41.90 -26.63 -14.85
N LEU A 8 -40.67 -26.50 -14.38
CA LEU A 8 -40.36 -25.96 -13.06
C LEU A 8 -39.58 -24.67 -13.29
N VAL A 9 -40.12 -23.56 -12.80
CA VAL A 9 -39.56 -22.24 -13.10
C VAL A 9 -39.24 -21.52 -11.79
N GLU A 10 -37.95 -21.29 -11.54
CA GLU A 10 -37.54 -20.65 -10.29
C GLU A 10 -37.41 -19.14 -10.45
N SER A 11 -37.52 -18.46 -9.31
CA SER A 11 -37.39 -17.01 -9.27
C SER A 11 -37.04 -16.59 -7.85
N GLY A 12 -36.45 -15.41 -7.74
CA GLY A 12 -36.23 -14.80 -6.45
C GLY A 12 -34.82 -14.72 -5.95
N GLY A 13 -33.84 -15.11 -6.75
CA GLY A 13 -32.46 -15.04 -6.33
C GLY A 13 -31.96 -13.61 -6.36
N GLY A 14 -30.64 -13.47 -6.18
CA GLY A 14 -29.97 -12.19 -6.22
C GLY A 14 -28.90 -12.11 -5.16
N LEU A 15 -28.51 -10.88 -4.85
CA LEU A 15 -27.42 -10.59 -3.92
C LEU A 15 -27.97 -10.28 -2.54
N VAL A 16 -27.35 -10.86 -1.53
CA VAL A 16 -27.80 -10.71 -0.15
C VAL A 16 -26.59 -10.55 0.75
N LYS A 17 -26.69 -9.67 1.74
CA LYS A 17 -25.63 -9.51 2.72
C LYS A 17 -25.66 -10.64 3.73
N PRO A 18 -24.50 -10.98 4.31
CA PRO A 18 -24.48 -12.10 5.28
C PRO A 18 -25.42 -11.83 6.44
N GLY A 19 -26.04 -12.91 6.93
CA GLY A 19 -27.02 -12.83 7.98
C GLY A 19 -28.41 -12.46 7.51
N GLY A 20 -28.56 -12.12 6.23
CA GLY A 20 -29.85 -11.75 5.70
C GLY A 20 -30.75 -12.95 5.41
N SER A 21 -31.88 -12.64 4.77
CA SER A 21 -32.91 -13.63 4.49
C SER A 21 -33.48 -13.41 3.11
N LEU A 22 -33.88 -14.50 2.47
CA LEU A 22 -34.49 -14.42 1.15
C LEU A 22 -35.31 -15.67 0.88
N LYS A 23 -36.33 -15.48 0.04
CA LYS A 23 -37.26 -16.53 -0.37
C LYS A 23 -37.07 -16.87 -1.84
N LEU A 24 -36.99 -18.16 -2.12
CA LEU A 24 -36.99 -18.68 -3.48
C LEU A 24 -38.35 -19.26 -3.82
N SER A 25 -38.73 -19.16 -5.09
CA SER A 25 -40.00 -19.67 -5.57
C SER A 25 -39.76 -20.56 -6.77
N CYS A 26 -40.62 -21.57 -6.91
CA CYS A 26 -40.56 -22.52 -8.02
C CYS A 26 -41.99 -22.76 -8.50
N ALA A 27 -42.32 -22.24 -9.66
CA ALA A 27 -43.67 -22.33 -10.21
C ALA A 27 -43.79 -23.64 -10.98
N ALA A 28 -44.62 -24.55 -10.48
CA ALA A 28 -44.79 -25.87 -11.09
C ALA A 28 -45.90 -25.84 -12.14
N SER A 29 -45.72 -26.64 -13.18
CA SER A 29 -46.69 -26.76 -14.25
C SER A 29 -46.51 -28.11 -14.95
N GLY A 30 -47.60 -28.59 -15.55
CA GLY A 30 -47.57 -29.80 -16.32
C GLY A 30 -47.75 -31.09 -15.55
N PHE A 31 -48.17 -31.02 -14.29
CA PHE A 31 -48.40 -32.22 -13.49
C PHE A 31 -49.18 -31.85 -12.24
N THR A 32 -49.83 -32.86 -11.66
CA THR A 32 -50.60 -32.65 -10.44
C THR A 32 -49.64 -32.43 -9.27
N PHE A 33 -49.25 -31.16 -9.09
CA PHE A 33 -48.20 -30.78 -8.15
C PHE A 33 -48.40 -31.41 -6.78
N THR A 34 -49.64 -31.55 -6.34
CA THR A 34 -49.87 -31.96 -4.96
C THR A 34 -49.39 -33.39 -4.69
N ASN A 35 -49.46 -34.27 -5.68
CA ASN A 35 -49.09 -35.67 -5.42
C ASN A 35 -47.59 -35.93 -5.43
N TYR A 36 -46.78 -35.03 -6.00
CA TYR A 36 -45.35 -35.25 -6.16
C TYR A 36 -44.59 -34.63 -4.99
N ALA A 37 -43.63 -35.38 -4.45
CA ALA A 37 -42.65 -34.79 -3.53
C ALA A 37 -41.72 -33.84 -4.28
N MET A 38 -41.16 -32.87 -3.54
CA MET A 38 -40.30 -31.84 -4.14
C MET A 38 -39.05 -31.61 -3.28
N SER A 39 -38.02 -31.12 -3.95
CA SER A 39 -36.72 -30.91 -3.31
C SER A 39 -36.08 -29.64 -3.85
N TRP A 40 -35.18 -29.08 -3.04
CA TRP A 40 -34.26 -28.04 -3.47
C TRP A 40 -32.86 -28.60 -3.50
N VAL A 41 -32.14 -28.37 -4.60
CA VAL A 41 -30.75 -28.77 -4.75
C VAL A 41 -29.98 -27.57 -5.26
N ARG A 42 -28.74 -27.41 -4.79
CA ARG A 42 -27.91 -26.28 -5.20
C ARG A 42 -26.58 -26.76 -5.77
N GLN A 43 -26.02 -25.95 -6.66
CA GLN A 43 -24.77 -26.26 -7.35
C GLN A 43 -23.77 -25.17 -6.99
N THR A 44 -22.68 -25.58 -6.38
CA THR A 44 -21.68 -24.65 -5.86
C THR A 44 -20.82 -24.13 -6.99
N PRO A 45 -20.03 -23.08 -6.75
CA PRO A 45 -19.13 -22.58 -7.79
C PRO A 45 -18.20 -23.65 -8.34
N GLU A 46 -17.83 -24.63 -7.51
CA GLU A 46 -17.05 -25.78 -7.96
C GLU A 46 -17.90 -26.76 -8.77
N LYS A 47 -19.19 -26.46 -8.97
CA LYS A 47 -20.12 -27.28 -9.74
C LYS A 47 -20.48 -28.58 -9.03
N ARG A 48 -20.29 -28.65 -7.71
CA ARG A 48 -20.77 -29.79 -6.94
C ARG A 48 -22.22 -29.57 -6.55
N LEU A 49 -22.99 -30.65 -6.57
CA LEU A 49 -24.41 -30.62 -6.26
C LEU A 49 -24.61 -30.98 -4.80
N GLU A 50 -25.39 -30.18 -4.08
CA GLU A 50 -25.66 -30.43 -2.69
C GLU A 50 -27.17 -30.43 -2.49
N TRP A 51 -27.70 -31.53 -1.94
CA TRP A 51 -29.10 -31.56 -1.57
C TRP A 51 -29.33 -30.60 -0.42
N VAL A 52 -30.33 -29.73 -0.56
CA VAL A 52 -30.58 -28.67 0.41
C VAL A 52 -31.85 -28.93 1.22
N ALA A 53 -32.91 -29.41 0.59
CA ALA A 53 -34.16 -29.62 1.31
C ALA A 53 -35.10 -30.46 0.46
N SER A 54 -36.03 -31.12 1.14
CA SER A 54 -37.08 -31.91 0.52
C SER A 54 -38.37 -31.75 1.31
N ILE A 55 -39.49 -31.92 0.61
CA ILE A 55 -40.82 -31.80 1.23
C ILE A 55 -41.71 -32.89 0.63
N SER A 56 -42.31 -33.69 1.50
CA SER A 56 -43.12 -34.81 1.06
C SER A 56 -44.47 -34.35 0.50
N SER A 57 -45.22 -35.31 -0.03
CA SER A 57 -46.58 -35.03 -0.49
C SER A 57 -47.49 -34.59 0.66
N GLY A 58 -47.09 -34.86 1.90
CA GLY A 58 -47.83 -34.43 3.07
C GLY A 58 -47.26 -33.22 3.78
N HIS A 59 -46.51 -32.40 3.05
CA HIS A 59 -45.93 -31.17 3.57
C HIS A 59 -44.88 -31.41 4.65
N THR A 60 -44.34 -32.62 4.75
CA THR A 60 -43.31 -32.90 5.74
C THR A 60 -41.95 -32.51 5.20
N PRO A 61 -41.17 -31.66 5.91
CA PRO A 61 -39.87 -31.22 5.37
C PRO A 61 -38.69 -32.05 5.86
N TYR A 62 -37.60 -32.06 5.09
CA TYR A 62 -36.40 -32.79 5.46
C TYR A 62 -35.20 -31.94 5.08
N TYR A 63 -34.21 -31.87 5.97
CA TYR A 63 -33.05 -31.00 5.74
C TYR A 63 -31.75 -31.70 6.12
N PRO A 64 -30.62 -31.30 5.54
CA PRO A 64 -29.32 -31.66 6.10
C PRO A 64 -28.95 -30.69 7.22
N ASP A 65 -27.98 -31.13 8.04
CA ASP A 65 -27.60 -30.33 9.20
C ASP A 65 -27.09 -28.95 8.81
N SER A 66 -26.48 -28.83 7.62
CA SER A 66 -25.85 -27.57 7.25
C SER A 66 -26.85 -26.42 7.19
N VAL A 67 -28.09 -26.70 6.79
CA VAL A 67 -29.12 -25.70 6.61
C VAL A 67 -30.30 -25.89 7.57
N LYS A 68 -30.18 -26.83 8.50
CA LYS A 68 -31.36 -27.28 9.25
C LYS A 68 -32.09 -26.13 9.93
N GLY A 69 -31.38 -25.30 10.70
CA GLY A 69 -32.05 -24.26 11.45
C GLY A 69 -32.35 -23.01 10.66
N ARG A 70 -31.70 -22.82 9.53
CA ARG A 70 -31.79 -21.57 8.78
C ARG A 70 -32.74 -21.62 7.60
N PHE A 71 -32.83 -22.74 6.90
CA PHE A 71 -33.69 -22.82 5.72
C PHE A 71 -34.98 -23.53 6.09
N THR A 72 -36.08 -23.09 5.48
CA THR A 72 -37.40 -23.69 5.66
C THR A 72 -38.05 -23.91 4.31
N ILE A 73 -38.31 -25.17 3.99
CA ILE A 73 -39.04 -25.50 2.76
C ILE A 73 -40.53 -25.57 3.03
N SER A 74 -41.31 -25.00 2.12
CA SER A 74 -42.75 -24.97 2.21
C SER A 74 -43.31 -25.11 0.79
N ARG A 75 -44.62 -25.34 0.70
CA ARG A 75 -45.27 -25.50 -0.59
C ARG A 75 -46.71 -25.01 -0.50
N ASP A 76 -47.16 -24.35 -1.55
CA ASP A 76 -48.55 -23.94 -1.69
C ASP A 76 -49.15 -24.74 -2.85
N ASN A 77 -49.80 -25.86 -2.53
CA ASN A 77 -50.40 -26.71 -3.55
C ASN A 77 -51.54 -26.04 -4.31
N ALA A 78 -52.06 -24.93 -3.80
CA ALA A 78 -53.12 -24.23 -4.52
C ALA A 78 -52.57 -23.57 -5.77
N ARG A 79 -51.53 -22.74 -5.63
CA ARG A 79 -50.92 -22.10 -6.79
C ARG A 79 -49.82 -22.95 -7.43
N ASN A 80 -49.54 -24.14 -6.90
CA ASN A 80 -48.48 -25.00 -7.42
C ASN A 80 -47.12 -24.31 -7.33
N ILE A 81 -46.72 -24.02 -6.08
CA ILE A 81 -45.49 -23.30 -5.76
C ILE A 81 -44.71 -24.02 -4.67
N LEU A 82 -43.41 -24.16 -4.89
CA LEU A 82 -42.47 -24.62 -3.89
C LEU A 82 -41.65 -23.42 -3.42
N PHE A 83 -41.39 -23.36 -2.12
CA PHE A 83 -40.66 -22.24 -1.54
C PHE A 83 -39.40 -22.75 -0.85
N LEU A 84 -38.40 -21.87 -0.76
CA LEU A 84 -37.24 -22.11 0.10
C LEU A 84 -36.95 -20.80 0.81
N GLN A 85 -37.46 -20.66 2.03
CA GLN A 85 -37.12 -19.53 2.87
C GLN A 85 -35.75 -19.78 3.50
N MET A 86 -34.80 -18.90 3.22
CA MET A 86 -33.47 -18.96 3.79
C MET A 86 -33.27 -17.78 4.72
N SER A 87 -32.70 -18.05 5.89
CA SER A 87 -32.35 -17.00 6.84
C SER A 87 -30.93 -17.24 7.31
N SER A 88 -30.39 -16.26 8.05
CA SER A 88 -29.04 -16.37 8.62
C SER A 88 -28.03 -16.82 7.56
N LEU A 89 -28.08 -16.16 6.41
CA LEU A 89 -27.32 -16.60 5.26
C LEU A 89 -25.83 -16.49 5.49
N ARG A 90 -25.09 -17.45 4.96
CA ARG A 90 -23.64 -17.51 5.07
C ARG A 90 -23.04 -17.36 3.68
N SER A 91 -21.76 -16.97 3.63
CA SER A 91 -21.10 -16.84 2.33
C SER A 91 -21.03 -18.18 1.61
N GLU A 92 -21.05 -19.30 2.36
CA GLU A 92 -20.99 -20.62 1.77
C GLU A 92 -22.28 -21.03 1.07
N ASP A 93 -23.35 -20.22 1.19
CA ASP A 93 -24.59 -20.51 0.49
C ASP A 93 -24.62 -20.00 -0.93
N THR A 94 -23.63 -19.23 -1.36
CA THR A 94 -23.56 -18.79 -2.74
C THR A 94 -23.56 -20.01 -3.67
N ALA A 95 -24.56 -20.08 -4.54
CA ALA A 95 -24.70 -21.23 -5.43
C ALA A 95 -25.91 -21.03 -6.34
N MET A 96 -26.00 -21.87 -7.36
CA MET A 96 -27.19 -21.95 -8.19
C MET A 96 -28.18 -22.88 -7.50
N TYR A 97 -29.40 -22.43 -7.25
CA TYR A 97 -30.40 -23.22 -6.53
C TYR A 97 -31.44 -23.75 -7.50
N TYR A 98 -31.61 -25.07 -7.50
CA TYR A 98 -32.58 -25.76 -8.35
C TYR A 98 -33.72 -26.33 -7.51
N CYS A 99 -34.94 -26.26 -8.04
CA CYS A 99 -36.05 -27.04 -7.53
C CYS A 99 -36.20 -28.29 -8.39
N ALA A 100 -36.68 -29.37 -7.78
CA ALA A 100 -36.80 -30.63 -8.50
C ALA A 100 -38.02 -31.41 -8.03
N ARG A 101 -38.69 -32.04 -9.00
CA ARG A 101 -39.83 -32.89 -8.75
C ARG A 101 -39.37 -34.35 -8.56
N GLY A 102 -40.11 -35.10 -7.74
CA GLY A 102 -39.80 -36.50 -7.51
C GLY A 102 -40.72 -37.41 -8.31
N ASP A 103 -40.66 -38.70 -7.98
CA ASP A 103 -41.39 -39.71 -8.74
CA ASP A 103 -41.39 -39.70 -8.75
C ASP A 103 -42.90 -39.47 -8.62
N TYR A 104 -43.67 -40.20 -9.43
CA TYR A 104 -45.12 -40.11 -9.42
C TYR A 104 -45.75 -40.82 -8.22
N TYR A 105 -44.97 -41.62 -7.48
CA TYR A 105 -45.53 -42.33 -6.33
C TYR A 105 -45.63 -41.46 -5.08
N GLY A 106 -45.09 -40.24 -5.09
CA GLY A 106 -45.35 -39.27 -4.05
C GLY A 106 -44.37 -39.26 -2.90
N SER A 107 -43.42 -40.16 -2.86
CA SER A 107 -42.46 -40.28 -1.77
C SER A 107 -41.25 -39.37 -2.02
N VAL A 108 -40.70 -38.83 -0.92
CA VAL A 108 -39.47 -38.05 -1.04
C VAL A 108 -38.29 -38.96 -1.36
N TYR A 109 -38.43 -40.27 -1.11
CA TYR A 109 -37.38 -41.25 -1.35
C TYR A 109 -37.48 -41.73 -2.80
N SER A 110 -37.13 -40.83 -3.71
CA SER A 110 -37.17 -41.14 -5.12
C SER A 110 -36.19 -40.24 -5.85
N ALA A 111 -35.99 -40.52 -7.12
CA ALA A 111 -35.06 -39.73 -7.91
C ALA A 111 -35.59 -38.32 -8.09
N MET A 112 -34.74 -37.46 -8.63
CA MET A 112 -35.12 -36.10 -8.97
C MET A 112 -35.40 -36.16 -10.47
N ASP A 113 -36.67 -36.07 -10.81
CA ASP A 113 -37.12 -36.36 -12.17
C ASP A 113 -36.86 -35.16 -13.08
N TYR A 114 -37.47 -34.03 -12.74
CA TYR A 114 -37.40 -32.80 -13.52
C TYR A 114 -36.78 -31.70 -12.67
N TRP A 115 -36.03 -30.83 -13.33
CA TRP A 115 -35.33 -29.75 -12.66
C TRP A 115 -35.74 -28.42 -13.26
N GLY A 116 -35.74 -27.38 -12.44
CA GLY A 116 -35.96 -26.03 -12.91
C GLY A 116 -34.73 -25.49 -13.60
N GLN A 117 -34.88 -24.28 -14.14
CA GLN A 117 -33.75 -23.65 -14.82
C GLN A 117 -32.68 -23.22 -13.83
N GLY A 118 -33.04 -23.04 -12.56
CA GLY A 118 -32.11 -22.56 -11.56
C GLY A 118 -32.16 -21.06 -11.37
N THR A 119 -32.04 -20.62 -10.13
CA THR A 119 -31.92 -19.21 -9.80
C THR A 119 -30.68 -19.03 -8.93
N SER A 120 -29.92 -17.97 -9.20
CA SER A 120 -28.61 -17.80 -8.61
C SER A 120 -28.69 -16.99 -7.32
N LEU A 121 -27.85 -17.35 -6.37
CA LEU A 121 -27.74 -16.64 -5.11
C LEU A 121 -26.28 -16.31 -4.84
N THR A 122 -26.01 -15.06 -4.47
CA THR A 122 -24.68 -14.64 -4.04
C THR A 122 -24.80 -13.99 -2.67
N VAL A 123 -24.01 -14.48 -1.71
CA VAL A 123 -24.00 -13.97 -0.35
C VAL A 123 -22.69 -13.23 -0.18
N SER A 124 -22.76 -11.90 -0.12
CA SER A 124 -21.57 -11.07 -0.07
C SER A 124 -21.86 -9.78 0.70
N SER A 125 -20.85 -9.29 1.39
CA SER A 125 -20.94 -7.99 2.03
C SER A 125 -20.85 -6.84 1.04
N ALA A 126 -20.34 -7.09 -0.16
CA ALA A 126 -20.05 -6.04 -1.12
C ALA A 126 -21.31 -5.59 -1.87
N SER A 127 -21.24 -4.38 -2.39
CA SER A 127 -22.31 -3.82 -3.20
C SER A 127 -22.16 -4.27 -4.65
N THR A 128 -23.28 -4.24 -5.37
CA THR A 128 -23.23 -4.55 -6.78
C THR A 128 -22.47 -3.45 -7.53
N LYS A 129 -21.66 -3.85 -8.49
CA LYS A 129 -20.92 -2.92 -9.33
C LYS A 129 -21.13 -3.31 -10.78
N GLY A 130 -21.56 -2.37 -11.59
CA GLY A 130 -21.76 -2.61 -13.01
C GLY A 130 -20.46 -2.61 -13.76
N PRO A 131 -20.42 -3.27 -14.91
CA PRO A 131 -19.15 -3.42 -15.63
C PRO A 131 -18.80 -2.19 -16.46
N SER A 132 -17.50 -2.06 -16.72
CA SER A 132 -16.97 -1.16 -17.73
C SER A 132 -16.75 -1.97 -19.00
N VAL A 133 -17.32 -1.53 -20.11
CA VAL A 133 -17.28 -2.25 -21.39
C VAL A 133 -16.34 -1.51 -22.32
N PHE A 134 -15.26 -2.17 -22.72
CA PHE A 134 -14.27 -1.61 -23.62
C PHE A 134 -14.23 -2.39 -24.92
N PRO A 135 -13.89 -1.75 -26.02
CA PRO A 135 -13.84 -2.45 -27.30
C PRO A 135 -12.51 -3.17 -27.49
N LEU A 136 -12.59 -4.37 -28.09
CA LEU A 136 -11.42 -5.12 -28.53
C LEU A 136 -11.42 -4.99 -30.06
N ALA A 137 -10.69 -3.99 -30.58
CA ALA A 137 -10.88 -3.62 -31.97
C ALA A 137 -10.09 -4.50 -32.93
N PRO A 138 -10.67 -4.83 -34.07
CA PRO A 138 -9.91 -5.52 -35.12
C PRO A 138 -9.04 -4.53 -35.91
N SER A 139 -7.91 -5.04 -36.40
CA SER A 139 -7.00 -4.20 -37.17
C SER A 139 -7.72 -3.57 -38.37
N SER A 142 -5.91 -5.33 -43.13
CA SER A 142 -6.32 -6.72 -43.12
C SER A 142 -6.07 -7.38 -44.48
N THR A 143 -5.84 -8.69 -44.46
CA THR A 143 -5.57 -9.45 -45.67
C THR A 143 -6.89 -9.89 -46.30
N SER A 144 -7.03 -9.67 -47.60
CA SER A 144 -8.24 -10.07 -48.30
C SER A 144 -8.33 -11.59 -48.35
N GLY A 145 -9.48 -12.12 -47.96
CA GLY A 145 -9.69 -13.55 -47.85
C GLY A 145 -9.41 -14.13 -46.49
N GLY A 146 -9.07 -13.31 -45.50
CA GLY A 146 -8.84 -13.75 -44.15
C GLY A 146 -10.03 -13.40 -43.24
N THR A 147 -9.92 -13.83 -41.99
CA THR A 147 -10.94 -13.59 -40.99
C THR A 147 -10.38 -12.64 -39.95
N ALA A 148 -11.24 -11.77 -39.42
CA ALA A 148 -10.85 -10.81 -38.39
C ALA A 148 -11.63 -11.07 -37.12
N ALA A 149 -10.99 -10.86 -35.98
CA ALA A 149 -11.60 -11.02 -34.67
C ALA A 149 -11.84 -9.65 -34.03
N LEU A 150 -13.05 -9.47 -33.50
CA LEU A 150 -13.40 -8.29 -32.73
C LEU A 150 -14.13 -8.76 -31.48
N GLY A 151 -14.32 -7.87 -30.52
CA GLY A 151 -14.99 -8.26 -29.31
C GLY A 151 -15.21 -7.09 -28.36
N CYS A 152 -15.62 -7.44 -27.15
CA CYS A 152 -15.89 -6.50 -26.08
C CYS A 152 -15.27 -7.03 -24.79
N LEU A 153 -14.56 -6.16 -24.07
CA LEU A 153 -14.00 -6.48 -22.76
C LEU A 153 -14.94 -5.95 -21.70
N VAL A 154 -15.58 -6.85 -20.95
CA VAL A 154 -16.54 -6.50 -19.91
C VAL A 154 -15.82 -6.66 -18.57
N LYS A 155 -15.43 -5.54 -17.98
CA LYS A 155 -14.46 -5.53 -16.89
C LYS A 155 -15.05 -4.95 -15.60
N ASP A 156 -14.60 -5.52 -14.48
CA ASP A 156 -14.84 -4.98 -13.14
C ASP A 156 -16.33 -4.87 -12.83
N TYR A 157 -16.93 -6.04 -12.57
CA TYR A 157 -18.32 -6.10 -12.16
C TYR A 157 -18.49 -7.12 -11.04
N PHE A 158 -19.59 -6.98 -10.29
CA PHE A 158 -19.88 -7.88 -9.18
C PHE A 158 -21.35 -7.73 -8.83
N PRO A 159 -22.05 -8.81 -8.53
CA PRO A 159 -21.63 -10.22 -8.63
C PRO A 159 -21.80 -10.72 -10.05
N GLU A 160 -21.67 -12.02 -10.27
CA GLU A 160 -22.13 -12.59 -11.51
C GLU A 160 -23.65 -12.66 -11.48
N PRO A 161 -24.30 -12.78 -12.63
CA PRO A 161 -23.74 -12.95 -13.97
C PRO A 161 -23.83 -11.73 -14.87
N VAL A 162 -23.09 -11.73 -15.98
CA VAL A 162 -23.24 -10.75 -17.03
C VAL A 162 -23.58 -11.51 -18.31
N THR A 163 -24.60 -11.06 -19.00
CA THR A 163 -24.99 -11.63 -20.28
C THR A 163 -24.57 -10.69 -21.41
N VAL A 164 -24.24 -11.28 -22.55
CA VAL A 164 -23.75 -10.53 -23.70
C VAL A 164 -24.39 -11.07 -24.97
N SER A 165 -24.95 -10.19 -25.79
CA SER A 165 -25.41 -10.52 -27.13
C SER A 165 -24.72 -9.60 -28.10
N TRP A 166 -24.79 -9.94 -29.39
CA TRP A 166 -24.18 -9.13 -30.44
C TRP A 166 -25.25 -8.69 -31.43
N ASN A 167 -25.25 -7.39 -31.75
CA ASN A 167 -26.25 -6.82 -32.65
C ASN A 167 -27.66 -7.21 -32.21
N SER A 168 -27.92 -7.04 -30.92
CA SER A 168 -29.23 -7.29 -30.32
C SER A 168 -29.76 -8.68 -30.67
N GLY A 169 -28.83 -9.62 -30.84
CA GLY A 169 -29.18 -11.00 -31.11
C GLY A 169 -29.09 -11.39 -32.56
N ALA A 170 -29.02 -10.43 -33.47
CA ALA A 170 -28.96 -10.77 -34.89
C ALA A 170 -27.69 -11.54 -35.22
N LEU A 171 -26.61 -11.27 -34.52
CA LEU A 171 -25.32 -11.89 -34.78
C LEU A 171 -25.03 -12.89 -33.68
N THR A 172 -25.06 -14.18 -34.04
CA THR A 172 -24.74 -15.25 -33.11
C THR A 172 -23.63 -16.15 -33.64
N SER A 173 -23.41 -16.16 -34.95
CA SER A 173 -22.48 -17.08 -35.57
C SER A 173 -21.07 -16.60 -35.31
N GLY A 174 -20.22 -17.50 -34.81
CA GLY A 174 -18.85 -17.18 -34.49
C GLY A 174 -18.64 -16.43 -33.20
N VAL A 175 -19.65 -16.36 -32.34
CA VAL A 175 -19.54 -15.65 -31.06
C VAL A 175 -18.97 -16.60 -30.02
N HIS A 176 -18.00 -16.13 -29.25
CA HIS A 176 -17.45 -16.86 -28.11
C HIS A 176 -17.44 -15.92 -26.91
N THR A 177 -18.37 -16.14 -25.99
CA THR A 177 -18.40 -15.42 -24.72
C THR A 177 -17.73 -16.30 -23.68
N PHE A 178 -16.55 -15.89 -23.23
CA PHE A 178 -15.76 -16.68 -22.31
C PHE A 178 -16.33 -16.63 -20.90
N PRO A 179 -15.99 -17.60 -20.06
CA PRO A 179 -16.40 -17.52 -18.66
C PRO A 179 -15.71 -16.37 -17.93
N ALA A 180 -16.36 -15.91 -16.88
CA ALA A 180 -15.78 -14.85 -16.07
C ALA A 180 -14.58 -15.38 -15.31
N VAL A 181 -13.59 -14.52 -15.11
CA VAL A 181 -12.44 -14.80 -14.26
C VAL A 181 -12.49 -13.85 -13.07
N LEU A 182 -12.11 -14.34 -11.90
CA LEU A 182 -11.98 -13.49 -10.73
C LEU A 182 -10.61 -12.81 -10.78
N GLN A 183 -10.61 -11.49 -10.75
CA GLN A 183 -9.38 -10.72 -10.79
C GLN A 183 -8.82 -10.55 -9.38
N SER A 184 -7.53 -10.20 -9.32
CA SER A 184 -6.92 -9.94 -8.03
C SER A 184 -7.68 -8.86 -7.25
N SER A 185 -8.36 -7.96 -7.97
CA SER A 185 -9.17 -6.94 -7.32
C SER A 185 -10.41 -7.48 -6.63
N GLY A 186 -10.75 -8.76 -6.83
CA GLY A 186 -11.99 -9.32 -6.32
C GLY A 186 -13.19 -9.07 -7.21
N LEU A 187 -13.00 -8.40 -8.33
CA LEU A 187 -14.04 -8.17 -9.32
C LEU A 187 -13.91 -9.15 -10.48
N TYR A 188 -14.99 -9.31 -11.22
CA TYR A 188 -15.04 -10.25 -12.34
C TYR A 188 -14.75 -9.56 -13.66
N SER A 189 -14.30 -10.35 -14.64
CA SER A 189 -14.05 -9.85 -15.97
C SER A 189 -14.21 -10.97 -16.98
N LEU A 190 -14.97 -10.71 -18.04
CA LEU A 190 -15.14 -11.67 -19.12
C LEU A 190 -14.85 -10.96 -20.43
N SER A 191 -14.62 -11.74 -21.47
CA SER A 191 -14.47 -11.23 -22.83
C SER A 191 -15.47 -11.95 -23.73
N SER A 192 -15.99 -11.23 -24.72
CA SER A 192 -16.89 -11.78 -25.71
C SER A 192 -16.35 -11.38 -27.06
N VAL A 193 -16.06 -12.37 -27.91
CA VAL A 193 -15.45 -12.12 -29.20
C VAL A 193 -16.30 -12.73 -30.30
N VAL A 194 -16.12 -12.20 -31.50
CA VAL A 194 -16.79 -12.71 -32.69
C VAL A 194 -15.79 -12.65 -33.84
N THR A 195 -15.67 -13.74 -34.58
CA THR A 195 -14.84 -13.77 -35.79
C THR A 195 -15.71 -13.47 -37.00
N VAL A 196 -15.19 -12.60 -37.88
CA VAL A 196 -15.96 -12.15 -39.05
C VAL A 196 -15.02 -12.09 -40.26
N PRO A 197 -15.62 -12.11 -41.45
CA PRO A 197 -14.80 -11.96 -42.67
C PRO A 197 -14.14 -10.59 -42.70
N SER A 198 -12.86 -10.56 -43.08
CA SER A 198 -12.14 -9.30 -43.14
C SER A 198 -12.84 -8.31 -44.08
N SER A 199 -13.37 -8.79 -45.20
CA SER A 199 -13.97 -7.90 -46.18
C SER A 199 -15.15 -7.12 -45.65
N SER A 200 -15.75 -7.55 -44.55
CA SER A 200 -16.96 -6.92 -44.03
C SER A 200 -16.71 -5.90 -42.93
N LEU A 201 -15.45 -5.57 -42.63
CA LEU A 201 -15.20 -4.76 -41.44
C LEU A 201 -15.55 -3.29 -41.60
N GLY A 202 -15.27 -2.71 -42.76
CA GLY A 202 -15.55 -1.30 -42.92
C GLY A 202 -16.99 -0.94 -43.20
N THR A 203 -17.84 -1.94 -43.46
CA THR A 203 -19.23 -1.70 -43.86
C THR A 203 -20.25 -2.28 -42.91
N GLN A 204 -19.90 -3.31 -42.13
CA GLN A 204 -20.83 -3.91 -41.18
C GLN A 204 -20.54 -3.35 -39.79
N THR A 205 -21.59 -2.97 -39.08
CA THR A 205 -21.43 -2.46 -37.74
C THR A 205 -21.58 -3.58 -36.73
N TYR A 206 -20.71 -3.59 -35.73
CA TYR A 206 -20.72 -4.61 -34.68
C TYR A 206 -20.94 -3.94 -33.33
N ILE A 207 -21.96 -4.37 -32.61
CA ILE A 207 -22.31 -3.81 -31.31
C ILE A 207 -22.56 -4.96 -30.34
N CYS A 208 -21.87 -4.95 -29.21
CA CYS A 208 -22.11 -5.90 -28.14
C CYS A 208 -23.07 -5.29 -27.13
N ASN A 209 -24.12 -6.01 -26.80
CA ASN A 209 -25.12 -5.58 -25.85
C ASN A 209 -24.84 -6.29 -24.54
N VAL A 210 -24.34 -5.53 -23.56
CA VAL A 210 -23.94 -6.08 -22.28
C VAL A 210 -25.02 -5.78 -21.26
N ASN A 211 -25.43 -6.80 -20.51
CA ASN A 211 -26.44 -6.65 -19.49
C ASN A 211 -25.96 -7.24 -18.17
N HIS A 212 -26.09 -6.47 -17.09
CA HIS A 212 -25.72 -6.90 -15.73
C HIS A 212 -26.92 -6.62 -14.85
N LYS A 213 -27.80 -7.60 -14.78
CA LYS A 213 -29.07 -7.42 -14.07
C LYS A 213 -28.89 -7.15 -12.59
N PRO A 214 -27.90 -7.72 -11.89
CA PRO A 214 -27.73 -7.38 -10.47
C PRO A 214 -27.60 -5.89 -10.22
N SER A 215 -26.99 -5.13 -11.14
CA SER A 215 -26.91 -3.68 -11.03
C SER A 215 -27.89 -2.94 -11.93
N ASN A 216 -28.73 -3.66 -12.67
CA ASN A 216 -29.67 -3.03 -13.61
C ASN A 216 -28.93 -2.20 -14.65
N THR A 217 -27.74 -2.64 -15.02
CA THR A 217 -26.87 -1.90 -15.93
C THR A 217 -26.97 -2.48 -17.33
N LYS A 218 -27.42 -1.68 -18.29
CA LYS A 218 -27.34 -2.01 -19.71
C LYS A 218 -26.32 -1.12 -20.39
N VAL A 219 -25.51 -1.73 -21.25
CA VAL A 219 -24.50 -1.01 -22.02
C VAL A 219 -24.48 -1.55 -23.44
N ASP A 220 -24.32 -0.66 -24.41
CA ASP A 220 -24.19 -1.05 -25.82
C ASP A 220 -22.97 -0.37 -26.40
N LYS A 221 -21.88 -1.13 -26.52
CA LYS A 221 -20.63 -0.62 -27.07
C LYS A 221 -20.47 -1.05 -28.53
N LYS A 222 -20.26 -0.08 -29.41
CA LYS A 222 -20.08 -0.34 -30.83
C LYS A 222 -18.59 -0.47 -31.10
N VAL A 223 -18.21 -1.61 -31.70
CA VAL A 223 -16.81 -1.96 -31.91
C VAL A 223 -16.47 -1.59 -33.35
N GLU A 224 -15.47 -0.73 -33.52
CA GLU A 224 -15.04 -0.27 -34.84
C GLU A 224 -13.60 -0.69 -35.13
N PRO A 225 -13.25 -0.88 -36.40
CA PRO A 225 -11.86 -1.19 -36.75
C PRO A 225 -10.91 -0.03 -36.44
N LYS A 226 -9.63 -0.35 -36.39
CA LYS A 226 -8.59 0.65 -36.15
C LYS A 226 -7.42 0.47 -37.10
N GLU B 5 -23.36 -38.04 4.50
CA GLU B 5 -22.95 -39.25 5.27
C GLU B 5 -22.51 -40.36 4.29
N ILE B 6 -23.37 -40.71 3.34
CA ILE B 6 -23.01 -41.67 2.30
C ILE B 6 -22.17 -40.96 1.23
N ARG B 7 -21.02 -41.54 0.91
CA ARG B 7 -20.08 -41.00 -0.06
C ARG B 7 -20.32 -41.60 -1.44
N MET B 8 -20.33 -40.74 -2.44
CA MET B 8 -20.50 -41.14 -3.83
C MET B 8 -19.24 -40.78 -4.59
N THR B 9 -18.57 -41.79 -5.15
CA THR B 9 -17.35 -41.57 -5.93
C THR B 9 -17.57 -42.09 -7.34
N GLN B 10 -17.15 -41.29 -8.33
CA GLN B 10 -17.30 -41.63 -9.74
C GLN B 10 -15.95 -41.82 -10.40
N SER B 11 -15.94 -42.57 -11.50
CA SER B 11 -14.74 -42.82 -12.29
C SER B 11 -15.15 -42.98 -13.74
N PRO B 12 -14.39 -42.43 -14.68
CA PRO B 12 -13.22 -41.55 -14.53
C PRO B 12 -13.69 -40.13 -14.21
N SER B 13 -12.82 -39.23 -13.74
CA SER B 13 -13.28 -37.86 -13.53
C SER B 13 -13.65 -37.20 -14.85
N SER B 14 -12.88 -37.48 -15.89
CA SER B 14 -13.14 -36.97 -17.22
C SER B 14 -12.63 -37.97 -18.24
N MET B 15 -13.13 -37.86 -19.46
CA MET B 15 -12.78 -38.79 -20.52
C MET B 15 -13.26 -38.24 -21.85
N TYR B 16 -12.48 -38.48 -22.90
CA TYR B 16 -12.86 -38.14 -24.25
C TYR B 16 -13.28 -39.42 -24.97
N ALA B 17 -14.29 -39.33 -25.83
CA ALA B 17 -14.75 -40.47 -26.59
C ALA B 17 -15.17 -40.01 -27.98
N SER B 18 -15.23 -40.96 -28.90
CA SER B 18 -15.62 -40.68 -30.27
C SER B 18 -17.05 -41.15 -30.50
N LEU B 19 -17.76 -40.46 -31.40
CA LEU B 19 -19.13 -40.85 -31.68
C LEU B 19 -19.19 -42.30 -32.14
N GLY B 20 -20.25 -43.00 -31.73
CA GLY B 20 -20.38 -44.41 -32.00
C GLY B 20 -19.66 -45.31 -31.04
N GLU B 21 -18.77 -44.78 -30.21
CA GLU B 21 -18.09 -45.57 -29.20
C GLU B 21 -19.07 -45.99 -28.11
N ARG B 22 -18.73 -47.07 -27.42
CA ARG B 22 -19.50 -47.55 -26.28
C ARG B 22 -18.80 -47.09 -25.01
N VAL B 23 -19.47 -46.23 -24.25
CA VAL B 23 -18.90 -45.60 -23.06
C VAL B 23 -19.58 -46.16 -21.82
N THR B 24 -18.78 -46.39 -20.78
CA THR B 24 -19.26 -46.89 -19.50
C THR B 24 -18.62 -46.07 -18.39
N VAL B 25 -19.44 -45.57 -17.47
CA VAL B 25 -19.01 -44.75 -16.34
C VAL B 25 -19.43 -45.43 -15.05
N THR B 26 -18.70 -45.16 -13.99
CA THR B 26 -18.85 -45.86 -12.72
C THR B 26 -19.23 -44.90 -11.60
N CYS B 27 -19.97 -45.43 -10.63
CA CYS B 27 -20.35 -44.73 -9.41
C CYS B 27 -20.25 -45.76 -8.30
N LYS B 28 -19.62 -45.37 -7.18
CA LYS B 28 -19.43 -46.29 -6.06
C LYS B 28 -19.91 -45.60 -4.78
N ALA B 29 -20.70 -46.31 -3.99
CA ALA B 29 -21.24 -45.77 -2.75
C ALA B 29 -20.55 -46.38 -1.53
N SER B 30 -20.51 -45.62 -0.44
CA SER B 30 -19.88 -46.08 0.79
C SER B 30 -20.75 -47.07 1.56
N GLN B 31 -22.04 -47.17 1.24
CA GLN B 31 -22.95 -48.12 1.89
C GLN B 31 -23.79 -48.83 0.84
N ASP B 32 -24.46 -49.89 1.28
CA ASP B 32 -25.48 -50.57 0.46
C ASP B 32 -26.62 -49.59 0.17
N ILE B 33 -26.88 -49.37 -1.11
CA ILE B 33 -27.90 -48.42 -1.54
C ILE B 33 -29.17 -49.09 -2.05
N ASN B 34 -29.17 -50.40 -2.27
CA ASN B 34 -30.37 -51.11 -2.68
C ASN B 34 -30.94 -50.56 -3.98
N SER B 35 -30.06 -50.13 -4.88
CA SER B 35 -30.40 -49.67 -6.22
C SER B 35 -31.25 -48.40 -6.23
N TYR B 36 -31.28 -47.65 -5.13
CA TYR B 36 -31.91 -46.33 -5.13
C TYR B 36 -30.88 -45.33 -5.63
N LEU B 37 -30.68 -45.35 -6.95
CA LEU B 37 -29.60 -44.61 -7.57
C LEU B 37 -30.08 -44.14 -8.93
N SER B 38 -29.86 -42.86 -9.22
CA SER B 38 -30.22 -42.29 -10.51
C SER B 38 -28.99 -41.69 -11.18
N TRP B 39 -28.98 -41.72 -12.50
CA TRP B 39 -27.95 -41.10 -13.31
C TRP B 39 -28.57 -39.88 -14.01
N LEU B 40 -27.88 -38.76 -13.94
CA LEU B 40 -28.33 -37.53 -14.56
C LEU B 40 -27.26 -37.00 -15.49
N GLN B 41 -27.67 -36.28 -16.52
CA GLN B 41 -26.76 -35.60 -17.44
C GLN B 41 -27.00 -34.11 -17.36
N GLN B 42 -25.92 -33.34 -17.24
CA GLN B 42 -26.00 -31.88 -17.24
C GLN B 42 -25.07 -31.35 -18.31
N LYS B 43 -25.62 -30.61 -19.25
CA LYS B 43 -24.81 -29.98 -20.27
C LYS B 43 -24.38 -28.60 -19.78
N PRO B 44 -23.26 -28.07 -20.31
CA PRO B 44 -22.74 -26.82 -19.77
C PRO B 44 -23.77 -25.70 -19.78
N GLY B 45 -24.02 -25.12 -18.61
CA GLY B 45 -24.96 -24.02 -18.51
C GLY B 45 -26.42 -24.40 -18.61
N LYS B 46 -26.75 -25.66 -18.33
CA LYS B 46 -28.11 -26.14 -18.41
C LYS B 46 -28.45 -26.89 -17.12
N SER B 47 -29.71 -27.20 -16.95
CA SER B 47 -30.17 -27.89 -15.76
C SER B 47 -29.92 -29.39 -15.88
N PRO B 48 -29.78 -30.10 -14.77
CA PRO B 48 -29.63 -31.56 -14.87
C PRO B 48 -30.85 -32.19 -15.52
N LYS B 49 -30.63 -33.35 -16.12
CA LYS B 49 -31.69 -34.12 -16.76
C LYS B 49 -31.51 -35.60 -16.42
N THR B 50 -32.56 -36.20 -15.88
CA THR B 50 -32.48 -37.58 -15.42
C THR B 50 -32.48 -38.56 -16.58
N LEU B 51 -31.55 -39.51 -16.54
CA LEU B 51 -31.42 -40.55 -17.54
C LEU B 51 -31.90 -41.90 -17.03
N ILE B 52 -31.38 -42.33 -15.89
CA ILE B 52 -31.67 -43.62 -15.29
C ILE B 52 -32.15 -43.37 -13.88
N TYR B 53 -33.12 -44.17 -13.43
CA TYR B 53 -33.52 -44.19 -12.03
C TYR B 53 -33.58 -45.64 -11.60
N ARG B 54 -33.55 -45.85 -10.27
CA ARG B 54 -33.53 -47.19 -9.70
C ARG B 54 -32.42 -48.05 -10.32
N ALA B 55 -31.36 -47.39 -10.77
CA ALA B 55 -30.15 -48.07 -11.22
C ALA B 55 -30.27 -48.69 -12.59
N ASN B 56 -31.44 -49.23 -12.95
CA ASN B 56 -31.59 -50.02 -14.16
C ASN B 56 -32.67 -49.52 -15.12
N ARG B 57 -33.45 -48.51 -14.75
CA ARG B 57 -34.65 -48.13 -15.49
C ARG B 57 -34.45 -46.84 -16.28
N LEU B 58 -34.84 -46.86 -17.54
CA LEU B 58 -34.78 -45.65 -18.35
C LEU B 58 -35.93 -44.72 -17.99
N PHE B 59 -35.62 -43.44 -17.88
CA PHE B 59 -36.61 -42.40 -17.62
C PHE B 59 -37.37 -42.08 -18.91
N ASP B 60 -38.51 -41.41 -18.74
CA ASP B 60 -39.36 -41.07 -19.87
C ASP B 60 -38.60 -40.32 -20.94
N GLY B 61 -38.60 -40.89 -22.14
CA GLY B 61 -38.02 -40.25 -23.30
C GLY B 61 -36.53 -40.45 -23.48
N VAL B 62 -35.86 -41.14 -22.58
CA VAL B 62 -34.41 -41.28 -22.64
C VAL B 62 -34.07 -42.32 -23.71
N PRO B 63 -33.12 -42.03 -24.61
CA PRO B 63 -32.80 -42.98 -25.68
C PRO B 63 -32.42 -44.35 -25.13
N SER B 64 -32.63 -45.37 -25.97
CA SER B 64 -32.36 -46.75 -25.57
C SER B 64 -30.87 -47.04 -25.44
N ARG B 65 -30.00 -46.22 -26.04
CA ARG B 65 -28.57 -46.46 -25.91
C ARG B 65 -28.12 -46.38 -24.46
N PHE B 66 -28.86 -45.65 -23.63
CA PHE B 66 -28.50 -45.53 -22.22
C PHE B 66 -29.01 -46.74 -21.44
N SER B 67 -28.14 -47.29 -20.59
CA SER B 67 -28.48 -48.43 -19.74
C SER B 67 -27.76 -48.28 -18.40
N GLY B 68 -28.38 -48.79 -17.36
CA GLY B 68 -27.81 -48.76 -16.03
C GLY B 68 -27.74 -50.16 -15.44
N SER B 69 -26.60 -50.46 -14.81
CA SER B 69 -26.39 -51.72 -14.12
C SER B 69 -25.81 -51.44 -12.74
N GLY B 70 -25.83 -52.46 -11.89
CA GLY B 70 -25.26 -52.36 -10.57
C GLY B 70 -26.20 -52.84 -9.49
N SER B 71 -25.63 -53.00 -8.30
CA SER B 71 -26.34 -53.47 -7.12
C SER B 71 -25.45 -53.19 -5.91
N GLY B 72 -26.08 -53.01 -4.76
CA GLY B 72 -25.34 -52.77 -3.54
C GLY B 72 -24.58 -51.45 -3.54
N GLN B 73 -23.26 -51.50 -3.69
CA GLN B 73 -22.43 -50.30 -3.66
C GLN B 73 -21.94 -49.84 -5.03
N ASP B 74 -21.92 -50.72 -6.03
CA ASP B 74 -21.28 -50.46 -7.31
C ASP B 74 -22.33 -50.38 -8.41
N TYR B 75 -22.35 -49.27 -9.12
CA TYR B 75 -23.31 -49.03 -10.18
C TYR B 75 -22.58 -48.45 -11.38
N SER B 76 -23.23 -48.53 -12.54
CA SER B 76 -22.60 -48.11 -13.78
C SER B 76 -23.64 -47.64 -14.78
N LEU B 77 -23.25 -46.66 -15.59
CA LEU B 77 -24.03 -46.13 -16.70
C LEU B 77 -23.26 -46.43 -17.98
N THR B 78 -23.97 -46.83 -19.02
CA THR B 78 -23.33 -47.25 -20.26
C THR B 78 -24.10 -46.62 -21.42
N ILE B 79 -23.37 -46.04 -22.36
CA ILE B 79 -23.94 -45.51 -23.59
C ILE B 79 -23.49 -46.45 -24.70
N SER B 80 -24.45 -47.15 -25.31
CA SER B 80 -24.11 -48.22 -26.26
C SER B 80 -23.38 -47.65 -27.48
N SER B 81 -23.93 -46.60 -28.07
CA SER B 81 -23.28 -45.91 -29.19
C SER B 81 -23.33 -44.42 -28.89
N LEU B 82 -22.16 -43.80 -28.72
CA LEU B 82 -22.12 -42.41 -28.33
C LEU B 82 -22.72 -41.54 -29.42
N GLU B 83 -23.30 -40.41 -29.02
CA GLU B 83 -23.89 -39.46 -29.96
C GLU B 83 -23.52 -38.06 -29.52
N TYR B 84 -23.63 -37.11 -30.46
CA TYR B 84 -23.18 -35.75 -30.21
C TYR B 84 -23.92 -35.13 -29.03
N GLU B 85 -25.18 -35.49 -28.85
CA GLU B 85 -26.00 -34.93 -27.78
C GLU B 85 -25.66 -35.50 -26.41
N ASP B 86 -24.82 -36.51 -26.33
CA ASP B 86 -24.45 -37.14 -25.07
C ASP B 86 -23.30 -36.44 -24.33
N MET B 87 -22.69 -35.41 -24.89
CA MET B 87 -21.62 -34.74 -24.16
C MET B 87 -22.16 -33.93 -22.98
N GLY B 88 -21.35 -33.85 -21.95
CA GLY B 88 -21.66 -33.12 -20.74
C GLY B 88 -21.10 -33.84 -19.53
N ILE B 89 -21.58 -33.45 -18.36
CA ILE B 89 -21.20 -34.07 -17.10
C ILE B 89 -22.29 -35.01 -16.64
N PHE B 90 -21.90 -36.20 -16.18
CA PHE B 90 -22.84 -37.21 -15.71
C PHE B 90 -22.66 -37.39 -14.21
N TYR B 91 -23.75 -37.22 -13.47
CA TYR B 91 -23.74 -37.39 -12.03
C TYR B 91 -24.52 -38.64 -11.65
N CYS B 92 -24.15 -39.24 -10.52
CA CYS B 92 -24.95 -40.26 -9.87
C CYS B 92 -25.51 -39.70 -8.57
N LEU B 93 -26.68 -40.19 -8.18
CA LEU B 93 -27.41 -39.70 -7.02
C LEU B 93 -28.00 -40.88 -6.26
N GLN B 94 -27.76 -40.91 -4.95
CA GLN B 94 -28.40 -41.88 -4.08
C GLN B 94 -29.55 -41.20 -3.35
N TYR B 95 -30.71 -41.83 -3.36
CA TYR B 95 -31.88 -41.35 -2.63
C TYR B 95 -32.39 -42.44 -1.69
N ASP B 96 -31.47 -43.21 -1.14
CA ASP B 96 -31.79 -44.29 -0.21
C ASP B 96 -31.86 -43.84 1.24
N GLU B 97 -31.17 -42.75 1.57
CA GLU B 97 -31.04 -42.34 2.96
C GLU B 97 -30.65 -40.87 2.96
N PHE B 98 -31.24 -40.10 3.86
CA PHE B 98 -30.85 -38.71 3.99
C PHE B 98 -29.52 -38.59 4.73
N PRO B 99 -28.69 -37.60 4.37
CA PRO B 99 -28.86 -36.65 3.26
C PRO B 99 -28.61 -37.28 1.89
N PHE B 100 -29.48 -37.02 0.92
CA PHE B 100 -29.21 -37.47 -0.45
C PHE B 100 -27.91 -36.84 -0.94
N THR B 101 -27.10 -37.65 -1.63
CA THR B 101 -25.76 -37.25 -2.00
C THR B 101 -25.51 -37.50 -3.48
N PHE B 102 -24.69 -36.65 -4.08
CA PHE B 102 -24.35 -36.71 -5.48
C PHE B 102 -22.88 -37.11 -5.62
N GLY B 103 -22.58 -37.78 -6.71
CA GLY B 103 -21.20 -37.99 -7.07
C GLY B 103 -20.56 -36.72 -7.60
N SER B 104 -19.23 -36.73 -7.68
CA SER B 104 -18.50 -35.56 -8.13
C SER B 104 -18.68 -35.32 -9.64
N GLY B 105 -19.12 -36.33 -10.37
CA GLY B 105 -19.40 -36.18 -11.78
C GLY B 105 -18.31 -36.76 -12.67
N THR B 106 -18.71 -37.09 -13.89
CA THR B 106 -17.78 -37.54 -14.91
C THR B 106 -18.02 -36.66 -16.13
N LYS B 107 -17.04 -35.84 -16.50
CA LYS B 107 -17.14 -34.98 -17.67
C LYS B 107 -16.86 -35.82 -18.91
N LEU B 108 -17.74 -35.72 -19.90
CA LEU B 108 -17.64 -36.49 -21.14
C LEU B 108 -17.54 -35.51 -22.30
N GLU B 109 -16.41 -35.51 -22.97
CA GLU B 109 -16.13 -34.62 -24.08
C GLU B 109 -15.87 -35.42 -25.34
N LEU B 110 -15.99 -34.76 -26.48
CA LEU B 110 -15.94 -35.44 -27.76
C LEU B 110 -14.52 -35.44 -28.32
N LYS B 111 -14.04 -36.62 -28.66
CA LYS B 111 -12.75 -36.75 -29.30
C LYS B 111 -12.83 -36.19 -30.72
N ARG B 112 -11.74 -35.60 -31.17
CA ARG B 112 -11.65 -35.14 -32.55
C ARG B 112 -10.17 -35.01 -32.91
N THR B 113 -9.91 -34.60 -34.14
CA THR B 113 -8.55 -34.46 -34.61
C THR B 113 -7.96 -33.11 -34.19
N VAL B 114 -6.63 -33.08 -34.07
CA VAL B 114 -5.94 -31.86 -33.68
C VAL B 114 -6.38 -30.73 -34.60
N ALA B 115 -6.54 -29.54 -34.02
CA ALA B 115 -6.98 -28.35 -34.74
C ALA B 115 -6.16 -27.16 -34.27
N ALA B 116 -5.62 -26.38 -35.23
CA ALA B 116 -4.69 -25.30 -34.90
C ALA B 116 -5.45 -24.05 -34.48
N PRO B 117 -4.94 -23.30 -33.51
CA PRO B 117 -5.61 -22.07 -33.10
C PRO B 117 -5.35 -20.92 -34.06
N SER B 118 -6.40 -20.12 -34.28
CA SER B 118 -6.24 -18.79 -34.86
C SER B 118 -5.99 -17.78 -33.73
N VAL B 119 -4.90 -17.04 -33.85
CA VAL B 119 -4.41 -16.18 -32.80
C VAL B 119 -4.64 -14.72 -33.18
N PHE B 120 -5.23 -13.96 -32.25
CA PHE B 120 -5.44 -12.54 -32.41
C PHE B 120 -5.03 -11.83 -31.13
N ILE B 121 -4.56 -10.58 -31.28
CA ILE B 121 -4.14 -9.74 -30.16
C ILE B 121 -4.90 -8.42 -30.24
N PHE B 122 -5.28 -7.89 -29.08
CA PHE B 122 -6.07 -6.65 -29.00
C PHE B 122 -5.35 -5.67 -28.09
N PRO B 123 -4.99 -4.48 -28.56
CA PRO B 123 -4.41 -3.49 -27.66
C PRO B 123 -5.48 -2.87 -26.78
N PRO B 124 -5.09 -2.22 -25.69
CA PRO B 124 -6.10 -1.58 -24.82
C PRO B 124 -6.80 -0.43 -25.52
N SER B 125 -8.08 -0.26 -25.19
CA SER B 125 -8.86 0.84 -25.73
C SER B 125 -8.42 2.17 -25.13
N ASP B 126 -8.56 3.24 -25.94
CA ASP B 126 -8.31 4.58 -25.42
C ASP B 126 -9.24 4.90 -24.26
N GLU B 127 -10.48 4.40 -24.30
CA GLU B 127 -11.39 4.62 -23.18
C GLU B 127 -10.78 4.10 -21.89
N GLN B 128 -10.25 2.88 -21.92
CA GLN B 128 -9.70 2.27 -20.71
C GLN B 128 -8.45 2.99 -20.23
N LEU B 129 -7.51 3.29 -21.14
CA LEU B 129 -6.27 3.93 -20.73
C LEU B 129 -6.55 5.22 -19.95
N LYS B 130 -7.55 5.97 -20.35
CA LYS B 130 -7.94 7.15 -19.58
C LYS B 130 -8.26 6.81 -18.13
N SER B 131 -8.69 5.58 -17.87
CA SER B 131 -9.04 5.18 -16.51
C SER B 131 -7.82 4.75 -15.70
N GLY B 132 -6.67 4.58 -16.35
CA GLY B 132 -5.43 4.27 -15.65
C GLY B 132 -4.93 2.86 -15.85
N THR B 133 -5.72 1.96 -16.42
CA THR B 133 -5.32 0.58 -16.62
C THR B 133 -5.26 0.25 -18.09
N ALA B 134 -4.51 -0.80 -18.40
CA ALA B 134 -4.32 -1.25 -19.78
C ALA B 134 -4.44 -2.76 -19.83
N SER B 135 -5.44 -3.26 -20.55
CA SER B 135 -5.63 -4.70 -20.70
C SER B 135 -5.31 -5.08 -22.14
N VAL B 136 -4.37 -6.00 -22.31
CA VAL B 136 -4.02 -6.55 -23.61
C VAL B 136 -4.55 -7.97 -23.67
N VAL B 137 -5.34 -8.28 -24.69
CA VAL B 137 -6.07 -9.54 -24.79
C VAL B 137 -5.51 -10.33 -25.96
N CYS B 138 -5.21 -11.60 -25.73
CA CYS B 138 -4.78 -12.54 -26.75
C CYS B 138 -5.87 -13.60 -26.92
N LEU B 139 -6.27 -13.84 -28.17
CA LEU B 139 -7.38 -14.72 -28.49
C LEU B 139 -6.91 -15.90 -29.32
N LEU B 140 -7.16 -17.12 -28.81
CA LEU B 140 -6.94 -18.36 -29.55
C LEU B 140 -8.29 -18.97 -29.92
N ASN B 141 -8.57 -19.03 -31.21
CA ASN B 141 -9.88 -19.43 -31.68
C ASN B 141 -9.87 -20.83 -32.27
N ASN B 142 -10.76 -21.69 -31.77
CA ASN B 142 -11.12 -22.96 -32.41
C ASN B 142 -9.89 -23.87 -32.55
N PHE B 143 -9.48 -24.41 -31.41
CA PHE B 143 -8.35 -25.33 -31.40
C PHE B 143 -8.71 -26.58 -30.60
N TYR B 144 -7.92 -27.63 -30.79
CA TYR B 144 -8.06 -28.89 -30.07
C TYR B 144 -6.69 -29.57 -30.04
N PRO B 145 -6.27 -30.11 -28.90
CA PRO B 145 -6.96 -30.24 -27.63
C PRO B 145 -6.94 -29.00 -26.72
N ARG B 146 -7.51 -29.13 -25.51
CA ARG B 146 -7.60 -28.00 -24.60
C ARG B 146 -6.23 -27.43 -24.24
N GLU B 147 -5.22 -28.28 -24.15
CA GLU B 147 -3.90 -27.85 -23.70
C GLU B 147 -3.30 -26.86 -24.68
N ALA B 148 -2.84 -25.72 -24.15
CA ALA B 148 -2.22 -24.68 -24.94
C ALA B 148 -1.45 -23.80 -23.97
N LYS B 149 -0.24 -23.40 -24.36
CA LYS B 149 0.61 -22.52 -23.57
C LYS B 149 0.58 -21.13 -24.19
N VAL B 150 0.23 -20.13 -23.39
CA VAL B 150 0.21 -18.73 -23.84
C VAL B 150 1.23 -17.93 -23.02
N GLN B 151 2.25 -17.40 -23.69
CA GLN B 151 3.27 -16.60 -23.05
C GLN B 151 3.19 -15.15 -23.52
N TRP B 152 3.20 -14.22 -22.57
CA TRP B 152 3.24 -12.81 -22.87
C TRP B 152 4.69 -12.30 -22.83
N LYS B 153 5.00 -11.38 -23.74
CA LYS B 153 6.37 -10.87 -23.88
C LYS B 153 6.27 -9.38 -24.16
N VAL B 154 6.54 -8.56 -23.14
CA VAL B 154 6.56 -7.11 -23.27
C VAL B 154 8.01 -6.69 -23.51
N ASP B 155 8.28 -6.13 -24.70
CA ASP B 155 9.64 -5.80 -25.09
C ASP B 155 10.55 -7.02 -24.96
N ASN B 156 10.05 -8.17 -25.39
CA ASN B 156 10.76 -9.45 -25.31
C ASN B 156 11.08 -9.87 -23.89
N ALA B 157 10.41 -9.28 -22.90
CA ALA B 157 10.56 -9.69 -21.51
C ALA B 157 9.35 -10.56 -21.16
N LEU B 158 9.60 -11.82 -20.84
CA LEU B 158 8.51 -12.74 -20.52
C LEU B 158 7.78 -12.21 -19.29
N GLN B 159 6.45 -12.33 -19.29
CA GLN B 159 5.65 -11.85 -18.18
C GLN B 159 5.24 -13.00 -17.27
N SER B 160 5.00 -12.68 -16.01
CA SER B 160 4.56 -13.68 -15.04
C SER B 160 3.77 -13.03 -13.92
N GLY B 161 2.66 -13.66 -13.55
CA GLY B 161 1.83 -13.21 -12.46
C GLY B 161 0.81 -12.13 -12.81
N ASN B 162 0.83 -11.60 -14.03
CA ASN B 162 -0.02 -10.48 -14.38
C ASN B 162 -0.99 -10.81 -15.53
N SER B 163 -1.25 -12.09 -15.78
CA SER B 163 -2.17 -12.50 -16.83
C SER B 163 -3.15 -13.54 -16.28
N GLN B 164 -4.35 -13.53 -16.84
CA GLN B 164 -5.36 -14.55 -16.56
C GLN B 164 -5.93 -15.11 -17.86
N GLU B 165 -6.45 -16.33 -17.76
CA GLU B 165 -6.92 -17.09 -18.91
C GLU B 165 -8.31 -17.63 -18.65
N SER B 166 -9.06 -17.79 -19.73
CA SER B 166 -10.41 -18.33 -19.69
C SER B 166 -10.59 -19.16 -20.95
N VAL B 167 -11.22 -20.32 -20.78
CA VAL B 167 -11.40 -21.27 -21.89
C VAL B 167 -12.88 -21.61 -21.99
N THR B 168 -13.39 -21.64 -23.21
CA THR B 168 -14.77 -22.03 -23.44
C THR B 168 -14.93 -23.55 -23.32
N GLU B 169 -16.18 -23.98 -23.22
CA GLU B 169 -16.48 -25.40 -23.32
C GLU B 169 -16.42 -25.82 -24.78
N GLN B 170 -16.46 -27.13 -25.01
CA GLN B 170 -16.32 -27.64 -26.37
C GLN B 170 -17.41 -27.07 -27.26
N ASP B 171 -17.01 -26.59 -28.44
CA ASP B 171 -17.97 -26.07 -29.41
C ASP B 171 -18.92 -27.17 -29.89
N SER B 172 -20.15 -26.77 -30.20
CA SER B 172 -21.18 -27.73 -30.58
C SER B 172 -20.97 -28.25 -32.01
N LYS B 173 -20.45 -27.43 -32.91
CA LYS B 173 -20.36 -27.81 -34.32
C LYS B 173 -19.00 -28.41 -34.68
N ASP B 174 -17.90 -27.82 -34.22
CA ASP B 174 -16.56 -28.30 -34.52
C ASP B 174 -15.90 -29.00 -33.33
N SER B 175 -16.49 -28.89 -32.13
CA SER B 175 -15.93 -29.51 -30.92
C SER B 175 -14.55 -28.97 -30.58
N THR B 176 -14.29 -27.71 -30.92
CA THR B 176 -13.02 -27.08 -30.59
C THR B 176 -13.17 -26.22 -29.33
N TYR B 177 -12.01 -25.76 -28.85
CA TYR B 177 -11.96 -24.86 -27.71
C TYR B 177 -11.46 -23.49 -28.18
N SER B 178 -11.84 -22.46 -27.41
CA SER B 178 -11.31 -21.12 -27.60
C SER B 178 -10.81 -20.61 -26.26
N LEU B 179 -9.77 -19.78 -26.30
CA LEU B 179 -9.10 -19.31 -25.10
C LEU B 179 -8.86 -17.81 -25.17
N SER B 180 -9.06 -17.15 -24.03
CA SER B 180 -8.82 -15.73 -23.87
C SER B 180 -7.79 -15.52 -22.78
N SER B 181 -6.73 -14.78 -23.10
CA SER B 181 -5.69 -14.44 -22.14
C SER B 181 -5.58 -12.92 -22.06
N THR B 182 -5.70 -12.39 -20.84
CA THR B 182 -5.67 -10.94 -20.62
C THR B 182 -4.45 -10.57 -19.79
N LEU B 183 -3.60 -9.71 -20.33
CA LEU B 183 -2.50 -9.10 -19.59
C LEU B 183 -2.93 -7.71 -19.15
N THR B 184 -2.97 -7.49 -17.84
CA THR B 184 -3.37 -6.20 -17.29
C THR B 184 -2.14 -5.51 -16.68
N LEU B 185 -1.89 -4.27 -17.11
CA LEU B 185 -0.82 -3.45 -16.62
C LEU B 185 -1.39 -2.07 -16.34
N SER B 186 -0.81 -1.36 -15.36
CA SER B 186 -1.15 0.04 -15.18
C SER B 186 -0.80 0.81 -16.44
N LYS B 187 -1.49 1.94 -16.64
CA LYS B 187 -1.17 2.75 -17.80
C LYS B 187 0.28 3.22 -17.75
N ALA B 188 0.78 3.54 -16.56
CA ALA B 188 2.16 3.97 -16.45
C ALA B 188 3.10 2.92 -17.00
N ASP B 189 2.99 1.68 -16.50
CA ASP B 189 3.84 0.60 -16.99
C ASP B 189 3.59 0.32 -18.47
N TYR B 190 2.36 0.51 -18.93
CA TYR B 190 2.04 0.24 -20.32
C TYR B 190 2.74 1.23 -21.25
N GLU B 191 2.80 2.50 -20.88
CA GLU B 191 3.44 3.52 -21.70
C GLU B 191 4.96 3.42 -21.67
N LYS B 192 5.51 2.66 -20.73
CA LYS B 192 6.95 2.51 -20.58
C LYS B 192 7.57 1.58 -21.61
N HIS B 193 6.79 0.81 -22.35
CA HIS B 193 7.30 -0.22 -23.23
C HIS B 193 6.65 -0.10 -24.61
N LYS B 194 7.20 -0.83 -25.56
CA LYS B 194 6.81 -0.70 -26.96
C LYS B 194 6.19 -1.96 -27.53
N VAL B 195 6.89 -3.09 -27.45
CA VAL B 195 6.45 -4.33 -28.11
C VAL B 195 5.61 -5.16 -27.15
N TYR B 196 4.39 -5.48 -27.57
CA TYR B 196 3.50 -6.36 -26.80
C TYR B 196 3.20 -7.59 -27.65
N ALA B 197 3.76 -8.73 -27.25
CA ALA B 197 3.71 -9.95 -28.05
C ALA B 197 3.04 -11.05 -27.25
N CYS B 198 2.27 -11.87 -27.95
CA CYS B 198 1.62 -13.05 -27.37
C CYS B 198 2.10 -14.27 -28.14
N GLU B 199 2.86 -15.14 -27.48
CA GLU B 199 3.43 -16.31 -28.14
C GLU B 199 2.59 -17.52 -27.75
N VAL B 200 2.14 -18.27 -28.75
CA VAL B 200 1.22 -19.38 -28.59
C VAL B 200 1.91 -20.66 -29.03
N THR B 201 1.84 -21.69 -28.20
CA THR B 201 2.33 -23.02 -28.53
C THR B 201 1.18 -24.02 -28.38
N HIS B 202 1.05 -24.90 -29.38
CA HIS B 202 -0.09 -25.80 -29.44
C HIS B 202 0.25 -26.92 -30.41
N GLN B 203 -0.28 -28.11 -30.13
CA GLN B 203 0.09 -29.30 -30.88
C GLN B 203 -0.34 -29.23 -32.35
N GLY B 204 -1.34 -28.42 -32.68
CA GLY B 204 -1.73 -28.21 -34.06
C GLY B 204 -0.82 -27.31 -34.86
N LEU B 205 0.17 -26.69 -34.22
CA LEU B 205 1.14 -25.83 -34.88
C LEU B 205 2.50 -26.49 -34.94
N SER B 206 3.20 -26.32 -36.06
CA SER B 206 4.54 -26.88 -36.19
C SER B 206 5.55 -26.10 -35.37
N SER B 207 5.40 -24.79 -35.27
CA SER B 207 6.25 -23.94 -34.45
C SER B 207 5.37 -22.93 -33.73
N PRO B 208 5.82 -22.41 -32.58
CA PRO B 208 5.01 -21.43 -31.85
C PRO B 208 4.64 -20.25 -32.73
N VAL B 209 3.44 -19.72 -32.49
CA VAL B 209 2.92 -18.56 -33.21
C VAL B 209 2.92 -17.37 -32.26
N THR B 210 3.47 -16.24 -32.72
CA THR B 210 3.58 -15.04 -31.91
C THR B 210 2.83 -13.92 -32.62
N LYS B 211 1.83 -13.35 -31.94
CA LYS B 211 1.14 -12.17 -32.43
C LYS B 211 1.54 -10.98 -31.56
N SER B 212 1.80 -9.84 -32.21
CA SER B 212 2.31 -8.69 -31.46
C SER B 212 1.88 -7.38 -32.10
N PHE B 213 2.06 -6.31 -31.34
CA PHE B 213 1.87 -4.96 -31.84
C PHE B 213 2.84 -4.02 -31.14
N ASN B 214 3.03 -2.85 -31.73
CA ASN B 214 3.82 -1.76 -31.15
C ASN B 214 2.89 -0.64 -30.71
N ARG B 215 3.02 -0.25 -29.45
CA ARG B 215 2.11 0.74 -28.87
C ARG B 215 2.00 2.01 -29.72
N GLY B 216 3.06 2.38 -30.40
CA GLY B 216 3.01 3.51 -31.31
C GLY B 216 2.15 3.25 -32.52
N GLU C 5 17.21 26.62 -22.42
CA GLU C 5 16.41 26.56 -21.22
C GLU C 5 16.03 27.99 -20.72
N VAL C 6 14.94 28.06 -19.95
CA VAL C 6 14.44 29.33 -19.42
C VAL C 6 15.33 29.80 -18.27
N LYS C 7 15.78 31.05 -18.34
CA LYS C 7 16.63 31.60 -17.30
C LYS C 7 16.19 33.04 -17.02
N LEU C 8 15.85 33.30 -15.75
CA LEU C 8 15.53 34.64 -15.27
C LEU C 8 16.59 35.04 -14.25
N VAL C 9 17.28 36.15 -14.51
CA VAL C 9 18.43 36.57 -13.73
C VAL C 9 18.19 37.98 -13.21
N GLU C 10 18.07 38.12 -11.89
CA GLU C 10 17.81 39.41 -11.27
C GLU C 10 19.10 40.11 -10.88
N SER C 11 18.97 41.43 -10.71
CA SER C 11 20.09 42.27 -10.30
C SER C 11 19.48 43.49 -9.63
N GLY C 12 20.26 44.09 -8.74
CA GLY C 12 19.87 45.33 -8.10
C GLY C 12 19.54 45.09 -6.65
N GLY C 13 18.95 46.11 -6.04
CA GLY C 13 18.57 46.01 -4.65
C GLY C 13 19.77 46.25 -3.76
N GLY C 14 19.57 46.02 -2.47
CA GLY C 14 20.61 46.21 -1.48
C GLY C 14 20.04 46.95 -0.30
N LEU C 15 20.90 47.65 0.43
CA LEU C 15 20.51 48.44 1.59
C LEU C 15 20.30 49.87 1.15
N VAL C 16 19.18 50.46 1.55
CA VAL C 16 18.81 51.81 1.15
C VAL C 16 18.11 52.50 2.30
N LYS C 17 18.38 53.81 2.45
CA LYS C 17 17.64 54.53 3.46
C LYS C 17 16.22 54.78 2.96
N PRO C 18 15.23 54.88 3.85
CA PRO C 18 13.86 55.12 3.40
C PRO C 18 13.75 56.38 2.57
N GLY C 19 12.81 56.38 1.64
CA GLY C 19 12.62 57.48 0.71
C GLY C 19 13.49 57.45 -0.52
N GLY C 20 14.45 56.55 -0.61
CA GLY C 20 15.32 56.47 -1.76
C GLY C 20 14.63 55.80 -2.92
N SER C 21 15.41 55.57 -3.98
CA SER C 21 14.91 55.03 -5.23
C SER C 21 15.91 54.01 -5.75
N LEU C 22 15.41 52.95 -6.36
CA LEU C 22 16.26 51.91 -6.91
C LEU C 22 15.51 51.19 -8.02
N LYS C 23 16.27 50.69 -8.99
CA LYS C 23 15.72 49.94 -10.10
C LYS C 23 16.22 48.50 -10.03
N LEU C 24 15.32 47.54 -10.19
CA LEU C 24 15.68 46.15 -10.32
C LEU C 24 15.63 45.76 -11.79
N SER C 25 16.46 44.81 -12.18
CA SER C 25 16.50 44.30 -13.54
C SER C 25 16.40 42.78 -13.52
N CYS C 26 15.79 42.22 -14.55
CA CYS C 26 15.63 40.78 -14.71
C CYS C 26 15.92 40.43 -16.17
N ALA C 27 17.06 39.80 -16.41
CA ALA C 27 17.50 39.45 -17.76
C ALA C 27 16.91 38.10 -18.15
N ALA C 28 16.02 38.10 -19.13
CA ALA C 28 15.35 36.89 -19.56
C ALA C 28 16.11 36.23 -20.70
N SER C 29 16.07 34.91 -20.72
CA SER C 29 16.73 34.13 -21.76
C SER C 29 16.03 32.78 -21.85
N GLY C 30 16.14 32.17 -23.03
CA GLY C 30 15.58 30.86 -23.26
C GLY C 30 14.14 30.85 -23.70
N PHE C 31 13.59 31.98 -24.10
CA PHE C 31 12.21 32.03 -24.57
C PHE C 31 11.98 33.37 -25.24
N THR C 32 10.94 33.42 -26.09
CA THR C 32 10.58 34.65 -26.78
C THR C 32 9.95 35.64 -25.80
N PHE C 33 10.81 36.41 -25.13
CA PHE C 33 10.38 37.31 -24.06
C PHE C 33 9.21 38.19 -24.47
N THR C 34 9.13 38.58 -25.73
CA THR C 34 8.18 39.62 -26.11
C THR C 34 6.73 39.21 -25.93
N ASN C 35 6.40 37.95 -26.21
CA ASN C 35 4.98 37.56 -26.16
C ASN C 35 4.49 37.29 -24.75
N TYR C 36 5.38 37.11 -23.77
CA TYR C 36 5.00 36.67 -22.45
C TYR C 36 4.70 37.87 -21.54
N ALA C 37 3.60 37.77 -20.79
CA ALA C 37 3.39 38.66 -19.66
C ALA C 37 4.35 38.30 -18.53
N MET C 38 4.67 39.29 -17.70
CA MET C 38 5.65 39.11 -16.65
C MET C 38 5.16 39.79 -15.37
N SER C 39 5.69 39.33 -14.24
CA SER C 39 5.28 39.87 -12.94
C SER C 39 6.49 39.96 -12.02
N TRP C 40 6.39 40.83 -11.02
CA TRP C 40 7.32 40.89 -9.90
C TRP C 40 6.58 40.41 -8.65
N VAL C 41 7.23 39.54 -7.90
CA VAL C 41 6.71 39.04 -6.63
C VAL C 41 7.81 39.16 -5.60
N ARG C 42 7.44 39.48 -4.36
CA ARG C 42 8.41 39.64 -3.28
C ARG C 42 8.03 38.77 -2.08
N GLN C 43 9.04 38.35 -1.33
CA GLN C 43 8.86 37.53 -0.13
C GLN C 43 9.41 38.29 1.06
N THR C 44 8.56 38.51 2.06
CA THR C 44 8.94 39.33 3.20
C THR C 44 9.80 38.53 4.18
N PRO C 45 10.44 39.21 5.14
CA PRO C 45 11.21 38.47 6.15
C PRO C 45 10.37 37.41 6.85
N GLU C 46 9.07 37.64 6.97
CA GLU C 46 8.13 36.66 7.52
C GLU C 46 7.84 35.51 6.56
N LYS C 47 8.45 35.48 5.37
CA LYS C 47 8.28 34.43 4.37
C LYS C 47 6.90 34.44 3.72
N ARG C 48 6.19 35.56 3.76
CA ARG C 48 4.92 35.70 3.08
C ARG C 48 5.14 36.20 1.65
N LEU C 49 4.35 35.70 0.72
CA LEU C 49 4.46 36.09 -0.69
C LEU C 49 3.43 37.16 -1.03
N GLU C 50 3.88 38.24 -1.68
CA GLU C 50 3.03 39.36 -2.09
C GLU C 50 3.28 39.69 -3.55
N TRP C 51 2.21 39.73 -4.33
CA TRP C 51 2.29 40.18 -5.71
C TRP C 51 2.65 41.67 -5.71
N VAL C 52 3.64 42.05 -6.53
CA VAL C 52 4.17 43.40 -6.51
C VAL C 52 3.78 44.17 -7.77
N ALA C 53 3.82 43.53 -8.93
CA ALA C 53 3.50 44.23 -10.18
C ALA C 53 3.37 43.22 -11.31
N SER C 54 2.61 43.60 -12.33
CA SER C 54 2.44 42.78 -13.53
C SER C 54 2.41 43.68 -14.76
N ILE C 55 2.85 43.12 -15.89
CA ILE C 55 2.85 43.84 -17.17
C ILE C 55 2.50 42.87 -18.28
N SER C 56 1.52 43.24 -19.09
CA SER C 56 1.07 42.40 -20.19
C SER C 56 2.07 42.45 -21.34
N SER C 57 1.86 41.60 -22.34
CA SER C 57 2.67 41.65 -23.54
C SER C 57 2.50 42.97 -24.29
N GLY C 58 1.45 43.72 -23.98
CA GLY C 58 1.25 45.03 -24.58
C GLY C 58 1.69 46.16 -23.66
N HIS C 59 2.59 45.86 -22.74
CA HIS C 59 3.21 46.83 -21.85
C HIS C 59 2.21 47.48 -20.90
N THR C 60 1.06 46.88 -20.70
CA THR C 60 0.09 47.48 -19.78
C THR C 60 0.41 47.06 -18.35
N PRO C 61 0.59 48.03 -17.42
CA PRO C 61 1.00 47.65 -16.06
C PRO C 61 -0.15 47.51 -15.08
N TYR C 62 0.06 46.72 -14.03
CA TYR C 62 -0.93 46.44 -13.00
C TYR C 62 -0.20 46.41 -11.66
N TYR C 63 -0.76 47.06 -10.66
CA TYR C 63 -0.10 47.18 -9.36
C TYR C 63 -1.10 46.96 -8.24
N PRO C 64 -0.64 46.51 -7.07
CA PRO C 64 -1.47 46.63 -5.86
C PRO C 64 -1.33 48.00 -5.24
N ASP C 65 -2.28 48.32 -4.37
CA ASP C 65 -2.29 49.65 -3.74
C ASP C 65 -1.02 49.91 -2.95
N SER C 66 -0.41 48.85 -2.41
CA SER C 66 0.73 49.04 -1.53
C SER C 66 1.88 49.75 -2.23
N VAL C 67 2.06 49.50 -3.53
CA VAL C 67 3.14 50.11 -4.29
C VAL C 67 2.65 51.01 -5.40
N LYS C 68 1.34 51.17 -5.56
CA LYS C 68 0.80 51.96 -6.66
C LYS C 68 1.26 53.41 -6.52
N GLY C 69 1.84 53.94 -7.61
CA GLY C 69 2.36 55.28 -7.62
C GLY C 69 3.83 55.40 -7.28
N ARG C 70 4.41 54.42 -6.59
CA ARG C 70 5.82 54.44 -6.21
C ARG C 70 6.66 53.51 -7.07
N PHE C 71 6.15 52.34 -7.42
CA PHE C 71 6.86 51.35 -8.22
C PHE C 71 6.39 51.43 -9.67
N THR C 72 7.30 51.19 -10.60
CA THR C 72 7.01 51.22 -12.03
C THR C 72 7.58 49.95 -12.65
N ILE C 73 6.71 49.12 -13.22
CA ILE C 73 7.15 47.93 -13.92
C ILE C 73 7.37 48.30 -15.37
N SER C 74 8.47 47.81 -15.95
CA SER C 74 8.83 48.15 -17.31
C SER C 74 9.47 46.95 -17.99
N ARG C 75 9.58 47.02 -19.30
CA ARG C 75 10.20 45.96 -20.08
C ARG C 75 10.79 46.53 -21.35
N ASP C 76 11.98 46.08 -21.69
CA ASP C 76 12.62 46.39 -22.97
C ASP C 76 12.72 45.10 -23.77
N ASN C 77 11.76 44.88 -24.67
CA ASN C 77 11.76 43.65 -25.46
C ASN C 77 12.95 43.56 -26.39
N ALA C 78 13.66 44.66 -26.64
CA ALA C 78 14.84 44.62 -27.48
C ALA C 78 15.96 43.88 -26.77
N ARG C 79 16.27 44.28 -25.55
CA ARG C 79 17.29 43.63 -24.75
C ARG C 79 16.76 42.43 -23.97
N ASN C 80 15.45 42.19 -24.04
CA ASN C 80 14.82 41.12 -23.27
C ASN C 80 15.06 41.31 -21.77
N ILE C 81 14.57 42.43 -21.25
CA ILE C 81 14.81 42.78 -19.86
C ILE C 81 13.49 43.22 -19.22
N LEU C 82 13.26 42.78 -17.98
CA LEU C 82 12.18 43.28 -17.14
C LEU C 82 12.78 44.17 -16.06
N PHE C 83 12.11 45.29 -15.78
CA PHE C 83 12.57 46.26 -14.80
C PHE C 83 11.51 46.49 -13.73
N LEU C 84 11.97 46.90 -12.55
CA LEU C 84 11.08 47.38 -11.48
C LEU C 84 11.73 48.61 -10.86
N GLN C 85 11.32 49.78 -11.30
CA GLN C 85 11.77 51.02 -10.69
C GLN C 85 11.00 51.23 -9.41
N MET C 86 11.70 51.35 -8.30
CA MET C 86 11.09 51.63 -7.01
C MET C 86 11.49 53.02 -6.52
N SER C 87 10.52 53.78 -6.02
CA SER C 87 10.77 55.10 -5.46
C SER C 87 10.06 55.20 -4.11
N SER C 88 10.40 56.25 -3.37
CA SER C 88 9.79 56.51 -2.07
C SER C 88 9.78 55.24 -1.21
N LEU C 89 10.94 54.59 -1.13
CA LEU C 89 10.99 53.26 -0.54
C LEU C 89 10.65 53.30 0.95
N ARG C 90 9.93 52.28 1.39
CA ARG C 90 9.47 52.15 2.76
C ARG C 90 10.09 50.91 3.41
N SER C 91 10.02 50.89 4.74
CA SER C 91 10.51 49.71 5.46
C SER C 91 9.67 48.47 5.12
N GLU C 92 8.41 48.68 4.71
CA GLU C 92 7.55 47.56 4.32
C GLU C 92 7.93 47.00 2.95
N ASP C 93 8.83 47.64 2.23
CA ASP C 93 9.33 47.11 0.96
C ASP C 93 10.51 46.16 1.15
N THR C 94 11.05 46.06 2.35
CA THR C 94 12.11 45.10 2.63
C THR C 94 11.62 43.70 2.31
N ALA C 95 12.30 43.03 1.38
CA ALA C 95 11.90 41.69 0.98
C ALA C 95 12.86 41.17 -0.08
N MET C 96 12.77 39.86 -0.33
CA MET C 96 13.40 39.25 -1.50
C MET C 96 12.47 39.43 -2.69
N TYR C 97 12.98 40.03 -3.76
CA TYR C 97 12.17 40.36 -4.93
C TYR C 97 12.46 39.34 -6.03
N TYR C 98 11.40 38.70 -6.51
CA TYR C 98 11.49 37.68 -7.55
C TYR C 98 10.94 38.19 -8.87
N CYS C 99 11.58 37.77 -9.94
CA CYS C 99 11.09 37.89 -11.30
C CYS C 99 10.34 36.61 -11.65
N ALA C 100 9.27 36.74 -12.42
CA ALA C 100 8.43 35.59 -12.75
C ALA C 100 7.88 35.74 -14.15
N ARG C 101 7.90 34.63 -14.91
CA ARG C 101 7.37 34.60 -16.27
C ARG C 101 5.91 34.20 -16.22
N GLY C 102 5.09 34.87 -17.05
CA GLY C 102 3.67 34.63 -17.09
C GLY C 102 3.15 33.94 -18.34
N ASP C 103 2.03 34.46 -18.86
CA ASP C 103 1.25 33.79 -19.89
C ASP C 103 1.91 33.94 -21.25
N TYR C 104 2.13 32.82 -21.94
CA TYR C 104 2.68 32.87 -23.29
C TYR C 104 1.78 33.65 -24.25
N TYR C 105 0.49 33.79 -23.93
CA TYR C 105 -0.44 34.56 -24.72
C TYR C 105 -0.48 36.04 -24.31
N GLY C 106 0.27 36.42 -23.29
CA GLY C 106 0.49 37.82 -22.99
C GLY C 106 -0.40 38.43 -21.94
N SER C 107 -1.33 37.67 -21.37
CA SER C 107 -2.26 38.25 -20.39
C SER C 107 -1.66 38.22 -18.99
N VAL C 108 -1.89 39.28 -18.23
CA VAL C 108 -1.47 39.30 -16.83
C VAL C 108 -2.37 38.42 -15.96
N TYR C 109 -3.57 38.10 -16.44
CA TYR C 109 -4.49 37.24 -15.69
C TYR C 109 -4.20 35.77 -16.00
N SER C 110 -3.04 35.33 -15.52
CA SER C 110 -2.61 33.94 -15.71
C SER C 110 -1.57 33.62 -14.64
N ALA C 111 -1.27 32.33 -14.52
CA ALA C 111 -0.29 31.85 -13.55
C ALA C 111 1.14 32.15 -14.01
N MET C 112 2.09 31.94 -13.10
CA MET C 112 3.51 32.12 -13.36
C MET C 112 4.21 30.76 -13.42
N ASP C 113 4.91 30.51 -14.53
CA ASP C 113 5.61 29.22 -14.70
C ASP C 113 6.98 29.25 -14.01
N TYR C 114 7.85 30.19 -14.40
CA TYR C 114 9.22 30.20 -13.91
C TYR C 114 9.54 31.42 -13.06
N TRP C 115 10.45 31.25 -12.11
CA TRP C 115 10.87 32.30 -11.19
C TRP C 115 12.36 32.54 -11.28
N GLY C 116 12.78 33.78 -11.03
CA GLY C 116 14.19 34.10 -10.90
C GLY C 116 14.78 33.69 -9.56
N GLN C 117 16.09 33.89 -9.42
CA GLN C 117 16.73 33.50 -8.16
C GLN C 117 16.38 34.45 -7.03
N GLY C 118 15.96 35.67 -7.33
CA GLY C 118 15.64 36.64 -6.31
C GLY C 118 16.79 37.57 -5.97
N THR C 119 16.48 38.85 -5.75
CA THR C 119 17.46 39.83 -5.30
C THR C 119 16.88 40.53 -4.07
N SER C 120 17.73 40.77 -3.07
CA SER C 120 17.26 41.25 -1.78
C SER C 120 17.30 42.76 -1.70
N LEU C 121 16.31 43.34 -1.01
CA LEU C 121 16.24 44.77 -0.74
C LEU C 121 15.95 44.97 0.75
N THR C 122 16.73 45.83 1.39
CA THR C 122 16.51 46.22 2.76
C THR C 122 16.42 47.73 2.84
N VAL C 123 15.33 48.23 3.42
CA VAL C 123 15.08 49.67 3.54
C VAL C 123 15.24 50.01 5.01
N SER C 124 16.33 50.69 5.35
CA SER C 124 16.65 50.95 6.74
C SER C 124 17.46 52.24 6.84
N SER C 125 17.24 52.96 7.94
CA SER C 125 18.03 54.16 8.22
C SER C 125 19.42 53.82 8.71
N ALA C 126 19.63 52.60 9.19
CA ALA C 126 20.88 52.25 9.84
C ALA C 126 21.97 51.93 8.82
N SER C 127 23.22 52.08 9.26
CA SER C 127 24.40 51.76 8.47
C SER C 127 24.75 50.29 8.62
N THR C 128 25.50 49.78 7.65
CA THR C 128 25.95 48.39 7.72
C THR C 128 26.88 48.22 8.91
N LYS C 129 26.75 47.08 9.59
CA LYS C 129 27.57 46.74 10.74
C LYS C 129 28.19 45.38 10.47
N GLY C 130 29.52 45.32 10.55
CA GLY C 130 30.24 44.08 10.38
C GLY C 130 30.14 43.22 11.61
N PRO C 131 30.28 41.92 11.46
CA PRO C 131 30.08 41.03 12.61
C PRO C 131 31.31 40.97 13.50
N SER C 132 31.07 40.69 14.77
CA SER C 132 32.11 40.30 15.72
C SER C 132 32.09 38.77 15.80
N VAL C 133 33.23 38.15 15.51
CA VAL C 133 33.34 36.70 15.46
C VAL C 133 34.09 36.24 16.70
N PHE C 134 33.42 35.51 17.56
CA PHE C 134 34.01 34.99 18.77
C PHE C 134 34.05 33.47 18.71
N PRO C 135 35.04 32.85 19.33
CA PRO C 135 35.15 31.39 19.23
C PRO C 135 34.27 30.66 20.22
N LEU C 136 33.70 29.55 19.75
CA LEU C 136 32.99 28.57 20.58
C LEU C 136 34.00 27.45 20.71
N ALA C 137 34.79 27.50 21.78
CA ALA C 137 35.96 26.65 21.91
C ALA C 137 35.59 25.24 22.34
N PRO C 138 36.31 24.23 21.87
CA PRO C 138 36.06 22.87 22.34
C PRO C 138 36.59 22.72 23.76
N SER C 139 35.84 21.96 24.56
CA SER C 139 36.17 21.83 25.97
C SER C 139 35.71 20.47 26.46
N SER C 140 36.06 20.15 27.71
CA SER C 140 35.59 18.92 28.33
C SER C 140 34.07 18.86 28.34
N LYS C 141 33.40 20.01 28.35
CA LYS C 141 31.95 20.05 28.33
C LYS C 141 31.36 20.08 26.91
N SER C 142 32.20 20.18 25.87
CA SER C 142 31.75 20.12 24.50
C SER C 142 32.18 18.84 23.79
N THR C 143 32.69 17.86 24.52
CA THR C 143 33.09 16.58 23.95
C THR C 143 32.25 15.47 24.54
N SER C 144 32.22 14.34 23.84
CA SER C 144 31.54 13.14 24.31
C SER C 144 31.84 11.96 23.40
N GLY C 145 32.37 10.87 23.96
CA GLY C 145 32.57 9.67 23.18
C GLY C 145 33.64 9.75 22.13
N GLY C 146 34.39 10.83 22.07
CA GLY C 146 35.49 10.97 21.11
C GLY C 146 35.32 12.09 20.11
N THR C 147 34.16 12.74 20.08
CA THR C 147 33.90 13.85 19.17
C THR C 147 33.79 15.13 19.99
N ALA C 148 34.30 16.22 19.44
CA ALA C 148 34.28 17.52 20.09
C ALA C 148 33.46 18.49 19.28
N ALA C 149 32.74 19.38 19.97
CA ALA C 149 31.93 20.40 19.33
C ALA C 149 32.67 21.73 19.46
N LEU C 150 32.85 22.41 18.33
CA LEU C 150 33.45 23.73 18.27
C LEU C 150 32.61 24.55 17.30
N GLY C 151 32.80 25.86 17.31
CA GLY C 151 32.04 26.71 16.41
C GLY C 151 32.45 28.15 16.51
N CYS C 152 31.64 29.00 15.87
CA CYS C 152 31.86 30.43 15.83
C CYS C 152 30.54 31.15 16.10
N LEU C 153 30.59 32.14 16.97
CA LEU C 153 29.45 33.02 17.22
C LEU C 153 29.67 34.28 16.40
N VAL C 154 28.80 34.50 15.41
CA VAL C 154 28.87 35.65 14.52
C VAL C 154 27.82 36.62 15.03
N LYS C 155 28.27 37.65 15.74
CA LYS C 155 27.40 38.47 16.56
C LYS C 155 27.34 39.91 16.06
N ASP C 156 26.16 40.50 16.21
CA ASP C 156 25.98 41.93 16.01
C ASP C 156 26.38 42.36 14.60
N TYR C 157 25.57 42.06 13.60
CA TYR C 157 25.81 42.51 12.24
C TYR C 157 24.50 42.97 11.62
N PHE C 158 24.61 43.80 10.58
CA PHE C 158 23.44 44.32 9.89
C PHE C 158 23.85 44.86 8.54
N PRO C 159 23.06 44.60 7.47
CA PRO C 159 21.88 43.75 7.41
C PRO C 159 22.30 42.29 7.21
N GLU C 160 21.35 41.39 6.94
CA GLU C 160 21.67 40.07 6.44
C GLU C 160 22.10 40.16 4.97
N PRO C 161 22.81 39.15 4.46
CA PRO C 161 23.19 37.89 5.11
C PRO C 161 24.66 37.79 5.48
N VAL C 162 25.01 36.83 6.32
CA VAL C 162 26.39 36.47 6.60
C VAL C 162 26.54 34.99 6.27
N THR C 163 27.58 34.66 5.51
CA THR C 163 27.88 33.28 5.16
C THR C 163 29.09 32.78 5.95
N VAL C 164 29.12 31.48 6.22
CA VAL C 164 30.16 30.88 7.04
C VAL C 164 30.64 29.60 6.38
N SER C 165 31.94 29.48 6.19
CA SER C 165 32.58 28.24 5.76
C SER C 165 33.64 27.87 6.79
N TRP C 166 34.07 26.61 6.76
CA TRP C 166 35.08 26.10 7.68
C TRP C 166 36.28 25.62 6.88
N ASN C 167 37.47 26.04 7.28
CA ASN C 167 38.71 25.69 6.61
C ASN C 167 38.61 25.93 5.11
N SER C 168 38.13 27.12 4.75
CA SER C 168 38.00 27.54 3.36
C SER C 168 37.27 26.50 2.53
N GLY C 169 36.35 25.77 3.17
CA GLY C 169 35.54 24.79 2.47
C GLY C 169 35.98 23.36 2.66
N ALA C 170 37.17 23.13 3.20
CA ALA C 170 37.65 21.76 3.38
C ALA C 170 36.80 20.98 4.38
N LEU C 171 36.23 21.64 5.38
CA LEU C 171 35.47 20.98 6.43
C LEU C 171 33.99 21.26 6.23
N THR C 172 33.23 20.25 5.82
CA THR C 172 31.81 20.40 5.58
C THR C 172 30.91 19.38 6.28
N SER C 173 31.45 18.26 6.76
CA SER C 173 30.60 17.12 7.10
C SER C 173 29.78 17.36 8.35
N GLY C 174 30.41 17.77 9.43
CA GLY C 174 29.67 17.96 10.67
C GLY C 174 29.20 19.37 10.95
N VAL C 175 29.10 20.18 9.91
CA VAL C 175 28.82 21.60 10.07
C VAL C 175 27.33 21.84 10.25
N HIS C 176 26.98 22.66 11.23
CA HIS C 176 25.62 23.13 11.46
C HIS C 176 25.70 24.64 11.61
N THR C 177 25.34 25.38 10.58
CA THR C 177 25.26 26.83 10.64
C THR C 177 23.80 27.20 10.89
N PHE C 178 23.50 27.71 12.09
CA PHE C 178 22.13 27.97 12.48
C PHE C 178 21.60 29.22 11.77
N PRO C 179 20.28 29.35 11.67
CA PRO C 179 19.70 30.58 11.10
C PRO C 179 19.97 31.79 11.96
N ALA C 180 19.97 32.96 11.31
CA ALA C 180 20.15 34.21 12.02
C ALA C 180 18.93 34.52 12.88
N VAL C 181 19.18 35.08 14.05
CA VAL C 181 18.13 35.60 14.93
C VAL C 181 18.31 37.12 15.07
N LEU C 182 17.19 37.84 15.14
CA LEU C 182 17.23 39.25 15.45
C LEU C 182 17.34 39.41 16.96
N GLN C 183 18.37 40.10 17.43
CA GLN C 183 18.53 40.32 18.86
C GLN C 183 17.73 41.53 19.30
N SER C 184 17.52 41.64 20.61
CA SER C 184 16.81 42.79 21.16
C SER C 184 17.46 44.11 20.74
N SER C 185 18.78 44.09 20.49
CA SER C 185 19.49 45.26 20.03
C SER C 185 19.11 45.69 18.61
N GLY C 186 18.34 44.87 17.91
CA GLY C 186 18.07 45.14 16.51
C GLY C 186 19.13 44.64 15.58
N LEU C 187 20.20 44.03 16.10
CA LEU C 187 21.26 43.43 15.32
C LEU C 187 21.09 41.90 15.28
N TYR C 188 21.70 41.30 14.27
CA TYR C 188 21.57 39.86 14.05
C TYR C 188 22.77 39.12 14.63
N SER C 189 22.56 37.84 14.97
CA SER C 189 23.65 36.98 15.37
C SER C 189 23.25 35.53 15.10
N LEU C 190 24.16 34.79 14.49
CA LEU C 190 23.99 33.36 14.24
C LEU C 190 25.23 32.64 14.76
N SER C 191 25.10 31.33 14.93
CA SER C 191 26.19 30.47 15.36
C SER C 191 26.40 29.36 14.35
N SER C 192 27.65 28.96 14.19
CA SER C 192 28.03 27.84 13.31
C SER C 192 28.90 26.90 14.12
N VAL C 193 28.49 25.63 14.19
CA VAL C 193 29.20 24.63 14.97
C VAL C 193 29.56 23.45 14.08
N VAL C 194 30.62 22.73 14.46
CA VAL C 194 31.09 21.56 13.74
C VAL C 194 31.59 20.54 14.75
N THR C 195 31.21 19.28 14.54
CA THR C 195 31.71 18.18 15.36
C THR C 195 32.94 17.56 14.70
N VAL C 196 33.98 17.33 15.49
CA VAL C 196 35.24 16.79 14.99
C VAL C 196 35.79 15.79 16.02
N PRO C 197 36.70 14.93 15.58
CA PRO C 197 37.31 14.01 16.54
C PRO C 197 38.13 14.76 17.59
N SER C 198 37.97 14.37 18.85
CA SER C 198 38.77 14.97 19.92
C SER C 198 40.26 14.80 19.62
N SER C 199 40.64 13.65 19.05
CA SER C 199 42.04 13.37 18.78
C SER C 199 42.69 14.37 17.83
N SER C 200 41.88 15.13 17.08
CA SER C 200 42.40 16.04 16.09
C SER C 200 42.54 17.47 16.59
N LEU C 201 42.28 17.72 17.87
CA LEU C 201 42.22 19.10 18.34
C LEU C 201 43.62 19.70 18.46
N GLY C 202 44.58 18.89 18.90
CA GLY C 202 45.95 19.37 19.02
C GLY C 202 46.74 19.39 17.73
N THR C 203 46.21 18.83 16.66
CA THR C 203 46.95 18.67 15.42
C THR C 203 46.32 19.38 14.23
N GLN C 204 45.00 19.53 14.22
CA GLN C 204 44.30 20.24 13.15
C GLN C 204 43.89 21.61 13.64
N THR C 205 44.15 22.64 12.83
CA THR C 205 43.68 23.99 13.14
C THR C 205 42.32 24.15 12.50
N TYR C 206 41.38 24.75 13.24
CA TYR C 206 40.03 24.95 12.75
C TYR C 206 39.77 26.45 12.66
N ILE C 207 39.36 26.89 11.47
CA ILE C 207 39.14 28.29 11.21
C ILE C 207 37.78 28.43 10.55
N CYS C 208 36.92 29.26 11.13
CA CYS C 208 35.65 29.59 10.50
C CYS C 208 35.87 30.87 9.69
N ASN C 209 35.48 30.81 8.42
CA ASN C 209 35.61 31.94 7.52
C ASN C 209 34.24 32.60 7.41
N VAL C 210 34.12 33.78 8.02
CA VAL C 210 32.86 34.53 8.05
C VAL C 210 32.94 35.63 7.02
N ASN C 211 31.90 35.77 6.21
CA ASN C 211 31.84 36.75 5.15
C ASN C 211 30.55 37.54 5.30
N HIS C 212 30.66 38.86 5.28
CA HIS C 212 29.50 39.74 5.40
C HIS C 212 29.58 40.70 4.21
N LYS C 213 28.97 40.34 3.08
CA LYS C 213 29.13 41.18 1.89
C LYS C 213 28.51 42.55 2.06
N PRO C 214 27.38 42.74 2.75
CA PRO C 214 26.84 44.10 2.91
C PRO C 214 27.83 45.07 3.50
N SER C 215 28.74 44.61 4.36
CA SER C 215 29.77 45.44 4.95
C SER C 215 31.14 45.26 4.32
N ASN C 216 31.28 44.43 3.30
CA ASN C 216 32.57 44.15 2.69
C ASN C 216 33.56 43.62 3.73
N THR C 217 33.05 42.93 4.74
CA THR C 217 33.85 42.42 5.85
C THR C 217 34.09 40.93 5.70
N LYS C 218 35.36 40.55 5.62
CA LYS C 218 35.78 39.15 5.62
C LYS C 218 36.52 38.87 6.91
N VAL C 219 36.22 37.75 7.56
CA VAL C 219 36.91 37.39 8.81
C VAL C 219 37.22 35.89 8.80
N ASP C 220 38.40 35.53 9.31
CA ASP C 220 38.84 34.15 9.47
C ASP C 220 39.33 33.98 10.90
N LYS C 221 38.49 33.41 11.75
CA LYS C 221 38.82 33.22 13.16
C LYS C 221 39.19 31.78 13.44
N LYS C 222 40.38 31.62 14.04
CA LYS C 222 40.86 30.32 14.51
C LYS C 222 40.28 30.07 15.90
N VAL C 223 39.55 28.98 16.06
CA VAL C 223 39.01 28.59 17.37
C VAL C 223 39.97 27.56 17.96
N GLU C 224 40.44 27.82 19.17
CA GLU C 224 41.43 26.96 19.78
C GLU C 224 40.84 26.25 20.98
N PRO C 225 41.32 25.06 21.32
CA PRO C 225 40.81 24.40 22.51
C PRO C 225 41.17 25.18 23.77
N LYS C 226 40.37 24.97 24.82
CA LYS C 226 40.62 25.59 26.11
C LYS C 226 40.31 24.58 27.23
N GLU D 5 -9.36 42.50 -0.79
CA GLU D 5 -8.59 41.46 -1.50
C GLU D 5 -9.10 40.07 -1.15
N ILE D 6 -8.83 39.11 -2.03
CA ILE D 6 -9.20 37.73 -1.75
C ILE D 6 -8.17 37.11 -0.81
N ARG D 7 -8.66 36.54 0.29
CA ARG D 7 -7.79 35.95 1.31
C ARG D 7 -7.69 34.45 1.08
N MET D 8 -6.48 33.91 1.14
CA MET D 8 -6.22 32.50 0.89
C MET D 8 -5.70 31.86 2.17
N THR D 9 -6.38 30.80 2.62
CA THR D 9 -6.02 30.06 3.81
C THR D 9 -5.68 28.62 3.42
N GLN D 10 -4.59 28.11 3.97
CA GLN D 10 -4.12 26.76 3.70
C GLN D 10 -4.15 25.93 4.97
N SER D 11 -4.24 24.62 4.80
CA SER D 11 -4.26 23.69 5.90
C SER D 11 -3.63 22.37 5.48
N PRO D 12 -2.85 21.73 6.35
CA PRO D 12 -2.41 22.19 7.68
C PRO D 12 -1.27 23.19 7.53
N SER D 13 -0.94 23.94 8.59
CA SER D 13 0.22 24.83 8.50
C SER D 13 1.51 24.04 8.38
N SER D 14 1.59 22.89 9.04
CA SER D 14 2.79 22.06 9.03
C SER D 14 2.36 20.59 9.06
N MET D 15 3.27 19.73 8.63
CA MET D 15 2.92 18.32 8.46
C MET D 15 4.15 17.45 8.26
N TYR D 16 4.14 16.29 8.90
CA TYR D 16 5.14 15.26 8.74
C TYR D 16 4.57 14.07 7.99
N ALA D 17 5.36 13.48 7.10
CA ALA D 17 4.92 12.31 6.36
C ALA D 17 6.11 11.39 6.11
N SER D 18 5.80 10.16 5.73
CA SER D 18 6.82 9.18 5.40
C SER D 18 6.90 9.04 3.88
N LEU D 19 8.08 8.68 3.38
CA LEU D 19 8.24 8.49 1.95
C LEU D 19 7.21 7.48 1.44
N GLY D 20 6.69 7.75 0.25
CA GLY D 20 5.66 6.91 -0.33
C GLY D 20 4.25 7.18 0.16
N GLU D 21 4.08 8.00 1.18
CA GLU D 21 2.73 8.31 1.64
C GLU D 21 1.98 9.15 0.58
N ARG D 22 0.66 9.12 0.66
CA ARG D 22 -0.20 9.95 -0.19
C ARG D 22 -0.62 11.14 0.66
N VAL D 23 -0.17 12.33 0.27
CA VAL D 23 -0.39 13.55 1.03
C VAL D 23 -1.34 14.47 0.28
N THR D 24 -2.26 15.08 1.00
CA THR D 24 -3.17 16.06 0.41
C THR D 24 -3.26 17.27 1.34
N VAL D 25 -3.04 18.46 0.77
CA VAL D 25 -3.12 19.73 1.50
C VAL D 25 -4.18 20.58 0.82
N THR D 26 -4.80 21.47 1.60
CA THR D 26 -5.98 22.20 1.14
C THR D 26 -5.76 23.71 1.15
N CYS D 27 -6.50 24.39 0.28
CA CYS D 27 -6.48 25.84 0.15
C CYS D 27 -7.92 26.31 -0.01
N LYS D 28 -8.27 27.38 0.70
CA LYS D 28 -9.64 27.91 0.72
C LYS D 28 -9.58 29.40 0.41
N ALA D 29 -10.46 29.85 -0.49
CA ALA D 29 -10.51 31.23 -0.91
C ALA D 29 -11.73 31.92 -0.30
N SER D 30 -11.62 33.24 -0.12
CA SER D 30 -12.70 34.00 0.45
C SER D 30 -13.83 34.25 -0.54
N GLN D 31 -13.59 34.06 -1.83
CA GLN D 31 -14.59 34.29 -2.86
C GLN D 31 -14.53 33.14 -3.85
N ASP D 32 -15.52 33.07 -4.72
CA ASP D 32 -15.43 32.16 -5.86
C ASP D 32 -14.21 32.52 -6.68
N ILE D 33 -13.33 31.54 -6.89
CA ILE D 33 -12.07 31.75 -7.60
C ILE D 33 -12.14 31.24 -9.05
N ASN D 34 -13.17 30.47 -9.40
CA ASN D 34 -13.36 30.01 -10.78
C ASN D 34 -12.16 29.19 -11.25
N SER D 35 -11.57 28.44 -10.33
CA SER D 35 -10.48 27.52 -10.62
C SER D 35 -9.21 28.23 -11.12
N TYR D 36 -9.11 29.55 -10.96
CA TYR D 36 -7.88 30.27 -11.26
C TYR D 36 -6.98 30.23 -10.02
N LEU D 37 -6.33 29.08 -9.83
CA LEU D 37 -5.62 28.73 -8.61
C LEU D 37 -4.38 27.94 -8.99
N SER D 38 -3.24 28.33 -8.45
CA SER D 38 -1.97 27.67 -8.71
C SER D 38 -1.35 27.18 -7.42
N TRP D 39 -0.63 26.07 -7.52
CA TRP D 39 0.14 25.52 -6.41
C TRP D 39 1.63 25.64 -6.69
N LEU D 40 2.40 26.09 -5.70
CA LEU D 40 3.84 26.22 -5.83
C LEU D 40 4.54 25.48 -4.70
N GLN D 41 5.76 25.03 -4.96
CA GLN D 41 6.61 24.40 -3.95
C GLN D 41 7.86 25.24 -3.79
N GLN D 42 8.24 25.51 -2.54
CA GLN D 42 9.47 26.25 -2.25
C GLN D 42 10.31 25.47 -1.27
N LYS D 43 11.54 25.19 -1.65
CA LYS D 43 12.53 24.55 -0.79
C LYS D 43 13.33 25.61 -0.04
N PRO D 44 13.81 25.29 1.16
CA PRO D 44 14.45 26.31 1.99
C PRO D 44 15.67 26.94 1.31
N GLY D 45 15.64 28.27 1.22
CA GLY D 45 16.73 29.02 0.63
C GLY D 45 16.83 28.95 -0.88
N LYS D 46 15.77 28.57 -1.59
CA LYS D 46 15.78 28.49 -3.04
C LYS D 46 14.53 29.21 -3.55
N SER D 47 14.47 29.43 -4.87
CA SER D 47 13.33 30.16 -5.43
C SER D 47 12.14 29.22 -5.64
N PRO D 48 10.93 29.78 -5.63
CA PRO D 48 9.75 28.94 -5.83
C PRO D 48 9.72 28.27 -7.21
N LYS D 49 8.97 27.19 -7.29
CA LYS D 49 8.76 26.47 -8.54
C LYS D 49 7.29 26.11 -8.66
N THR D 50 6.64 26.58 -9.73
CA THR D 50 5.21 26.39 -9.90
C THR D 50 4.91 24.99 -10.42
N LEU D 51 3.91 24.35 -9.83
CA LEU D 51 3.51 22.99 -10.20
C LEU D 51 2.20 22.92 -10.96
N ILE D 52 1.13 23.51 -10.44
CA ILE D 52 -0.20 23.42 -11.01
C ILE D 52 -0.76 24.81 -11.29
N TYR D 53 -1.49 24.93 -12.39
CA TYR D 53 -2.27 26.10 -12.71
C TYR D 53 -3.68 25.67 -13.11
N ARG D 54 -4.59 26.63 -13.17
CA ARG D 54 -6.01 26.35 -13.45
C ARG D 54 -6.54 25.28 -12.50
N ALA D 55 -5.96 25.21 -11.31
CA ALA D 55 -6.44 24.36 -10.22
C ALA D 55 -6.06 22.90 -10.41
N ASN D 56 -6.12 22.40 -11.66
CA ASN D 56 -5.96 20.98 -11.92
C ASN D 56 -4.92 20.66 -12.98
N ARG D 57 -4.32 21.64 -13.62
CA ARG D 57 -3.45 21.41 -14.77
C ARG D 57 -1.99 21.48 -14.36
N LEU D 58 -1.24 20.44 -14.71
CA LEU D 58 0.19 20.40 -14.42
C LEU D 58 0.98 21.18 -15.46
N PHE D 59 2.01 21.89 -15.00
CA PHE D 59 2.93 22.55 -15.92
C PHE D 59 3.89 21.54 -16.54
N ASP D 60 4.50 21.95 -17.65
CA ASP D 60 5.43 21.10 -18.38
C ASP D 60 6.54 20.65 -17.43
N GLY D 61 6.75 19.34 -17.33
CA GLY D 61 7.84 18.80 -16.52
C GLY D 61 7.50 18.46 -15.08
N VAL D 62 6.29 18.73 -14.63
CA VAL D 62 5.92 18.43 -13.24
C VAL D 62 5.61 16.94 -13.13
N PRO D 63 6.16 16.24 -12.13
CA PRO D 63 5.91 14.80 -12.01
C PRO D 63 4.42 14.49 -11.88
N SER D 64 4.06 13.28 -12.32
CA SER D 64 2.67 12.85 -12.30
C SER D 64 2.13 12.60 -10.90
N ARG D 65 3.00 12.47 -9.91
CA ARG D 65 2.52 12.28 -8.55
C ARG D 65 1.69 13.45 -8.08
N PHE D 66 1.90 14.63 -8.66
CA PHE D 66 1.18 15.83 -8.26
C PHE D 66 -0.16 15.89 -8.99
N SER D 67 -1.21 16.20 -8.24
CA SER D 67 -2.54 16.34 -8.81
C SER D 67 -3.27 17.44 -8.06
N GLY D 68 -4.15 18.11 -8.77
CA GLY D 68 -4.92 19.20 -8.19
C GLY D 68 -6.41 19.03 -8.41
N SER D 69 -7.17 19.31 -7.35
CA SER D 69 -8.63 19.25 -7.39
C SER D 69 -9.16 20.51 -6.76
N GLY D 70 -10.48 20.75 -6.96
CA GLY D 70 -11.16 21.85 -6.35
C GLY D 70 -12.00 22.65 -7.35
N SER D 71 -12.87 23.47 -6.78
CA SER D 71 -13.76 24.32 -7.55
C SER D 71 -14.34 25.35 -6.59
N GLY D 72 -14.68 26.52 -7.13
CA GLY D 72 -15.26 27.57 -6.34
C GLY D 72 -14.31 28.16 -5.33
N GLN D 73 -14.52 27.85 -4.05
CA GLN D 73 -13.66 28.37 -2.98
C GLN D 73 -12.68 27.34 -2.43
N ASP D 74 -12.93 26.06 -2.64
CA ASP D 74 -12.20 25.00 -1.95
C ASP D 74 -11.36 24.21 -2.95
N TYR D 75 -10.06 24.16 -2.70
CA TYR D 75 -9.11 23.48 -3.58
C TYR D 75 -8.17 22.65 -2.73
N SER D 76 -7.47 21.71 -3.37
CA SER D 76 -6.58 20.82 -2.67
C SER D 76 -5.48 20.34 -3.61
N LEU D 77 -4.31 20.09 -3.05
CA LEU D 77 -3.16 19.56 -3.76
C LEU D 77 -2.87 18.16 -3.22
N THR D 78 -2.48 17.25 -4.11
CA THR D 78 -2.25 15.86 -3.76
C THR D 78 -0.94 15.38 -4.33
N ILE D 79 -0.13 14.75 -3.48
CA ILE D 79 1.07 14.03 -3.87
C ILE D 79 0.76 12.56 -3.69
N SER D 80 0.71 11.82 -4.80
CA SER D 80 0.23 10.44 -4.74
C SER D 80 1.17 9.57 -3.90
N SER D 81 2.47 9.62 -4.19
CA SER D 81 3.48 8.90 -3.43
C SER D 81 4.63 9.85 -3.12
N LEU D 82 4.85 10.13 -1.84
CA LEU D 82 5.83 11.12 -1.43
C LEU D 82 7.26 10.72 -1.78
N GLU D 83 8.08 11.74 -2.02
CA GLU D 83 9.49 11.57 -2.31
C GLU D 83 10.30 12.60 -1.52
N TYR D 84 11.59 12.32 -1.37
CA TYR D 84 12.44 13.20 -0.57
C TYR D 84 12.46 14.62 -1.13
N GLU D 85 12.40 14.78 -2.45
CA GLU D 85 12.41 16.11 -3.03
C GLU D 85 11.08 16.82 -2.90
N ASP D 86 10.03 16.14 -2.45
CA ASP D 86 8.72 16.77 -2.32
C ASP D 86 8.63 17.61 -1.04
N MET D 87 9.68 17.60 -0.23
CA MET D 87 9.74 18.35 1.00
C MET D 87 9.95 19.84 0.73
N GLY D 88 9.35 20.66 1.59
CA GLY D 88 9.41 22.10 1.49
C GLY D 88 8.07 22.70 1.86
N ILE D 89 7.88 23.96 1.52
CA ILE D 89 6.62 24.66 1.74
C ILE D 89 5.86 24.75 0.42
N PHE D 90 4.56 24.46 0.48
CA PHE D 90 3.67 24.47 -0.68
C PHE D 90 2.68 25.61 -0.50
N TYR D 91 2.64 26.51 -1.46
CA TYR D 91 1.76 27.68 -1.43
C TYR D 91 0.69 27.55 -2.50
N CYS D 92 -0.46 28.16 -2.24
CA CYS D 92 -1.48 28.34 -3.25
C CYS D 92 -1.59 29.81 -3.63
N LEU D 93 -1.97 30.05 -4.89
CA LEU D 93 -2.05 31.40 -5.43
C LEU D 93 -3.30 31.53 -6.27
N GLN D 94 -4.08 32.59 -6.01
CA GLN D 94 -5.22 32.93 -6.84
C GLN D 94 -4.85 34.08 -7.77
N TYR D 95 -5.15 33.93 -9.06
CA TYR D 95 -4.94 34.98 -10.05
C TYR D 95 -6.25 35.31 -10.74
N ASP D 96 -7.36 35.26 -9.99
CA ASP D 96 -8.68 35.55 -10.51
C ASP D 96 -9.02 37.03 -10.43
N GLU D 97 -8.37 37.76 -9.53
CA GLU D 97 -8.72 39.14 -9.24
C GLU D 97 -7.52 39.83 -8.63
N PHE D 98 -7.26 41.08 -9.05
CA PHE D 98 -6.19 41.83 -8.42
C PHE D 98 -6.64 42.37 -7.07
N PRO D 99 -5.72 42.44 -6.09
CA PRO D 99 -4.32 41.99 -6.15
C PRO D 99 -4.21 40.48 -6.06
N PHE D 100 -3.38 39.84 -6.89
CA PHE D 100 -3.14 38.41 -6.74
C PHE D 100 -2.59 38.14 -5.35
N THR D 101 -3.08 37.06 -4.73
CA THR D 101 -2.80 36.80 -3.32
C THR D 101 -2.36 35.36 -3.11
N PHE D 102 -1.47 35.19 -2.12
CA PHE D 102 -0.87 33.91 -1.80
C PHE D 102 -1.37 33.41 -0.45
N GLY D 103 -1.43 32.09 -0.31
CA GLY D 103 -1.63 31.48 0.98
C GLY D 103 -0.38 31.50 1.83
N SER D 104 -0.56 31.20 3.12
CA SER D 104 0.57 31.23 4.06
C SER D 104 1.48 30.03 3.91
N GLY D 105 1.04 28.97 3.27
CA GLY D 105 1.89 27.83 2.98
C GLY D 105 1.62 26.64 3.91
N THR D 106 2.00 25.46 3.43
CA THR D 106 1.93 24.23 4.20
C THR D 106 3.31 23.58 4.17
N LYS D 107 3.96 23.50 5.32
CA LYS D 107 5.29 22.89 5.41
C LYS D 107 5.17 21.37 5.48
N LEU D 108 5.98 20.69 4.68
CA LEU D 108 5.97 19.24 4.58
C LEU D 108 7.35 18.73 4.96
N GLU D 109 7.42 17.97 6.06
CA GLU D 109 8.66 17.44 6.58
C GLU D 109 8.59 15.93 6.69
N LEU D 110 9.75 15.30 6.83
CA LEU D 110 9.88 13.85 6.80
C LEU D 110 9.83 13.24 8.18
N LYS D 111 8.95 12.28 8.37
CA LYS D 111 8.83 11.59 9.63
C LYS D 111 10.05 10.70 9.88
N ARG D 112 10.39 10.54 11.16
CA ARG D 112 11.42 9.59 11.59
C ARG D 112 11.19 9.24 13.05
N THR D 113 12.07 8.40 13.58
CA THR D 113 11.94 7.95 14.96
C THR D 113 12.59 8.95 15.91
N VAL D 114 12.11 8.94 17.15
CA VAL D 114 12.67 9.82 18.17
C VAL D 114 14.18 9.64 18.26
N ALA D 115 14.88 10.76 18.46
CA ALA D 115 16.32 10.78 18.59
C ALA D 115 16.69 11.77 19.68
N ALA D 116 17.53 11.36 20.61
CA ALA D 116 17.86 12.19 21.76
C ALA D 116 18.93 13.22 21.40
N PRO D 117 18.84 14.41 21.97
CA PRO D 117 19.84 15.45 21.65
C PRO D 117 21.17 15.20 22.33
N SER D 118 22.24 15.52 21.62
CA SER D 118 23.57 15.66 22.21
C SER D 118 23.72 17.09 22.69
N VAL D 119 24.02 17.29 23.97
CA VAL D 119 24.04 18.61 24.58
C VAL D 119 25.47 19.01 24.87
N PHE D 120 25.85 20.22 24.44
CA PHE D 120 27.15 20.81 24.71
C PHE D 120 26.92 22.26 25.12
N ILE D 121 27.79 22.77 26.00
CA ILE D 121 27.69 24.15 26.47
C ILE D 121 29.02 24.83 26.23
N PHE D 122 28.98 26.10 25.86
CA PHE D 122 30.18 26.87 25.55
C PHE D 122 30.17 28.13 26.41
N PRO D 123 31.16 28.35 27.25
CA PRO D 123 31.24 29.62 27.99
C PRO D 123 31.70 30.75 27.09
N PRO D 124 31.54 31.99 27.53
CA PRO D 124 31.96 33.13 26.69
C PRO D 124 33.46 33.14 26.50
N SER D 125 33.88 33.57 25.31
CA SER D 125 35.30 33.73 25.04
C SER D 125 35.84 34.93 25.81
N ASP D 126 37.12 34.85 26.19
CA ASP D 126 37.76 36.00 26.80
C ASP D 126 37.76 37.20 25.86
N GLU D 127 37.86 36.94 24.55
CA GLU D 127 37.75 38.02 23.58
C GLU D 127 36.43 38.76 23.73
N GLN D 128 35.33 38.02 23.83
CA GLN D 128 34.03 38.67 23.96
C GLN D 128 33.95 39.43 25.28
N LEU D 129 34.43 38.81 26.37
CA LEU D 129 34.32 39.40 27.69
C LEU D 129 34.94 40.78 27.72
N LYS D 130 36.05 40.98 27.01
CA LYS D 130 36.68 42.31 27.02
C LYS D 130 35.73 43.38 26.51
N SER D 131 34.80 43.02 25.64
CA SER D 131 33.91 44.01 25.05
C SER D 131 32.74 44.38 25.94
N GLY D 132 32.52 43.66 27.03
CA GLY D 132 31.51 44.02 28.00
C GLY D 132 30.29 43.13 28.03
N THR D 133 30.12 42.25 27.05
CA THR D 133 28.99 41.34 27.01
C THR D 133 29.50 39.90 27.10
N ALA D 134 28.63 39.00 27.52
CA ALA D 134 28.98 37.60 27.69
C ALA D 134 27.85 36.74 27.16
N SER D 135 28.13 35.95 26.12
CA SER D 135 27.16 35.03 25.53
C SER D 135 27.55 33.60 25.88
N VAL D 136 26.62 32.88 26.50
CA VAL D 136 26.77 31.45 26.80
C VAL D 136 25.87 30.69 25.83
N VAL D 137 26.44 29.74 25.09
CA VAL D 137 25.73 29.03 24.04
C VAL D 137 25.55 27.58 24.45
N CYS D 138 24.32 27.08 24.34
CA CYS D 138 23.98 25.68 24.56
C CYS D 138 23.59 25.06 23.23
N LEU D 139 24.17 23.90 22.92
CA LEU D 139 24.00 23.25 21.62
C LEU D 139 23.32 21.91 21.80
N LEU D 140 22.18 21.74 21.15
CA LEU D 140 21.49 20.46 21.05
C LEU D 140 21.66 19.96 19.62
N ASN D 141 22.40 18.86 19.46
CA ASN D 141 22.80 18.37 18.15
C ASN D 141 22.01 17.11 17.81
N ASN D 142 21.36 17.14 16.65
CA ASN D 142 20.74 15.95 16.05
C ASN D 142 19.71 15.26 16.95
N PHE D 143 18.53 15.87 17.04
CA PHE D 143 17.42 15.32 17.80
C PHE D 143 16.15 15.34 16.96
N TYR D 144 15.16 14.55 17.40
CA TYR D 144 13.85 14.46 16.77
C TYR D 144 12.91 14.02 17.88
N PRO D 145 11.73 14.62 18.02
CA PRO D 145 11.16 15.67 17.16
C PRO D 145 11.68 17.06 17.48
N ARG D 146 11.19 18.07 16.76
CA ARG D 146 11.71 19.42 16.89
C ARG D 146 11.48 19.96 18.30
N GLU D 147 10.38 19.56 18.96
CA GLU D 147 10.05 20.16 20.25
C GLU D 147 11.10 19.83 21.29
N ALA D 148 11.56 20.84 22.02
CA ALA D 148 12.55 20.66 23.07
C ALA D 148 12.55 21.89 23.96
N LYS D 149 12.66 21.70 25.28
CA LYS D 149 12.68 22.81 26.21
C LYS D 149 14.11 23.01 26.71
N VAL D 150 14.63 24.22 26.55
CA VAL D 150 15.97 24.58 27.00
C VAL D 150 15.83 25.65 28.06
N GLN D 151 16.23 25.33 29.30
CA GLN D 151 16.16 26.25 30.42
C GLN D 151 17.57 26.60 30.88
N TRP D 152 17.84 27.89 31.07
CA TRP D 152 19.09 28.37 31.60
C TRP D 152 18.99 28.60 33.11
N LYS D 153 20.04 28.26 33.84
CA LYS D 153 20.06 28.41 35.30
C LYS D 153 21.43 28.89 35.75
N VAL D 154 21.51 30.15 36.12
CA VAL D 154 22.72 30.77 36.65
C VAL D 154 22.67 30.69 38.17
N ASP D 155 23.62 29.98 38.77
CA ASP D 155 23.63 29.73 40.22
C ASP D 155 22.29 29.14 40.65
N ASN D 156 21.80 28.20 39.86
CA ASN D 156 20.54 27.50 40.09
C ASN D 156 19.34 28.46 40.10
N ALA D 157 19.52 29.66 39.58
CA ALA D 157 18.43 30.63 39.43
C ALA D 157 17.97 30.61 37.97
N LEU D 158 16.72 30.19 37.74
CA LEU D 158 16.20 30.11 36.38
C LEU D 158 16.18 31.49 35.73
N GLN D 159 16.54 31.52 34.44
CA GLN D 159 16.61 32.75 33.68
C GLN D 159 15.34 32.93 32.86
N SER D 160 15.02 34.17 32.54
CA SER D 160 13.83 34.49 31.76
C SER D 160 14.04 35.79 31.01
N GLY D 161 13.67 35.80 29.73
CA GLY D 161 13.72 36.98 28.91
C GLY D 161 15.06 37.30 28.32
N ASN D 162 16.12 36.56 28.67
CA ASN D 162 17.46 36.89 28.23
C ASN D 162 18.12 35.80 27.37
N SER D 163 17.33 34.91 26.77
CA SER D 163 17.87 33.85 25.94
C SER D 163 17.09 33.79 24.63
N GLN D 164 17.80 33.36 23.59
CA GLN D 164 17.20 33.14 22.28
C GLN D 164 17.59 31.78 21.74
N GLU D 165 16.76 31.25 20.83
CA GLU D 165 16.92 29.91 20.30
C GLU D 165 16.88 29.96 18.77
N SER D 166 17.56 29.01 18.14
CA SER D 166 17.58 28.91 16.69
C SER D 166 17.66 27.43 16.34
N VAL D 167 16.91 27.01 15.33
CA VAL D 167 16.81 25.60 14.94
C VAL D 167 17.13 25.46 13.47
N THR D 168 17.91 24.43 13.15
CA THR D 168 18.23 24.15 11.76
C THR D 168 17.05 23.48 11.06
N GLU D 169 17.12 23.42 9.74
CA GLU D 169 16.15 22.61 9.02
C GLU D 169 16.53 21.15 9.13
N GLN D 170 15.62 20.28 8.72
CA GLN D 170 15.83 18.85 8.88
C GLN D 170 17.12 18.43 8.17
N ASP D 171 17.93 17.63 8.86
CA ASP D 171 19.18 17.15 8.30
C ASP D 171 18.93 16.37 7.02
N SER D 172 19.94 16.39 6.14
CA SER D 172 19.77 15.78 4.83
C SER D 172 19.78 14.26 4.92
N LYS D 173 20.59 13.70 5.82
CA LYS D 173 20.75 12.25 5.89
C LYS D 173 19.95 11.61 7.01
N ASP D 174 19.94 12.21 8.20
CA ASP D 174 19.29 11.58 9.35
C ASP D 174 17.92 12.18 9.65
N SER D 175 17.57 13.31 9.02
CA SER D 175 16.27 13.96 9.22
C SER D 175 16.08 14.43 10.65
N THR D 176 17.16 14.76 11.34
CA THR D 176 17.08 15.29 12.70
C THR D 176 17.25 16.80 12.65
N TYR D 177 17.02 17.43 13.81
CA TYR D 177 17.19 18.86 13.98
C TYR D 177 18.34 19.14 14.94
N SER D 178 18.91 20.34 14.81
CA SER D 178 19.91 20.85 15.73
C SER D 178 19.47 22.24 16.20
N LEU D 179 19.79 22.54 17.46
CA LEU D 179 19.32 23.76 18.10
C LEU D 179 20.45 24.43 18.86
N SER D 180 20.49 25.76 18.77
CA SER D 180 21.45 26.57 19.51
C SER D 180 20.66 27.53 20.37
N SER D 181 21.00 27.61 21.66
CA SER D 181 20.36 28.53 22.59
C SER D 181 21.44 29.43 23.18
N THR D 182 21.26 30.74 23.05
CA THR D 182 22.26 31.72 23.49
C THR D 182 21.70 32.55 24.62
N LEU D 183 22.41 32.54 25.75
CA LEU D 183 22.10 33.37 26.90
C LEU D 183 23.06 34.57 26.90
N THR D 184 22.50 35.77 26.86
CA THR D 184 23.29 37.00 26.82
C THR D 184 23.23 37.69 28.17
N LEU D 185 24.41 37.97 28.74
CA LEU D 185 24.51 38.69 29.99
C LEU D 185 25.62 39.74 29.87
N SER D 186 25.47 40.81 30.65
CA SER D 186 26.58 41.75 30.82
C SER D 186 27.77 41.04 31.46
N LYS D 187 28.97 41.56 31.22
CA LYS D 187 30.14 41.02 31.90
C LYS D 187 30.00 41.14 33.41
N ALA D 188 29.41 42.23 33.88
CA ALA D 188 29.21 42.40 35.32
C ALA D 188 28.43 41.25 35.91
N ASP D 189 27.25 40.96 35.36
CA ASP D 189 26.47 39.85 35.87
C ASP D 189 27.18 38.52 35.67
N TYR D 190 27.96 38.38 34.59
CA TYR D 190 28.59 37.09 34.32
C TYR D 190 29.65 36.76 35.35
N GLU D 191 30.50 37.73 35.70
CA GLU D 191 31.52 37.49 36.72
C GLU D 191 30.95 37.46 38.13
N LYS D 192 29.72 37.92 38.32
CA LYS D 192 29.06 37.93 39.60
C LYS D 192 28.54 36.56 40.02
N HIS D 193 28.54 35.57 39.13
CA HIS D 193 28.01 34.24 39.42
C HIS D 193 29.01 33.17 39.00
N LYS D 194 28.69 31.93 39.39
CA LYS D 194 29.59 30.80 39.20
C LYS D 194 29.05 29.72 38.27
N VAL D 195 27.89 29.16 38.58
CA VAL D 195 27.38 27.98 37.87
C VAL D 195 26.45 28.42 36.76
N TYR D 196 26.75 27.99 35.54
CA TYR D 196 25.94 28.25 34.37
C TYR D 196 25.50 26.90 33.80
N ALA D 197 24.20 26.61 33.89
CA ALA D 197 23.67 25.31 33.53
C ALA D 197 22.65 25.43 32.42
N CYS D 198 22.62 24.46 31.53
CA CYS D 198 21.66 24.36 30.44
C CYS D 198 20.93 23.03 30.60
N GLU D 199 19.64 23.09 30.93
CA GLU D 199 18.82 21.90 31.17
C GLU D 199 17.89 21.68 29.98
N VAL D 200 17.89 20.46 29.44
CA VAL D 200 17.18 20.12 28.21
C VAL D 200 16.13 19.07 28.52
N THR D 201 14.92 19.27 28.00
CA THR D 201 13.83 18.31 28.10
C THR D 201 13.37 17.94 26.70
N HIS D 202 13.20 16.65 26.44
CA HIS D 202 12.96 16.14 25.11
C HIS D 202 12.47 14.70 25.22
N GLN D 203 11.59 14.31 24.31
CA GLN D 203 10.97 12.99 24.40
C GLN D 203 11.98 11.86 24.23
N GLY D 204 13.12 12.12 23.59
CA GLY D 204 14.16 11.11 23.49
C GLY D 204 14.95 10.90 24.76
N LEU D 205 14.71 11.74 25.77
CA LEU D 205 15.36 11.61 27.07
C LEU D 205 14.34 11.16 28.10
N SER D 206 14.74 10.22 28.96
CA SER D 206 13.86 9.76 30.02
C SER D 206 13.75 10.78 31.15
N SER D 207 14.82 11.51 31.42
CA SER D 207 14.86 12.57 32.40
C SER D 207 15.64 13.74 31.82
N PRO D 208 15.36 14.95 32.28
CA PRO D 208 16.07 16.12 31.74
C PRO D 208 17.58 15.97 31.86
N VAL D 209 18.30 16.48 30.86
CA VAL D 209 19.76 16.45 30.83
C VAL D 209 20.27 17.87 31.08
N THR D 210 21.23 18.00 31.99
CA THR D 210 21.79 19.30 32.34
C THR D 210 23.29 19.30 32.11
N LYS D 211 23.74 20.21 31.26
CA LYS D 211 25.16 20.47 31.05
C LYS D 211 25.51 21.80 31.70
N SER D 212 26.64 21.87 32.38
CA SER D 212 26.98 23.06 33.13
C SER D 212 28.48 23.25 33.16
N PHE D 213 28.89 24.46 33.56
CA PHE D 213 30.29 24.75 33.78
C PHE D 213 30.39 25.77 34.91
N ASN D 214 31.58 25.85 35.49
CA ASN D 214 31.93 26.84 36.52
C ASN D 214 32.93 27.83 35.93
N ARG D 215 32.68 29.12 36.15
CA ARG D 215 33.52 30.15 35.53
C ARG D 215 35.01 29.87 35.68
N GLY D 216 35.40 29.05 36.66
CA GLY D 216 36.78 28.63 36.80
C GLY D 216 37.16 27.50 35.87
N GLU E 5 11.34 -31.18 17.04
CA GLU E 5 12.51 -31.82 17.66
C GLU E 5 13.69 -30.87 17.55
N VAL E 6 14.02 -30.43 16.32
CA VAL E 6 15.10 -29.45 16.17
C VAL E 6 14.60 -28.11 16.68
N LYS E 7 15.34 -27.51 17.61
CA LYS E 7 14.89 -26.26 18.24
C LYS E 7 16.04 -25.29 18.40
N LEU E 8 15.86 -24.08 17.86
CA LEU E 8 16.78 -22.97 18.07
C LEU E 8 16.03 -21.88 18.83
N VAL E 9 16.53 -21.50 19.99
CA VAL E 9 15.82 -20.58 20.88
C VAL E 9 16.77 -19.42 21.16
N GLU E 10 16.42 -18.24 20.67
CA GLU E 10 17.29 -17.07 20.72
C GLU E 10 16.92 -16.21 21.92
N SER E 11 17.90 -15.41 22.36
CA SER E 11 17.70 -14.50 23.48
C SER E 11 18.78 -13.43 23.43
N GLY E 12 18.51 -12.31 24.10
CA GLY E 12 19.50 -11.28 24.32
C GLY E 12 19.29 -9.96 23.60
N GLY E 13 18.24 -9.83 22.81
CA GLY E 13 18.02 -8.58 22.12
C GLY E 13 17.65 -7.46 23.10
N GLY E 14 17.27 -6.32 22.52
CA GLY E 14 16.87 -5.16 23.27
C GLY E 14 17.42 -3.88 22.67
N LEU E 15 17.38 -2.81 23.47
CA LEU E 15 17.75 -1.48 23.03
C LEU E 15 19.17 -1.14 23.47
N VAL E 16 19.93 -0.53 22.55
CA VAL E 16 21.32 -0.20 22.81
C VAL E 16 21.61 1.17 22.19
N LYS E 17 22.39 2.01 22.90
CA LYS E 17 22.76 3.30 22.34
C LYS E 17 23.87 3.11 21.30
N PRO E 18 24.01 4.00 20.34
CA PRO E 18 25.07 3.83 19.33
C PRO E 18 26.44 3.71 20.00
N GLY E 19 27.30 2.89 19.40
CA GLY E 19 28.58 2.59 19.96
C GLY E 19 28.56 1.54 21.04
N GLY E 20 27.38 1.09 21.46
CA GLY E 20 27.26 0.11 22.52
C GLY E 20 27.55 -1.30 22.06
N SER E 21 27.27 -2.24 22.97
CA SER E 21 27.58 -3.65 22.77
C SER E 21 26.44 -4.51 23.31
N LEU E 22 26.27 -5.68 22.69
CA LEU E 22 25.25 -6.62 23.15
C LEU E 22 25.66 -8.02 22.70
N LYS E 23 25.28 -9.02 23.49
CA LYS E 23 25.51 -10.42 23.17
C LYS E 23 24.19 -11.10 22.88
N LEU E 24 24.14 -11.81 21.76
CA LEU E 24 23.01 -12.67 21.44
C LEU E 24 23.39 -14.12 21.66
N SER E 25 22.41 -14.92 22.08
CA SER E 25 22.61 -16.34 22.34
C SER E 25 21.56 -17.14 21.61
N CYS E 26 21.93 -18.35 21.18
CA CYS E 26 21.04 -19.24 20.47
C CYS E 26 21.20 -20.64 21.04
N ALA E 27 20.20 -21.11 21.78
CA ALA E 27 20.25 -22.41 22.43
C ALA E 27 19.74 -23.47 21.45
N ALA E 28 20.62 -24.36 21.03
CA ALA E 28 20.28 -25.40 20.08
C ALA E 28 19.84 -26.68 20.79
N SER E 29 18.94 -27.42 20.15
CA SER E 29 18.45 -28.67 20.72
C SER E 29 17.95 -29.54 19.58
N GLY E 30 17.97 -30.86 19.82
CA GLY E 30 17.41 -31.80 18.89
C GLY E 30 18.34 -32.26 17.80
N PHE E 31 19.63 -32.01 17.91
CA PHE E 31 20.57 -32.46 16.89
C PHE E 31 21.97 -32.35 17.45
N THR E 32 22.90 -33.10 16.84
CA THR E 32 24.29 -33.12 17.27
C THR E 32 24.91 -31.78 16.89
N PHE E 33 24.73 -30.81 17.79
CA PHE E 33 25.11 -29.43 17.51
C PHE E 33 26.53 -29.31 16.99
N THR E 34 27.44 -30.14 17.48
CA THR E 34 28.85 -29.90 17.20
C THR E 34 29.16 -30.07 15.71
N ASN E 35 28.44 -30.94 15.02
CA ASN E 35 28.82 -31.23 13.64
C ASN E 35 28.42 -30.11 12.67
N TYR E 36 27.48 -29.26 13.07
CA TYR E 36 26.83 -28.36 12.13
C TYR E 36 27.47 -26.99 12.06
N ALA E 37 27.63 -26.50 10.83
CA ALA E 37 27.92 -25.09 10.63
C ALA E 37 26.67 -24.30 11.03
N MET E 38 26.89 -23.06 11.48
CA MET E 38 25.78 -22.24 11.98
C MET E 38 25.96 -20.82 11.46
N SER E 39 24.86 -20.09 11.40
CA SER E 39 24.85 -18.76 10.84
C SER E 39 23.94 -17.85 11.66
N TRP E 40 24.24 -16.56 11.58
CA TRP E 40 23.34 -15.50 12.03
C TRP E 40 22.88 -14.76 10.79
N VAL E 41 21.57 -14.53 10.69
CA VAL E 41 20.98 -13.73 9.63
C VAL E 41 20.04 -12.76 10.29
N ARG E 42 19.99 -11.53 9.78
CA ARG E 42 19.11 -10.50 10.34
C ARG E 42 18.18 -9.96 9.27
N GLN E 43 17.01 -9.50 9.71
CA GLN E 43 15.97 -8.93 8.85
C GLN E 43 15.74 -7.48 9.29
N THR E 44 15.95 -6.56 8.37
CA THR E 44 15.93 -5.14 8.70
C THR E 44 14.50 -4.65 8.86
N PRO E 45 14.32 -3.45 9.42
CA PRO E 45 12.96 -2.89 9.50
C PRO E 45 12.28 -2.85 8.16
N GLU E 46 13.04 -2.70 7.07
CA GLU E 46 12.50 -2.83 5.72
C GLU E 46 12.21 -4.28 5.34
N LYS E 47 12.48 -5.23 6.24
CA LYS E 47 12.21 -6.66 6.03
C LYS E 47 13.13 -7.31 5.01
N ARG E 48 14.30 -6.73 4.75
CA ARG E 48 15.32 -7.34 3.91
C ARG E 48 16.17 -8.27 4.76
N LEU E 49 16.56 -9.40 4.17
CA LEU E 49 17.39 -10.38 4.87
C LEU E 49 18.86 -10.13 4.53
N GLU E 50 19.69 -10.08 5.56
CA GLU E 50 21.12 -9.85 5.40
C GLU E 50 21.88 -10.91 6.18
N TRP E 51 22.79 -11.62 5.50
CA TRP E 51 23.69 -12.53 6.18
C TRP E 51 24.60 -11.73 7.12
N VAL E 52 24.70 -12.19 8.36
CA VAL E 52 25.43 -11.51 9.42
C VAL E 52 26.74 -12.20 9.75
N ALA E 53 26.73 -13.53 9.80
CA ALA E 53 27.94 -14.27 10.18
C ALA E 53 27.74 -15.75 9.93
N SER E 54 28.85 -16.45 9.75
CA SER E 54 28.87 -17.90 9.60
C SER E 54 30.05 -18.45 10.38
N ILE E 55 29.91 -19.68 10.86
CA ILE E 55 30.97 -20.35 11.62
C ILE E 55 30.96 -21.84 11.27
N SER E 56 32.09 -22.35 10.83
CA SER E 56 32.19 -23.74 10.45
C SER E 56 32.25 -24.63 11.68
N SER E 57 32.15 -25.94 11.45
CA SER E 57 32.33 -26.90 12.54
C SER E 57 33.73 -26.84 13.13
N GLY E 58 34.68 -26.24 12.42
CA GLY E 58 36.01 -26.07 12.95
C GLY E 58 36.23 -24.69 13.55
N HIS E 59 35.14 -24.05 13.96
CA HIS E 59 35.17 -22.77 14.68
C HIS E 59 35.74 -21.63 13.84
N THR E 60 35.78 -21.78 12.53
CA THR E 60 36.29 -20.70 11.67
C THR E 60 35.19 -19.67 11.40
N PRO E 61 35.45 -18.37 11.64
CA PRO E 61 34.38 -17.37 11.45
C PRO E 61 34.42 -16.72 10.09
N TYR E 62 33.27 -16.23 9.63
CA TYR E 62 33.11 -15.55 8.36
C TYR E 62 32.13 -14.40 8.54
N TYR E 63 32.47 -13.25 7.98
CA TYR E 63 31.65 -12.06 8.15
C TYR E 63 31.53 -11.30 6.82
N PRO E 64 30.46 -10.54 6.64
CA PRO E 64 30.46 -9.51 5.60
C PRO E 64 31.14 -8.23 6.10
N ASP E 65 31.52 -7.38 5.16
CA ASP E 65 32.23 -6.16 5.51
C ASP E 65 31.41 -5.29 6.47
N SER E 66 30.08 -5.36 6.40
CA SER E 66 29.26 -4.47 7.21
C SER E 66 29.48 -4.69 8.71
N VAL E 67 29.75 -5.92 9.12
CA VAL E 67 29.94 -6.24 10.53
C VAL E 67 31.35 -6.71 10.85
N LYS E 68 32.24 -6.78 9.86
CA LYS E 68 33.57 -7.33 10.06
C LYS E 68 34.33 -6.52 11.11
N GLY E 69 34.97 -7.22 12.05
CA GLY E 69 35.68 -6.59 13.14
C GLY E 69 34.84 -6.13 14.29
N ARG E 70 33.53 -5.94 14.07
CA ARG E 70 32.62 -5.44 15.10
C ARG E 70 31.80 -6.56 15.72
N PHE E 71 31.36 -7.53 14.92
CA PHE E 71 30.60 -8.68 15.39
C PHE E 71 31.52 -9.89 15.49
N THR E 72 31.26 -10.74 16.47
CA THR E 72 32.03 -11.97 16.68
C THR E 72 31.07 -13.13 16.87
N ILE E 73 31.11 -14.09 15.94
CA ILE E 73 30.32 -15.31 16.06
C ILE E 73 31.17 -16.36 16.77
N SER E 74 30.58 -17.02 17.77
CA SER E 74 31.27 -18.03 18.54
C SER E 74 30.29 -19.13 18.89
N ARG E 75 30.81 -20.24 19.42
CA ARG E 75 29.98 -21.38 19.76
C ARG E 75 30.60 -22.12 20.94
N ASP E 76 29.74 -22.58 21.85
CA ASP E 76 30.16 -23.46 22.95
C ASP E 76 29.48 -24.81 22.72
N ASN E 77 30.20 -25.76 22.13
CA ASN E 77 29.63 -27.06 21.81
C ASN E 77 29.27 -27.86 23.06
N ALA E 78 29.80 -27.48 24.22
CA ALA E 78 29.43 -28.17 25.46
C ALA E 78 28.00 -27.84 25.87
N ARG E 79 27.67 -26.55 25.92
CA ARG E 79 26.34 -26.08 26.26
C ARG E 79 25.38 -26.05 25.09
N ASN E 80 25.85 -26.35 23.88
CA ASN E 80 25.05 -26.29 22.65
C ASN E 80 24.43 -24.91 22.47
N ILE E 81 25.30 -23.91 22.39
CA ILE E 81 24.87 -22.52 22.26
C ILE E 81 25.73 -21.84 21.22
N LEU E 82 25.07 -21.06 20.35
CA LEU E 82 25.72 -20.18 19.39
C LEU E 82 25.59 -18.75 19.90
N PHE E 83 26.66 -17.97 19.74
CA PHE E 83 26.71 -16.61 20.24
C PHE E 83 26.97 -15.62 19.11
N LEU E 84 26.51 -14.39 19.31
CA LEU E 84 26.87 -13.27 18.44
C LEU E 84 27.14 -12.07 19.34
N GLN E 85 28.41 -11.85 19.67
CA GLN E 85 28.82 -10.66 20.40
C GLN E 85 28.94 -9.50 19.42
N MET E 86 28.17 -8.44 19.66
CA MET E 86 28.22 -7.24 18.84
C MET E 86 28.79 -6.07 19.63
N SER E 87 29.67 -5.31 19.00
CA SER E 87 30.25 -4.12 19.59
C SER E 87 30.16 -2.99 18.56
N SER E 88 30.43 -1.77 19.03
CA SER E 88 30.41 -0.58 18.18
C SER E 88 29.13 -0.52 17.36
N LEU E 89 28.00 -0.75 18.04
CA LEU E 89 26.73 -0.88 17.34
C LEU E 89 26.33 0.41 16.66
N ARG E 90 25.79 0.28 15.45
CA ARG E 90 25.32 1.41 14.68
C ARG E 90 23.81 1.28 14.48
N SER E 91 23.18 2.38 14.09
CA SER E 91 21.75 2.36 13.86
C SER E 91 21.37 1.43 12.70
N GLU E 92 22.29 1.21 11.75
CA GLU E 92 21.99 0.29 10.65
C GLU E 92 21.98 -1.17 11.09
N ASP E 93 22.38 -1.46 12.31
CA ASP E 93 22.31 -2.81 12.86
C ASP E 93 20.95 -3.12 13.44
N THR E 94 20.08 -2.13 13.58
CA THR E 94 18.71 -2.37 14.02
C THR E 94 18.04 -3.36 13.09
N ALA E 95 17.60 -4.49 13.64
CA ALA E 95 16.98 -5.54 12.84
C ALA E 95 16.57 -6.68 13.75
N MET E 96 15.77 -7.59 13.18
CA MET E 96 15.49 -8.87 13.81
C MET E 96 16.62 -9.83 13.44
N TYR E 97 17.24 -10.43 14.45
CA TYR E 97 18.39 -11.31 14.25
C TYR E 97 17.95 -12.76 14.39
N TYR E 98 18.22 -13.57 13.38
CA TYR E 98 17.85 -14.97 13.40
C TYR E 98 19.08 -15.86 13.57
N CYS E 99 18.89 -16.97 14.27
CA CYS E 99 19.83 -18.09 14.33
C CYS E 99 19.44 -19.10 13.25
N ALA E 100 20.44 -19.73 12.66
CA ALA E 100 20.17 -20.66 11.57
C ALA E 100 21.15 -21.82 11.61
N ARG E 101 20.66 -23.02 11.37
CA ARG E 101 21.50 -24.20 11.30
C ARG E 101 21.98 -24.46 9.87
N GLY E 102 23.26 -24.82 9.76
CA GLY E 102 23.85 -25.06 8.47
C GLY E 102 24.18 -26.51 8.20
N ASP E 103 25.33 -26.71 7.55
CA ASP E 103 25.69 -28.00 6.98
C ASP E 103 25.98 -29.01 8.09
N TYR E 104 25.36 -30.18 7.99
CA TYR E 104 25.68 -31.30 8.88
C TYR E 104 27.13 -31.74 8.73
N TYR E 105 27.75 -31.47 7.59
CA TYR E 105 29.14 -31.80 7.33
C TYR E 105 30.09 -30.69 7.73
N GLY E 106 29.60 -29.57 8.22
CA GLY E 106 30.43 -28.58 8.87
C GLY E 106 30.91 -27.43 8.02
N SER E 107 30.55 -27.39 6.74
CA SER E 107 31.01 -26.34 5.86
C SER E 107 30.07 -25.14 5.93
N VAL E 108 30.66 -23.95 5.91
CA VAL E 108 29.86 -22.74 5.84
C VAL E 108 29.30 -22.52 4.45
N TYR E 109 29.86 -23.18 3.43
CA TYR E 109 29.42 -22.99 2.05
C TYR E 109 28.30 -23.96 1.73
N SER E 110 27.16 -23.75 2.38
CA SER E 110 25.99 -24.58 2.15
C SER E 110 24.74 -23.87 2.62
N ALA E 111 23.59 -24.45 2.32
CA ALA E 111 22.30 -23.89 2.68
C ALA E 111 22.09 -24.07 4.18
N MET E 112 21.06 -23.40 4.69
CA MET E 112 20.67 -23.40 6.09
C MET E 112 19.33 -24.10 6.31
N ASP E 113 19.29 -25.00 7.30
CA ASP E 113 18.11 -25.84 7.52
C ASP E 113 16.99 -25.13 8.28
N TYR E 114 17.23 -24.82 9.55
CA TYR E 114 16.22 -24.33 10.46
C TYR E 114 16.59 -22.94 10.96
N TRP E 115 15.57 -22.17 11.32
CA TRP E 115 15.75 -20.83 11.82
C TRP E 115 15.15 -20.73 13.21
N GLY E 116 15.74 -19.89 14.04
CA GLY E 116 15.17 -19.58 15.34
C GLY E 116 13.99 -18.63 15.21
N GLN E 117 13.37 -18.34 16.35
CA GLN E 117 12.23 -17.42 16.34
C GLN E 117 12.67 -16.00 16.05
N GLY E 118 13.94 -15.67 16.28
CA GLY E 118 14.42 -14.31 16.10
C GLY E 118 14.42 -13.52 17.39
N THR E 119 15.44 -12.70 17.57
CA THR E 119 15.53 -11.78 18.70
C THR E 119 15.81 -10.40 18.14
N SER E 120 15.14 -9.39 18.67
CA SER E 120 15.14 -8.07 18.08
C SER E 120 16.19 -7.16 18.70
N LEU E 121 16.79 -6.33 17.86
CA LEU E 121 17.76 -5.33 18.30
C LEU E 121 17.36 -3.96 17.76
N THR E 122 17.35 -2.95 18.64
CA THR E 122 17.16 -1.56 18.25
C THR E 122 18.34 -0.76 18.78
N VAL E 123 19.03 -0.05 17.89
CA VAL E 123 20.17 0.80 18.24
C VAL E 123 19.72 2.24 18.06
N SER E 124 19.56 2.96 19.17
CA SER E 124 19.00 4.30 19.14
C SER E 124 19.56 5.12 20.30
N SER E 125 19.72 6.43 20.04
CA SER E 125 20.13 7.33 21.11
C SER E 125 18.99 7.61 22.07
N ALA E 126 17.74 7.35 21.69
CA ALA E 126 16.62 7.72 22.51
C ALA E 126 16.42 6.70 23.63
N SER E 127 15.78 7.16 24.71
CA SER E 127 15.50 6.28 25.84
C SER E 127 14.20 5.51 25.60
N THR E 128 14.09 4.35 26.23
CA THR E 128 12.86 3.58 26.16
C THR E 128 11.73 4.31 26.89
N LYS E 129 10.54 4.26 26.30
CA LYS E 129 9.34 4.86 26.88
C LYS E 129 8.23 3.82 26.86
N GLY E 130 7.62 3.58 28.01
CA GLY E 130 6.54 2.63 28.11
C GLY E 130 5.24 3.17 27.57
N PRO E 131 4.37 2.26 27.11
CA PRO E 131 3.13 2.69 26.46
C PRO E 131 2.02 3.06 27.44
N SER E 132 1.12 3.90 26.96
CA SER E 132 -0.16 4.14 27.61
C SER E 132 -1.24 3.30 26.94
N VAL E 133 -1.97 2.51 27.73
CA VAL E 133 -2.98 1.59 27.21
C VAL E 133 -4.35 2.18 27.52
N PHE E 134 -5.10 2.52 26.48
CA PHE E 134 -6.44 3.08 26.64
C PHE E 134 -7.49 2.14 26.07
N PRO E 135 -8.70 2.14 26.64
CA PRO E 135 -9.75 1.22 26.15
C PRO E 135 -10.50 1.79 24.96
N LEU E 136 -10.84 0.90 24.03
CA LEU E 136 -11.73 1.22 22.91
C LEU E 136 -13.09 0.56 23.15
N ALA E 137 -13.99 1.31 23.79
CA ALA E 137 -15.28 0.82 24.25
C ALA E 137 -16.31 0.85 23.12
N PRO E 138 -17.25 -0.11 23.10
CA PRO E 138 -18.35 -0.04 22.12
C PRO E 138 -19.40 1.02 22.47
N SER E 144 -24.43 -4.13 11.71
CA SER E 144 -23.54 -4.97 12.50
C SER E 144 -24.18 -5.39 13.81
N GLY E 145 -25.52 -5.47 13.81
CA GLY E 145 -26.29 -5.65 15.03
C GLY E 145 -26.09 -6.97 15.75
N GLY E 146 -25.19 -7.82 15.28
CA GLY E 146 -24.93 -9.08 15.96
C GLY E 146 -23.64 -9.07 16.75
N THR E 147 -22.60 -8.45 16.18
CA THR E 147 -21.29 -8.37 16.79
C THR E 147 -20.94 -6.93 17.18
N ALA E 148 -20.19 -6.80 18.27
CA ALA E 148 -19.71 -5.55 18.80
C ALA E 148 -18.18 -5.53 18.71
N ALA E 149 -17.62 -4.34 18.52
CA ALA E 149 -16.18 -4.16 18.34
C ALA E 149 -15.55 -3.62 19.62
N LEU E 150 -14.44 -4.24 20.01
CA LEU E 150 -13.67 -3.83 21.19
C LEU E 150 -12.20 -3.72 20.82
N GLY E 151 -11.44 -3.06 21.68
CA GLY E 151 -10.00 -3.00 21.44
C GLY E 151 -9.26 -2.21 22.52
N CYS E 152 -7.96 -2.06 22.27
CA CYS E 152 -7.04 -1.33 23.14
C CYS E 152 -6.11 -0.51 22.27
N LEU E 153 -5.91 0.75 22.63
CA LEU E 153 -4.93 1.61 21.97
C LEU E 153 -3.67 1.67 22.85
N VAL E 154 -2.57 1.14 22.33
CA VAL E 154 -1.29 1.13 23.01
C VAL E 154 -0.46 2.26 22.39
N LYS E 155 -0.35 3.38 23.08
CA LYS E 155 0.10 4.61 22.46
C LYS E 155 1.41 5.11 23.05
N ASP E 156 2.22 5.73 22.17
CA ASP E 156 3.42 6.45 22.57
C ASP E 156 4.40 5.56 23.32
N TYR E 157 5.10 4.68 22.60
CA TYR E 157 6.14 3.84 23.19
C TYR E 157 7.32 3.78 22.24
N PHE E 158 8.47 3.37 22.79
CA PHE E 158 9.71 3.23 22.03
C PHE E 158 10.64 2.37 22.84
N PRO E 159 11.39 1.44 22.23
CA PRO E 159 11.36 1.04 20.81
C PRO E 159 10.28 0.01 20.56
N GLU E 160 10.27 -0.61 19.39
CA GLU E 160 9.52 -1.83 19.20
C GLU E 160 10.27 -2.99 19.86
N PRO E 161 9.59 -4.10 20.14
CA PRO E 161 8.21 -4.43 19.81
C PRO E 161 7.27 -4.40 21.02
N VAL E 162 5.96 -4.41 20.78
CA VAL E 162 4.93 -4.54 21.80
C VAL E 162 4.12 -5.80 21.50
N THR E 163 3.88 -6.61 22.51
CA THR E 163 3.05 -7.79 22.39
C THR E 163 1.66 -7.52 22.97
N VAL E 164 0.66 -8.16 22.38
CA VAL E 164 -0.73 -8.00 22.78
C VAL E 164 -1.43 -9.34 22.72
N SER E 165 -2.06 -9.74 23.83
CA SER E 165 -2.96 -10.87 23.88
C SER E 165 -4.28 -10.42 24.50
N TRP E 166 -5.32 -11.24 24.33
CA TRP E 166 -6.64 -10.98 24.87
C TRP E 166 -7.04 -12.11 25.81
N ASN E 167 -7.51 -11.75 27.01
CA ASN E 167 -7.87 -12.71 28.04
C ASN E 167 -6.76 -13.73 28.23
N SER E 168 -5.52 -13.22 28.37
CA SER E 168 -4.34 -14.04 28.63
C SER E 168 -4.20 -15.19 27.63
N GLY E 169 -4.68 -14.97 26.41
CA GLY E 169 -4.55 -15.94 25.35
C GLY E 169 -5.79 -16.77 25.09
N ALA E 170 -6.74 -16.77 26.03
CA ALA E 170 -7.95 -17.57 25.85
C ALA E 170 -8.78 -17.07 24.66
N LEU E 171 -8.73 -15.77 24.38
CA LEU E 171 -9.54 -15.15 23.34
C LEU E 171 -8.67 -14.86 22.12
N THR E 172 -8.90 -15.60 21.06
CA THR E 172 -8.20 -15.41 19.79
C THR E 172 -9.11 -15.21 18.60
N SER E 173 -10.39 -15.58 18.68
CA SER E 173 -11.28 -15.50 17.53
C SER E 173 -11.67 -14.06 17.28
N GLY E 174 -11.48 -13.61 16.05
CA GLY E 174 -11.81 -12.25 15.67
C GLY E 174 -10.85 -11.19 16.15
N VAL E 175 -9.67 -11.57 16.59
CA VAL E 175 -8.67 -10.61 17.07
C VAL E 175 -7.87 -10.09 15.89
N HIS E 176 -7.68 -8.78 15.84
CA HIS E 176 -6.81 -8.15 14.83
C HIS E 176 -5.86 -7.21 15.55
N THR E 177 -4.60 -7.62 15.68
CA THR E 177 -3.54 -6.77 16.21
C THR E 177 -2.84 -6.11 15.03
N PHE E 178 -3.06 -4.81 14.88
CA PHE E 178 -2.54 -4.09 13.73
C PHE E 178 -1.05 -3.84 13.89
N PRO E 179 -0.33 -3.60 12.79
CA PRO E 179 1.07 -3.21 12.91
C PRO E 179 1.19 -1.87 13.60
N ALA E 180 2.35 -1.66 14.24
CA ALA E 180 2.64 -0.38 14.88
C ALA E 180 2.80 0.70 13.84
N VAL E 181 2.38 1.91 14.20
CA VAL E 181 2.56 3.08 13.34
C VAL E 181 3.54 4.02 14.02
N LEU E 182 4.41 4.63 13.21
CA LEU E 182 5.29 5.68 13.68
C LEU E 182 4.52 7.00 13.64
N GLN E 183 4.41 7.66 14.77
CA GLN E 183 3.73 8.95 14.86
C GLN E 183 4.71 10.08 14.55
N SER E 184 4.15 11.26 14.29
CA SER E 184 5.01 12.42 14.02
C SER E 184 5.99 12.67 15.15
N SER E 185 5.62 12.30 16.38
CA SER E 185 6.50 12.48 17.52
C SER E 185 7.73 11.59 17.48
N GLY E 186 7.81 10.65 16.55
CA GLY E 186 8.87 9.66 16.56
C GLY E 186 8.62 8.49 17.48
N LEU E 187 7.49 8.48 18.18
CA LEU E 187 7.11 7.36 19.03
C LEU E 187 6.14 6.46 18.28
N TYR E 188 6.05 5.22 18.75
CA TYR E 188 5.19 4.21 18.13
C TYR E 188 3.85 4.13 18.84
N SER E 189 2.87 3.62 18.11
CA SER E 189 1.54 3.38 18.65
C SER E 189 0.96 2.19 17.89
N LEU E 190 0.35 1.26 18.61
CA LEU E 190 -0.27 0.09 18.02
C LEU E 190 -1.71 0.00 18.49
N SER E 191 -2.54 -0.65 17.69
CA SER E 191 -3.94 -0.87 18.02
C SER E 191 -4.26 -2.35 17.89
N SER E 192 -5.05 -2.85 18.82
CA SER E 192 -5.51 -4.24 18.80
C SER E 192 -7.01 -4.26 19.07
N VAL E 193 -7.77 -4.86 18.17
CA VAL E 193 -9.22 -4.92 18.29
C VAL E 193 -9.67 -6.37 18.21
N VAL E 194 -10.83 -6.65 18.80
CA VAL E 194 -11.43 -7.97 18.76
C VAL E 194 -12.94 -7.80 18.64
N THR E 195 -13.54 -8.53 17.70
CA THR E 195 -14.99 -8.53 17.55
C THR E 195 -15.59 -9.71 18.32
N VAL E 196 -16.63 -9.43 19.08
CA VAL E 196 -17.28 -10.43 19.93
C VAL E 196 -18.78 -10.26 19.85
N PRO E 197 -19.55 -11.30 20.20
CA PRO E 197 -21.01 -11.17 20.16
C PRO E 197 -21.49 -10.09 21.13
N SER E 198 -22.42 -9.26 20.64
CA SER E 198 -22.94 -8.18 21.46
C SER E 198 -23.58 -8.69 22.75
N SER E 199 -24.35 -9.78 22.66
CA SER E 199 -25.04 -10.29 23.83
C SER E 199 -24.06 -10.73 24.92
N SER E 200 -22.80 -10.96 24.58
CA SER E 200 -21.82 -11.47 25.51
C SER E 200 -21.08 -10.35 26.23
N LEU E 201 -21.48 -9.10 26.01
CA LEU E 201 -20.74 -7.96 26.55
C LEU E 201 -21.03 -7.76 28.03
N GLY E 202 -22.28 -7.96 28.45
CA GLY E 202 -22.64 -7.77 29.84
C GLY E 202 -22.26 -8.91 30.75
N THR E 203 -21.81 -10.02 30.18
CA THR E 203 -21.50 -11.21 30.96
C THR E 203 -20.05 -11.64 30.86
N GLN E 204 -19.38 -11.35 29.74
CA GLN E 204 -17.98 -11.73 29.55
C GLN E 204 -17.08 -10.51 29.72
N THR E 205 -16.02 -10.68 30.50
CA THR E 205 -15.00 -9.65 30.68
C THR E 205 -13.85 -9.84 29.69
N TYR E 206 -13.40 -8.71 29.12
CA TYR E 206 -12.38 -8.66 28.10
C TYR E 206 -11.21 -7.84 28.61
N ILE E 207 -10.02 -8.41 28.52
CA ILE E 207 -8.80 -7.81 29.05
C ILE E 207 -7.70 -7.87 28.00
N CYS E 208 -7.02 -6.74 27.77
CA CYS E 208 -5.86 -6.69 26.91
C CYS E 208 -4.59 -6.88 27.74
N ASN E 209 -3.76 -7.83 27.34
CA ASN E 209 -2.49 -8.09 28.01
C ASN E 209 -1.40 -7.47 27.14
N VAL E 210 -0.85 -6.34 27.57
CA VAL E 210 0.14 -5.58 26.82
C VAL E 210 1.50 -5.77 27.46
N ASN E 211 2.50 -6.07 26.63
CA ASN E 211 3.86 -6.27 27.11
C ASN E 211 4.83 -5.45 26.27
N HIS E 212 5.67 -4.65 26.94
CA HIS E 212 6.71 -3.85 26.30
C HIS E 212 8.01 -4.10 27.05
N LYS E 213 8.76 -5.08 26.61
CA LYS E 213 9.94 -5.52 27.34
C LYS E 213 11.07 -4.50 27.41
N PRO E 214 11.31 -3.68 26.38
CA PRO E 214 12.40 -2.67 26.51
C PRO E 214 12.27 -1.85 27.78
N SER E 215 11.04 -1.57 28.19
CA SER E 215 10.72 -1.07 29.52
C SER E 215 10.18 -2.25 30.31
N ASN E 216 9.91 -2.05 31.59
CA ASN E 216 9.39 -3.15 32.42
C ASN E 216 7.89 -3.02 32.59
N THR E 217 7.18 -2.57 31.56
CA THR E 217 5.77 -2.27 31.67
C THR E 217 4.96 -3.45 31.14
N LYS E 218 4.24 -4.10 32.05
CA LYS E 218 3.21 -5.08 31.74
C LYS E 218 1.88 -4.45 32.14
N VAL E 219 0.86 -4.56 31.30
CA VAL E 219 -0.45 -4.02 31.63
C VAL E 219 -1.53 -5.02 31.24
N ASP E 220 -2.57 -5.12 32.05
CA ASP E 220 -3.76 -5.93 31.79
C ASP E 220 -4.90 -4.91 31.93
N LYS E 221 -5.39 -4.40 30.81
CA LYS E 221 -6.36 -3.32 30.81
C LYS E 221 -7.71 -3.96 30.55
N LYS E 222 -8.66 -3.69 31.44
CA LYS E 222 -10.02 -4.20 31.30
C LYS E 222 -10.84 -3.31 30.37
N VAL E 223 -11.42 -3.88 29.33
CA VAL E 223 -12.30 -3.12 28.45
C VAL E 223 -13.75 -3.30 28.91
N GLU E 224 -14.40 -2.19 29.20
CA GLU E 224 -15.76 -2.19 29.64
C GLU E 224 -16.63 -1.37 28.69
N PRO E 225 -17.86 -1.79 28.45
CA PRO E 225 -18.77 -0.97 27.64
C PRO E 225 -19.20 0.28 28.37
N LYS E 226 -19.68 1.25 27.60
CA LYS E 226 -20.20 2.49 28.18
C LYS E 226 -21.47 2.93 27.45
N GLU F 5 27.91 -8.39 -3.09
CA GLU F 5 28.49 -8.30 -4.43
C GLU F 5 27.63 -9.01 -5.45
N ILE F 6 27.26 -10.26 -5.19
CA ILE F 6 26.34 -10.96 -6.07
C ILE F 6 24.94 -10.46 -5.77
N ARG F 7 24.26 -9.95 -6.79
CA ARG F 7 22.93 -9.38 -6.64
C ARG F 7 21.88 -10.40 -7.04
N MET F 8 20.84 -10.52 -6.21
CA MET F 8 19.75 -11.44 -6.45
C MET F 8 18.46 -10.64 -6.61
N THR F 9 17.83 -10.75 -7.78
CA THR F 9 16.58 -10.04 -8.06
C THR F 9 15.50 -11.07 -8.33
N GLN F 10 14.33 -10.88 -7.71
CA GLN F 10 13.21 -11.82 -7.82
C GLN F 10 12.04 -11.16 -8.55
N SER F 11 11.21 -12.00 -9.16
CA SER F 11 10.04 -11.54 -9.87
C SER F 11 8.97 -12.63 -9.85
N PRO F 12 7.69 -12.27 -9.68
CA PRO F 12 7.18 -10.90 -9.39
C PRO F 12 7.41 -10.53 -7.93
N SER F 13 7.35 -9.25 -7.59
CA SER F 13 7.49 -8.87 -6.18
C SER F 13 6.31 -9.34 -5.35
N SER F 14 5.10 -9.33 -5.92
CA SER F 14 3.89 -9.75 -5.23
C SER F 14 2.96 -10.38 -6.27
N MET F 15 1.98 -11.14 -5.77
CA MET F 15 1.16 -11.95 -6.67
C MET F 15 -0.04 -12.45 -5.90
N TYR F 16 -1.20 -12.46 -6.54
CA TYR F 16 -2.40 -13.08 -5.99
C TYR F 16 -2.68 -14.36 -6.78
N ALA F 17 -3.07 -15.42 -6.07
CA ALA F 17 -3.33 -16.70 -6.71
C ALA F 17 -4.47 -17.41 -6.00
N SER F 18 -5.01 -18.41 -6.67
CA SER F 18 -6.10 -19.23 -6.15
C SER F 18 -5.60 -20.60 -5.71
N LEU F 19 -6.25 -21.17 -4.71
CA LEU F 19 -5.90 -22.51 -4.27
C LEU F 19 -5.97 -23.48 -5.44
N GLY F 20 -5.06 -24.44 -5.47
CA GLY F 20 -4.95 -25.39 -6.56
C GLY F 20 -4.23 -24.90 -7.80
N GLU F 21 -3.95 -23.60 -7.89
CA GLU F 21 -3.22 -23.06 -9.03
C GLU F 21 -1.75 -23.45 -8.99
N ARG F 22 -1.14 -23.35 -10.16
CA ARG F 22 0.28 -23.54 -10.37
C ARG F 22 0.93 -22.17 -10.39
N VAL F 23 1.74 -21.87 -9.38
CA VAL F 23 2.44 -20.60 -9.27
C VAL F 23 3.92 -20.88 -9.51
N THR F 24 4.58 -19.98 -10.23
CA THR F 24 5.99 -20.10 -10.52
C THR F 24 6.64 -18.76 -10.23
N VAL F 25 7.71 -18.80 -9.44
CA VAL F 25 8.46 -17.63 -9.00
C VAL F 25 9.89 -17.76 -9.50
N THR F 26 10.51 -16.61 -9.75
CA THR F 26 11.79 -16.54 -10.42
C THR F 26 12.81 -15.83 -9.54
N CYS F 27 14.08 -16.21 -9.72
CA CYS F 27 15.22 -15.59 -9.07
C CYS F 27 16.37 -15.52 -10.07
N LYS F 28 17.02 -14.36 -10.15
CA LYS F 28 18.11 -14.12 -11.08
C LYS F 28 19.30 -13.55 -10.32
N ALA F 29 20.49 -14.11 -10.57
CA ALA F 29 21.73 -13.70 -9.92
C ALA F 29 22.61 -12.93 -10.91
N SER F 30 23.45 -12.06 -10.35
CA SER F 30 24.35 -11.26 -11.18
C SER F 30 25.53 -12.06 -11.71
N GLN F 31 25.79 -13.24 -11.15
CA GLN F 31 26.89 -14.08 -11.60
C GLN F 31 26.39 -15.51 -11.70
N ASP F 32 27.22 -16.35 -12.34
CA ASP F 32 26.99 -17.79 -12.25
C ASP F 32 27.16 -18.22 -10.80
N ILE F 33 26.09 -18.81 -10.23
CA ILE F 33 26.14 -19.29 -8.84
C ILE F 33 26.25 -20.81 -8.77
N ASN F 34 26.19 -21.50 -9.90
CA ASN F 34 26.46 -22.93 -9.94
C ASN F 34 25.48 -23.72 -9.09
N SER F 35 24.22 -23.28 -9.11
CA SER F 35 23.10 -23.97 -8.48
C SER F 35 23.22 -24.02 -6.96
N TYR F 36 24.11 -23.21 -6.37
CA TYR F 36 24.15 -23.03 -4.92
C TYR F 36 23.11 -21.96 -4.60
N LEU F 37 21.86 -22.39 -4.58
CA LEU F 37 20.70 -21.51 -4.51
C LEU F 37 19.70 -22.20 -3.60
N SER F 38 19.18 -21.46 -2.62
CA SER F 38 18.19 -21.98 -1.70
C SER F 38 16.94 -21.12 -1.79
N TRP F 39 15.79 -21.77 -1.63
CA TRP F 39 14.50 -21.10 -1.58
C TRP F 39 13.94 -21.20 -0.17
N LEU F 40 13.43 -20.09 0.34
CA LEU F 40 12.85 -20.05 1.67
C LEU F 40 11.44 -19.46 1.60
N GLN F 41 10.60 -19.87 2.54
CA GLN F 41 9.27 -19.31 2.70
C GLN F 41 9.19 -18.68 4.08
N GLN F 42 8.66 -17.46 4.15
CA GLN F 42 8.44 -16.77 5.43
C GLN F 42 7.00 -16.32 5.47
N LYS F 43 6.26 -16.76 6.48
CA LYS F 43 4.88 -16.35 6.70
C LYS F 43 4.84 -15.13 7.59
N PRO F 44 3.76 -14.34 7.51
CA PRO F 44 3.75 -13.05 8.23
C PRO F 44 4.01 -13.19 9.72
N GLY F 45 5.04 -12.51 10.21
CA GLY F 45 5.35 -12.56 11.62
C GLY F 45 5.96 -13.85 12.09
N LYS F 46 6.56 -14.61 11.20
CA LYS F 46 7.15 -15.91 11.51
C LYS F 46 8.58 -15.97 11.02
N SER F 47 9.29 -16.98 11.49
CA SER F 47 10.66 -17.17 11.09
C SER F 47 10.70 -17.89 9.74
N PRO F 48 11.71 -17.64 8.93
CA PRO F 48 11.81 -18.34 7.65
C PRO F 48 11.95 -19.84 7.85
N LYS F 49 11.54 -20.59 6.83
CA LYS F 49 11.65 -22.04 6.80
C LYS F 49 12.18 -22.40 5.41
N THR F 50 13.33 -23.07 5.36
CA THR F 50 13.95 -23.39 4.09
C THR F 50 13.28 -24.58 3.44
N LEU F 51 13.02 -24.47 2.15
CA LEU F 51 12.37 -25.52 1.38
C LEU F 51 13.32 -26.25 0.45
N ILE F 52 14.07 -25.51 -0.36
CA ILE F 52 14.92 -26.09 -1.39
C ILE F 52 16.36 -25.61 -1.20
N TYR F 53 17.30 -26.52 -1.47
CA TYR F 53 18.73 -26.20 -1.52
C TYR F 53 19.31 -26.79 -2.80
N ARG F 54 20.52 -26.36 -3.14
CA ARG F 54 21.17 -26.79 -4.38
C ARG F 54 20.27 -26.59 -5.58
N ALA F 55 19.40 -25.59 -5.50
CA ALA F 55 18.56 -25.14 -6.61
C ALA F 55 17.36 -26.04 -6.84
N ASN F 56 17.54 -27.37 -6.75
CA ASN F 56 16.46 -28.29 -7.09
C ASN F 56 16.15 -29.34 -6.03
N ARG F 57 16.87 -29.37 -4.91
CA ARG F 57 16.72 -30.45 -3.95
C ARG F 57 15.84 -30.00 -2.79
N LEU F 58 14.81 -30.78 -2.50
CA LEU F 58 13.91 -30.53 -1.38
C LEU F 58 14.53 -31.03 -0.07
N PHE F 59 14.33 -30.28 0.99
CA PHE F 59 14.75 -30.71 2.31
C PHE F 59 13.75 -31.72 2.84
N ASP F 60 14.19 -32.47 3.84
CA ASP F 60 13.32 -33.45 4.46
C ASP F 60 12.06 -32.78 5.01
N GLY F 61 10.89 -33.30 4.60
CA GLY F 61 9.61 -32.87 5.14
C GLY F 61 8.94 -31.80 4.31
N VAL F 62 9.57 -31.33 3.25
CA VAL F 62 8.96 -30.30 2.41
C VAL F 62 7.95 -30.98 1.48
N PRO F 63 6.72 -30.46 1.36
CA PRO F 63 5.75 -31.13 0.48
C PRO F 63 6.28 -31.26 -0.94
N SER F 64 5.81 -32.31 -1.62
CA SER F 64 6.26 -32.61 -2.97
C SER F 64 5.74 -31.61 -3.99
N ARG F 65 4.70 -30.85 -3.66
CA ARG F 65 4.23 -29.84 -4.60
C ARG F 65 5.30 -28.82 -4.94
N PHE F 66 6.27 -28.62 -4.06
CA PHE F 66 7.35 -27.66 -4.30
C PHE F 66 8.43 -28.27 -5.19
N SER F 67 8.89 -27.47 -6.16
CA SER F 67 9.93 -27.89 -7.08
C SER F 67 10.84 -26.73 -7.41
N GLY F 68 12.09 -27.03 -7.64
CA GLY F 68 13.07 -26.01 -8.00
C GLY F 68 13.79 -26.39 -9.28
N SER F 69 13.95 -25.40 -10.15
CA SER F 69 14.66 -25.57 -11.41
C SER F 69 15.61 -24.41 -11.60
N GLY F 70 16.52 -24.55 -12.55
CA GLY F 70 17.44 -23.48 -12.90
C GLY F 70 18.87 -23.95 -12.98
N SER F 71 19.70 -23.07 -13.55
CA SER F 71 21.13 -23.30 -13.71
C SER F 71 21.78 -21.98 -14.07
N GLY F 72 23.05 -21.84 -13.71
CA GLY F 72 23.80 -20.63 -14.01
C GLY F 72 23.32 -19.43 -13.24
N GLN F 73 22.64 -18.51 -13.92
CA GLN F 73 22.16 -17.29 -13.30
C GLN F 73 20.66 -17.29 -13.01
N ASP F 74 19.89 -18.13 -13.69
CA ASP F 74 18.43 -18.06 -13.68
C ASP F 74 17.85 -19.30 -12.99
N TYR F 75 17.07 -19.07 -11.94
CA TYR F 75 16.44 -20.13 -11.17
C TYR F 75 14.98 -19.76 -10.93
N SER F 76 14.19 -20.77 -10.59
CA SER F 76 12.76 -20.60 -10.41
C SER F 76 12.22 -21.64 -9.45
N LEU F 77 11.20 -21.23 -8.70
CA LEU F 77 10.48 -22.09 -7.77
C LEU F 77 9.05 -22.27 -8.27
N THR F 78 8.54 -23.48 -8.13
CA THR F 78 7.22 -23.82 -8.66
C THR F 78 6.44 -24.59 -7.60
N ILE F 79 5.19 -24.18 -7.39
CA ILE F 79 4.24 -24.91 -6.57
C ILE F 79 3.22 -25.51 -7.53
N SER F 80 3.20 -26.84 -7.64
CA SER F 80 2.38 -27.48 -8.67
C SER F 80 0.90 -27.17 -8.46
N SER F 81 0.40 -27.33 -7.23
CA SER F 81 -0.96 -26.97 -6.88
C SER F 81 -0.90 -26.19 -5.58
N LEU F 82 -1.30 -24.92 -5.64
CA LEU F 82 -1.17 -24.05 -4.47
C LEU F 82 -2.04 -24.54 -3.33
N GLU F 83 -1.62 -24.26 -2.11
CA GLU F 83 -2.38 -24.61 -0.93
C GLU F 83 -2.39 -23.43 0.03
N TYR F 84 -3.35 -23.45 0.95
CA TYR F 84 -3.50 -22.33 1.88
C TYR F 84 -2.23 -22.11 2.69
N GLU F 85 -1.53 -23.18 3.04
CA GLU F 85 -0.32 -23.03 3.84
C GLU F 85 0.84 -22.43 3.04
N ASP F 86 0.70 -22.29 1.72
CA ASP F 86 1.76 -21.77 0.86
C ASP F 86 1.79 -20.24 0.79
N MET F 87 0.88 -19.54 1.46
CA MET F 87 0.95 -18.09 1.43
C MET F 87 2.10 -17.57 2.28
N GLY F 88 2.65 -16.44 1.85
CA GLY F 88 3.76 -15.79 2.51
C GLY F 88 4.70 -15.18 1.49
N ILE F 89 5.89 -14.81 1.95
CA ILE F 89 6.92 -14.26 1.09
C ILE F 89 7.97 -15.34 0.86
N PHE F 90 8.40 -15.51 -0.39
CA PHE F 90 9.38 -16.50 -0.77
C PHE F 90 10.67 -15.80 -1.19
N TYR F 91 11.77 -16.16 -0.55
CA TYR F 91 13.08 -15.59 -0.84
C TYR F 91 13.98 -16.63 -1.51
N CYS F 92 14.92 -16.15 -2.32
CA CYS F 92 16.01 -16.97 -2.81
C CYS F 92 17.30 -16.51 -2.16
N LEU F 93 18.24 -17.46 -2.01
CA LEU F 93 19.51 -17.21 -1.34
C LEU F 93 20.63 -17.91 -2.10
N GLN F 94 21.69 -17.16 -2.39
CA GLN F 94 22.89 -17.72 -2.99
C GLN F 94 23.93 -17.91 -1.90
N TYR F 95 24.51 -19.10 -1.83
CA TYR F 95 25.58 -19.42 -0.88
C TYR F 95 26.81 -19.93 -1.62
N ASP F 96 27.05 -19.39 -2.82
CA ASP F 96 28.19 -19.77 -3.64
C ASP F 96 29.43 -18.94 -3.34
N GLU F 97 29.26 -17.74 -2.80
CA GLU F 97 30.37 -16.80 -2.63
C GLU F 97 29.95 -15.77 -1.59
N PHE F 98 30.89 -15.40 -0.71
CA PHE F 98 30.62 -14.40 0.31
C PHE F 98 30.68 -13.00 -0.31
N PRO F 99 29.86 -12.06 0.20
CA PRO F 99 28.81 -12.25 1.24
C PRO F 99 27.60 -12.99 0.65
N PHE F 100 27.07 -13.97 1.38
CA PHE F 100 25.83 -14.62 0.95
C PHE F 100 24.73 -13.57 0.89
N THR F 101 23.92 -13.63 -0.17
CA THR F 101 22.96 -12.59 -0.48
C THR F 101 21.58 -13.17 -0.76
N PHE F 102 20.57 -12.39 -0.38
CA PHE F 102 19.17 -12.77 -0.52
C PHE F 102 18.49 -11.92 -1.59
N GLY F 103 17.50 -12.49 -2.24
CA GLY F 103 16.60 -11.71 -3.08
C GLY F 103 15.62 -10.93 -2.22
N SER F 104 14.97 -9.95 -2.84
CA SER F 104 14.03 -9.10 -2.12
C SER F 104 12.73 -9.81 -1.76
N GLY F 105 12.43 -10.93 -2.39
CA GLY F 105 11.26 -11.70 -2.01
C GLY F 105 10.11 -11.55 -3.00
N THR F 106 9.23 -12.54 -3.00
CA THR F 106 8.01 -12.55 -3.78
C THR F 106 6.84 -12.85 -2.84
N LYS F 107 5.95 -11.88 -2.67
CA LYS F 107 4.81 -12.07 -1.79
C LYS F 107 3.72 -12.85 -2.52
N LEU F 108 3.18 -13.87 -1.86
CA LEU F 108 2.16 -14.75 -2.44
C LEU F 108 0.94 -14.66 -1.55
N GLU F 109 -0.15 -14.10 -2.09
CA GLU F 109 -1.38 -13.93 -1.35
C GLU F 109 -2.54 -14.63 -2.06
N LEU F 110 -3.61 -14.87 -1.30
CA LEU F 110 -4.74 -15.66 -1.77
C LEU F 110 -5.82 -14.74 -2.32
N LYS F 111 -6.21 -14.99 -3.57
CA LYS F 111 -7.27 -14.24 -4.25
C LYS F 111 -8.64 -14.58 -3.67
N ARG F 112 -9.51 -13.58 -3.66
CA ARG F 112 -10.88 -13.78 -3.23
C ARG F 112 -11.74 -12.65 -3.81
N THR F 113 -13.04 -12.69 -3.48
CA THR F 113 -14.00 -11.75 -4.05
C THR F 113 -14.04 -10.46 -3.23
N VAL F 114 -14.44 -9.37 -3.88
CA VAL F 114 -14.56 -8.09 -3.22
C VAL F 114 -15.43 -8.23 -1.97
N ALA F 115 -15.03 -7.55 -0.91
CA ALA F 115 -15.74 -7.59 0.36
C ALA F 115 -15.73 -6.20 0.97
N ALA F 116 -16.90 -5.72 1.37
CA ALA F 116 -17.01 -4.37 1.88
C ALA F 116 -16.58 -4.33 3.34
N PRO F 117 -15.92 -3.26 3.77
CA PRO F 117 -15.52 -3.18 5.19
C PRO F 117 -16.69 -2.87 6.10
N SER F 118 -16.69 -3.47 7.28
CA SER F 118 -17.53 -3.06 8.38
C SER F 118 -16.77 -1.98 9.13
N VAL F 119 -17.36 -0.79 9.24
CA VAL F 119 -16.68 0.40 9.74
C VAL F 119 -17.20 0.71 11.13
N PHE F 120 -16.29 0.96 12.07
CA PHE F 120 -16.62 1.34 13.42
C PHE F 120 -15.77 2.53 13.83
N ILE F 121 -16.32 3.37 14.71
CA ILE F 121 -15.62 4.55 15.21
C ILE F 121 -15.61 4.50 16.73
N PHE F 122 -14.49 4.94 17.30
CA PHE F 122 -14.30 4.95 18.76
C PHE F 122 -13.90 6.35 19.19
N PRO F 123 -14.68 7.01 20.05
CA PRO F 123 -14.22 8.30 20.60
C PRO F 123 -13.12 8.05 21.63
N PRO F 124 -12.37 9.10 22.00
CA PRO F 124 -11.28 8.90 22.96
C PRO F 124 -11.79 8.49 24.33
N SER F 125 -11.00 7.67 25.01
CA SER F 125 -11.33 7.28 26.37
C SER F 125 -11.15 8.47 27.30
N ASP F 126 -11.97 8.50 28.35
CA ASP F 126 -11.80 9.54 29.38
C ASP F 126 -10.42 9.46 30.02
N GLU F 127 -9.88 8.25 30.15
CA GLU F 127 -8.52 8.09 30.65
C GLU F 127 -7.53 8.92 29.82
N GLN F 128 -7.60 8.81 28.49
CA GLN F 128 -6.70 9.57 27.64
C GLN F 128 -6.96 11.06 27.78
N LEU F 129 -8.23 11.48 27.72
CA LEU F 129 -8.56 12.89 27.90
C LEU F 129 -7.97 13.41 29.21
N LYS F 130 -7.99 12.58 30.26
CA LYS F 130 -7.38 12.97 31.53
C LYS F 130 -5.90 13.30 31.36
N SER F 131 -5.24 12.66 30.39
CA SER F 131 -3.81 12.86 30.16
C SER F 131 -3.48 14.05 29.27
N GLY F 132 -4.48 14.65 28.62
CA GLY F 132 -4.27 15.86 27.82
C GLY F 132 -4.38 15.66 26.33
N THR F 133 -4.43 14.43 25.84
CA THR F 133 -4.55 14.14 24.41
C THR F 133 -5.85 13.39 24.14
N ALA F 134 -6.28 13.43 22.88
CA ALA F 134 -7.53 12.80 22.47
C ALA F 134 -7.32 12.09 21.13
N SER F 135 -7.47 10.77 21.12
CA SER F 135 -7.33 9.95 19.93
C SER F 135 -8.68 9.39 19.51
N VAL F 136 -9.05 9.61 18.26
CA VAL F 136 -10.25 9.03 17.66
C VAL F 136 -9.81 7.92 16.71
N VAL F 137 -10.37 6.72 16.89
CA VAL F 137 -9.96 5.54 16.14
C VAL F 137 -11.08 5.12 15.20
N CYS F 138 -10.73 4.91 13.93
CA CYS F 138 -11.64 4.38 12.93
C CYS F 138 -11.14 3.00 12.52
N LEU F 139 -12.05 2.01 12.51
CA LEU F 139 -11.72 0.62 12.23
C LEU F 139 -12.44 0.16 10.98
N LEU F 140 -11.68 -0.30 9.98
CA LEU F 140 -12.21 -0.91 8.77
C LEU F 140 -11.94 -2.41 8.90
N ASN F 141 -13.00 -3.21 9.07
CA ASN F 141 -12.85 -4.61 9.42
C ASN F 141 -13.28 -5.51 8.28
N ASN F 142 -12.39 -6.42 7.86
CA ASN F 142 -12.68 -7.54 6.96
C ASN F 142 -13.23 -7.03 5.62
N PHE F 143 -12.30 -6.51 4.83
CA PHE F 143 -12.61 -6.03 3.50
C PHE F 143 -11.62 -6.59 2.48
N TYR F 144 -12.00 -6.53 1.19
CA TYR F 144 -11.12 -6.97 0.11
C TYR F 144 -11.55 -6.22 -1.14
N PRO F 145 -10.60 -5.69 -1.92
CA PRO F 145 -9.14 -5.79 -1.78
C PRO F 145 -8.54 -4.81 -0.76
N ARG F 146 -7.21 -4.84 -0.63
CA ARG F 146 -6.54 -4.06 0.41
C ARG F 146 -6.78 -2.57 0.28
N GLU F 147 -6.92 -2.06 -0.94
CA GLU F 147 -6.97 -0.63 -1.16
C GLU F 147 -8.21 -0.03 -0.51
N ALA F 148 -8.01 1.04 0.24
CA ALA F 148 -9.10 1.70 0.93
C ALA F 148 -8.64 3.08 1.34
N LYS F 149 -9.53 4.06 1.18
CA LYS F 149 -9.25 5.46 1.51
C LYS F 149 -9.98 5.82 2.79
N VAL F 150 -9.26 6.35 3.77
CA VAL F 150 -9.84 6.82 5.01
C VAL F 150 -9.57 8.31 5.12
N GLN F 151 -10.64 9.11 5.10
CA GLN F 151 -10.56 10.56 5.25
C GLN F 151 -11.22 10.95 6.56
N TRP F 152 -10.51 11.75 7.35
CA TRP F 152 -11.04 12.26 8.61
C TRP F 152 -11.62 13.65 8.38
N LYS F 153 -12.72 13.94 9.07
CA LYS F 153 -13.44 15.22 8.92
C LYS F 153 -13.91 15.67 10.30
N VAL F 154 -13.21 16.67 10.84
CA VAL F 154 -13.58 17.32 12.08
C VAL F 154 -14.43 18.54 11.71
N ASP F 155 -15.70 18.53 12.10
CA ASP F 155 -16.63 19.58 11.71
C ASP F 155 -16.64 19.74 10.19
N ASN F 156 -16.67 18.61 9.48
CA ASN F 156 -16.67 18.57 8.02
C ASN F 156 -15.41 19.20 7.43
N ALA F 157 -14.38 19.36 8.24
CA ALA F 157 -13.09 19.87 7.80
C ALA F 157 -12.09 18.73 7.66
N LEU F 158 -11.59 18.52 6.45
CA LEU F 158 -10.60 17.48 6.26
C LEU F 158 -9.35 17.73 7.09
N GLN F 159 -8.83 16.64 7.67
CA GLN F 159 -7.64 16.66 8.49
C GLN F 159 -6.44 16.14 7.69
N SER F 160 -5.26 16.60 8.05
CA SER F 160 -4.02 16.18 7.40
C SER F 160 -2.90 16.33 8.41
N GLY F 161 -2.03 15.33 8.46
CA GLY F 161 -0.88 15.37 9.33
C GLY F 161 -1.16 14.90 10.73
N ASN F 162 -2.42 14.65 11.09
CA ASN F 162 -2.77 14.26 12.46
C ASN F 162 -3.41 12.86 12.53
N SER F 163 -3.21 12.03 11.51
CA SER F 163 -3.75 10.68 11.49
C SER F 163 -2.64 9.70 11.13
N GLN F 164 -2.76 8.48 11.64
CA GLN F 164 -1.85 7.40 11.32
C GLN F 164 -2.68 6.19 10.95
N GLU F 165 -2.13 5.32 10.09
CA GLU F 165 -2.87 4.21 9.52
C GLU F 165 -2.06 2.92 9.59
N SER F 166 -2.76 1.80 9.72
CA SER F 166 -2.13 0.49 9.76
C SER F 166 -3.07 -0.55 9.19
N VAL F 167 -2.50 -1.51 8.45
CA VAL F 167 -3.28 -2.56 7.80
C VAL F 167 -2.73 -3.94 8.20
N THR F 168 -3.64 -4.86 8.49
CA THR F 168 -3.25 -6.22 8.82
C THR F 168 -2.92 -7.02 7.55
N GLU F 169 -2.33 -8.19 7.76
CA GLU F 169 -2.17 -9.16 6.69
C GLU F 169 -3.48 -9.94 6.49
N GLN F 170 -3.53 -10.73 5.43
CA GLN F 170 -4.76 -11.44 5.09
C GLN F 170 -5.24 -12.29 6.25
N ASP F 171 -6.52 -12.19 6.57
CA ASP F 171 -7.09 -12.99 7.64
C ASP F 171 -6.92 -14.46 7.30
N SER F 172 -6.76 -15.29 8.35
CA SER F 172 -6.47 -16.69 8.10
C SER F 172 -7.69 -17.45 7.57
N LYS F 173 -8.88 -17.08 8.03
CA LYS F 173 -10.14 -17.72 7.67
C LYS F 173 -10.89 -16.98 6.59
N ASP F 174 -10.82 -15.65 6.56
CA ASP F 174 -11.59 -14.84 5.62
C ASP F 174 -10.79 -14.35 4.42
N SER F 175 -9.46 -14.37 4.48
CA SER F 175 -8.61 -13.83 3.42
C SER F 175 -8.90 -12.35 3.17
N THR F 176 -9.41 -11.66 4.19
CA THR F 176 -9.70 -10.24 4.12
C THR F 176 -8.63 -9.43 4.83
N TYR F 177 -8.72 -8.12 4.67
CA TYR F 177 -7.85 -7.17 5.34
C TYR F 177 -8.66 -6.34 6.32
N SER F 178 -7.97 -5.84 7.35
CA SER F 178 -8.55 -4.89 8.31
C SER F 178 -7.61 -3.70 8.47
N LEU F 179 -8.18 -2.53 8.74
CA LEU F 179 -7.43 -1.29 8.77
C LEU F 179 -7.80 -0.50 10.01
N SER F 180 -6.79 0.08 10.65
CA SER F 180 -6.95 0.92 11.84
C SER F 180 -6.39 2.31 11.55
N SER F 181 -7.21 3.32 11.77
CA SER F 181 -6.82 4.72 11.59
C SER F 181 -7.05 5.50 12.87
N THR F 182 -6.02 6.17 13.36
CA THR F 182 -6.09 6.92 14.60
C THR F 182 -5.91 8.41 14.29
N LEU F 183 -6.88 9.21 14.71
CA LEU F 183 -6.80 10.66 14.62
C LEU F 183 -6.42 11.19 15.99
N THR F 184 -5.29 11.88 16.06
CA THR F 184 -4.76 12.39 17.33
C THR F 184 -4.89 13.91 17.38
N LEU F 185 -5.54 14.40 18.43
CA LEU F 185 -5.69 15.82 18.66
C LEU F 185 -5.45 16.12 20.13
N SER F 186 -4.99 17.34 20.40
CA SER F 186 -4.93 17.81 21.78
C SER F 186 -6.32 17.80 22.39
N LYS F 187 -6.40 17.68 23.71
CA LYS F 187 -7.70 17.76 24.35
C LYS F 187 -8.38 19.09 24.03
N ALA F 188 -7.58 20.16 24.01
CA ALA F 188 -8.13 21.48 23.70
C ALA F 188 -8.80 21.48 22.33
N ASP F 189 -8.07 21.08 21.29
CA ASP F 189 -8.64 21.06 19.94
C ASP F 189 -9.81 20.11 19.86
N TYR F 190 -9.78 19.02 20.63
CA TYR F 190 -10.88 18.07 20.59
C TYR F 190 -12.16 18.69 21.13
N GLU F 191 -12.04 19.46 22.22
CA GLU F 191 -13.18 20.17 22.78
C GLU F 191 -13.57 21.41 21.98
N LYS F 192 -12.71 21.87 21.06
CA LYS F 192 -13.10 23.02 20.24
C LYS F 192 -14.08 22.67 19.12
N HIS F 193 -14.30 21.39 18.82
CA HIS F 193 -15.15 20.98 17.72
C HIS F 193 -16.14 19.92 18.22
N LYS F 194 -17.13 19.63 17.38
CA LYS F 194 -18.22 18.74 17.77
C LYS F 194 -18.29 17.50 16.90
N VAL F 195 -18.28 17.67 15.57
CA VAL F 195 -18.55 16.57 14.64
C VAL F 195 -17.23 15.90 14.31
N TYR F 196 -17.14 14.60 14.59
CA TYR F 196 -15.97 13.78 14.26
C TYR F 196 -16.39 12.64 13.37
N ALA F 197 -15.95 12.70 12.11
CA ALA F 197 -16.39 11.77 11.08
C ALA F 197 -15.22 11.04 10.46
N CYS F 198 -15.47 9.77 10.09
CA CYS F 198 -14.52 8.93 9.37
C CYS F 198 -15.17 8.48 8.07
N GLU F 199 -14.64 8.94 6.94
CA GLU F 199 -15.22 8.63 5.63
C GLU F 199 -14.41 7.55 4.92
N VAL F 200 -15.09 6.50 4.46
CA VAL F 200 -14.45 5.32 3.89
C VAL F 200 -14.91 5.15 2.45
N THR F 201 -13.96 4.97 1.53
CA THR F 201 -14.27 4.65 0.13
C THR F 201 -13.54 3.36 -0.21
N HIS F 202 -14.25 2.44 -0.87
CA HIS F 202 -13.77 1.08 -1.10
C HIS F 202 -14.63 0.46 -2.19
N GLN F 203 -14.02 -0.40 -3.01
CA GLN F 203 -14.73 -0.95 -4.17
C GLN F 203 -15.91 -1.81 -3.77
N GLY F 204 -15.92 -2.34 -2.55
CA GLY F 204 -17.09 -3.05 -2.08
C GLY F 204 -18.24 -2.17 -1.65
N LEU F 205 -18.03 -0.86 -1.63
CA LEU F 205 -19.05 0.11 -1.30
C LEU F 205 -19.43 0.88 -2.56
N SER F 206 -20.73 1.09 -2.77
CA SER F 206 -21.18 1.81 -3.96
C SER F 206 -20.95 3.31 -3.82
N SER F 207 -21.05 3.85 -2.61
CA SER F 207 -20.79 5.24 -2.32
C SER F 207 -19.97 5.30 -1.03
N PRO F 208 -19.18 6.35 -0.84
CA PRO F 208 -18.39 6.45 0.40
C PRO F 208 -19.28 6.31 1.63
N VAL F 209 -18.75 5.64 2.64
CA VAL F 209 -19.46 5.41 3.89
C VAL F 209 -18.81 6.25 4.98
N THR F 210 -19.63 7.00 5.72
CA THR F 210 -19.14 7.87 6.78
C THR F 210 -19.83 7.48 8.08
N LYS F 211 -19.04 7.10 9.08
CA LYS F 211 -19.52 6.89 10.45
C LYS F 211 -19.01 8.04 11.31
N SER F 212 -19.88 8.53 12.19
CA SER F 212 -19.58 9.73 12.96
C SER F 212 -20.23 9.64 14.34
N PHE F 213 -19.79 10.54 15.20
CA PHE F 213 -20.38 10.75 16.51
C PHE F 213 -20.22 12.24 16.82
N ASN F 214 -21.01 12.74 17.76
CA ASN F 214 -20.94 14.13 18.17
C ASN F 214 -20.31 14.13 19.55
N ARG F 215 -19.28 14.95 19.74
CA ARG F 215 -18.52 14.93 20.99
C ARG F 215 -19.41 15.00 22.23
N GLY F 216 -19.43 13.92 23.00
CA GLY F 216 -20.09 13.90 24.28
C GLY F 216 -21.40 13.16 24.37
N GLU F 217 -21.76 12.35 23.38
CA GLU F 217 -22.99 11.57 23.45
C GLU F 217 -22.68 10.09 23.64
#